data_4BEX
# 
_entry.id   4BEX 
# 
_audit_conform.dict_name       mmcif_pdbx.dic 
_audit_conform.dict_version    5.383 
_audit_conform.dict_location   http://mmcif.pdb.org/dictionaries/ascii/mmcif_pdbx.dic 
# 
loop_
_database_2.database_id 
_database_2.database_code 
_database_2.pdbx_database_accession 
_database_2.pdbx_DOI 
PDB   4BEX         pdb_00004bex 10.2210/pdb4bex/pdb 
PDBE  EBI-56117    ?            ?                   
WWPDB D_1290056117 ?            ?                   
# 
_pdbx_database_status.status_code                     REL 
_pdbx_database_status.entry_id                        4BEX 
_pdbx_database_status.deposit_site                    PDBE 
_pdbx_database_status.process_site                    PDBE 
_pdbx_database_status.SG_entry                        . 
_pdbx_database_status.recvd_initial_deposition_date   2013-03-12 
_pdbx_database_status.pdb_format_compatible           Y 
_pdbx_database_status.status_code_sf                  REL 
_pdbx_database_status.status_code_mr                  ? 
_pdbx_database_status.status_code_cs                  ? 
_pdbx_database_status.methods_development_category    ? 
_pdbx_database_status.status_code_nmr_data            ? 
# 
loop_
_audit_author.name 
_audit_author.pdbx_ordinal 
'Klejnot, M.'     1 
'Gabrielsen, M.'  2 
'Cameron, J.'     3 
'Mleczak, A.'     4 
'Talapatra, S.K.' 5 
'Kozielski, F.'   6 
'Pannifer, A.'    7 
'Olson, M.F.'     8 
# 
_citation.id                        primary 
_citation.title                     
'Analysis of the Human Cofilin1 Structure Reveals Conformational Changes Required for Actin-Binding' 
_citation.journal_abbrev            'Acta Crystallogr.,Sect.D' 
_citation.journal_volume            69 
_citation.page_first                1780 
_citation.page_last                 ? 
_citation.year                      2013 
_citation.journal_id_ASTM           ABCRE6 
_citation.country                   DK 
_citation.journal_id_ISSN           0907-4449 
_citation.journal_id_CSD            0766 
_citation.book_publisher            ? 
_citation.pdbx_database_id_PubMed   23999301 
_citation.pdbx_database_id_DOI      10.1107/S0907444913014418 
# 
loop_
_citation_author.citation_id 
_citation_author.name 
_citation_author.ordinal 
_citation_author.identifier_ORCID 
primary 'Klejnot, M.'     1 ? 
primary 'Gabrielsen, M.'  2 ? 
primary 'Cameron, J.'     3 ? 
primary 'Mleczak, A.'     4 ? 
primary 'Talapatra, S.K.' 5 ? 
primary 'Kozielski, F.'   6 ? 
primary 'Pannifer, A.'    7 ? 
primary 'Olson, M.F.'     8 ? 
# 
_cell.entry_id           4BEX 
_cell.length_a           85.940 
_cell.length_b           85.940 
_cell.length_c           85.290 
_cell.angle_alpha        90.00 
_cell.angle_beta         90.00 
_cell.angle_gamma        120.00 
_cell.Z_PDB              6 
_cell.pdbx_unique_axis   ? 
# 
_symmetry.entry_id                         4BEX 
_symmetry.space_group_name_H-M             'P 32 2 1' 
_symmetry.pdbx_full_space_group_name_H-M   ? 
_symmetry.cell_setting                     ? 
_symmetry.Int_Tables_number                154 
# 
loop_
_entity.id 
_entity.type 
_entity.src_method 
_entity.pdbx_description 
_entity.formula_weight 
_entity.pdbx_number_of_molecules 
_entity.pdbx_ec 
_entity.pdbx_mutation 
_entity.pdbx_fragment 
_entity.details 
1 polymer man COFILIN-1 19712.748 1  ? YES 'COFILIN-LIKE FOLD, RESIDUES 1-166' ? 
2 water   nat water     18.015    16 ? ?   ?                                   ? 
# 
_entity_name_com.entity_id   1 
_entity_name_com.name        '18 KDA PHOSPHOPROTEIN, P18, COFILIN, NON-MUSCLE ISOFORM' 
# 
_entity_poly.entity_id                      1 
_entity_poly.type                           'polypeptide(L)' 
_entity_poly.nstd_linkage                   no 
_entity_poly.nstd_monomer                   no 
_entity_poly.pdbx_seq_one_letter_code       
;GSPGISGGGGGILDSMASGVAVSDGVIKVFNDMKVRKSSTPEEVKKRKKAVLFCLSEDKKNIILEEGKEILVGDVGQTVD
DPYATFVKMLPDKDCRYALYDATYETKESKKEDLVFIFWAPESAPLKSKMIYASSKDAIKKKLTGIKHELQANCYEEVKD
RATLAEKLGGSAVISLEGKPL
;
_entity_poly.pdbx_seq_one_letter_code_can   
;GSPGISGGGGGILDSMASGVAVSDGVIKVFNDMKVRKSSTPEEVKKRKKAVLFCLSEDKKNIILEEGKEILVGDVGQTVD
DPYATFVKMLPDKDCRYALYDATYETKESKKEDLVFIFWAPESAPLKSKMIYASSKDAIKKKLTGIKHELQANCYEEVKD
RATLAEKLGGSAVISLEGKPL
;
_entity_poly.pdbx_strand_id                 1 
_entity_poly.pdbx_target_identifier         ? 
# 
loop_
_entity_poly_seq.entity_id 
_entity_poly_seq.num 
_entity_poly_seq.mon_id 
_entity_poly_seq.hetero 
1 1   GLY n 
1 2   SER n 
1 3   PRO n 
1 4   GLY n 
1 5   ILE n 
1 6   SER n 
1 7   GLY n 
1 8   GLY n 
1 9   GLY n 
1 10  GLY n 
1 11  GLY n 
1 12  ILE n 
1 13  LEU n 
1 14  ASP n 
1 15  SER n 
1 16  MET n 
1 17  ALA n 
1 18  SER n 
1 19  GLY n 
1 20  VAL n 
1 21  ALA n 
1 22  VAL n 
1 23  SER n 
1 24  ASP n 
1 25  GLY n 
1 26  VAL n 
1 27  ILE n 
1 28  LYS n 
1 29  VAL n 
1 30  PHE n 
1 31  ASN n 
1 32  ASP n 
1 33  MET n 
1 34  LYS n 
1 35  VAL n 
1 36  ARG n 
1 37  LYS n 
1 38  SER n 
1 39  SER n 
1 40  THR n 
1 41  PRO n 
1 42  GLU n 
1 43  GLU n 
1 44  VAL n 
1 45  LYS n 
1 46  LYS n 
1 47  ARG n 
1 48  LYS n 
1 49  LYS n 
1 50  ALA n 
1 51  VAL n 
1 52  LEU n 
1 53  PHE n 
1 54  CYS n 
1 55  LEU n 
1 56  SER n 
1 57  GLU n 
1 58  ASP n 
1 59  LYS n 
1 60  LYS n 
1 61  ASN n 
1 62  ILE n 
1 63  ILE n 
1 64  LEU n 
1 65  GLU n 
1 66  GLU n 
1 67  GLY n 
1 68  LYS n 
1 69  GLU n 
1 70  ILE n 
1 71  LEU n 
1 72  VAL n 
1 73  GLY n 
1 74  ASP n 
1 75  VAL n 
1 76  GLY n 
1 77  GLN n 
1 78  THR n 
1 79  VAL n 
1 80  ASP n 
1 81  ASP n 
1 82  PRO n 
1 83  TYR n 
1 84  ALA n 
1 85  THR n 
1 86  PHE n 
1 87  VAL n 
1 88  LYS n 
1 89  MET n 
1 90  LEU n 
1 91  PRO n 
1 92  ASP n 
1 93  LYS n 
1 94  ASP n 
1 95  CYS n 
1 96  ARG n 
1 97  TYR n 
1 98  ALA n 
1 99  LEU n 
1 100 TYR n 
1 101 ASP n 
1 102 ALA n 
1 103 THR n 
1 104 TYR n 
1 105 GLU n 
1 106 THR n 
1 107 LYS n 
1 108 GLU n 
1 109 SER n 
1 110 LYS n 
1 111 LYS n 
1 112 GLU n 
1 113 ASP n 
1 114 LEU n 
1 115 VAL n 
1 116 PHE n 
1 117 ILE n 
1 118 PHE n 
1 119 TRP n 
1 120 ALA n 
1 121 PRO n 
1 122 GLU n 
1 123 SER n 
1 124 ALA n 
1 125 PRO n 
1 126 LEU n 
1 127 LYS n 
1 128 SER n 
1 129 LYS n 
1 130 MET n 
1 131 ILE n 
1 132 TYR n 
1 133 ALA n 
1 134 SER n 
1 135 SER n 
1 136 LYS n 
1 137 ASP n 
1 138 ALA n 
1 139 ILE n 
1 140 LYS n 
1 141 LYS n 
1 142 LYS n 
1 143 LEU n 
1 144 THR n 
1 145 GLY n 
1 146 ILE n 
1 147 LYS n 
1 148 HIS n 
1 149 GLU n 
1 150 LEU n 
1 151 GLN n 
1 152 ALA n 
1 153 ASN n 
1 154 CYS n 
1 155 TYR n 
1 156 GLU n 
1 157 GLU n 
1 158 VAL n 
1 159 LYS n 
1 160 ASP n 
1 161 ARG n 
1 162 ALA n 
1 163 THR n 
1 164 LEU n 
1 165 ALA n 
1 166 GLU n 
1 167 LYS n 
1 168 LEU n 
1 169 GLY n 
1 170 GLY n 
1 171 SER n 
1 172 ALA n 
1 173 VAL n 
1 174 ILE n 
1 175 SER n 
1 176 LEU n 
1 177 GLU n 
1 178 GLY n 
1 179 LYS n 
1 180 PRO n 
1 181 LEU n 
# 
_entity_src_gen.entity_id                          1 
_entity_src_gen.pdbx_src_id                        1 
_entity_src_gen.pdbx_alt_source_flag               sample 
_entity_src_gen.pdbx_seq_type                      ? 
_entity_src_gen.pdbx_beg_seq_num                   ? 
_entity_src_gen.pdbx_end_seq_num                   ? 
_entity_src_gen.gene_src_common_name               HUMAN 
_entity_src_gen.gene_src_genus                     ? 
_entity_src_gen.pdbx_gene_src_gene                 ? 
_entity_src_gen.gene_src_species                   ? 
_entity_src_gen.gene_src_strain                    ? 
_entity_src_gen.gene_src_tissue                    ? 
_entity_src_gen.gene_src_tissue_fraction           ? 
_entity_src_gen.gene_src_details                   ? 
_entity_src_gen.pdbx_gene_src_fragment             ? 
_entity_src_gen.pdbx_gene_src_scientific_name      'HOMO SAPIENS' 
_entity_src_gen.pdbx_gene_src_ncbi_taxonomy_id     9606 
_entity_src_gen.pdbx_gene_src_variant              ? 
_entity_src_gen.pdbx_gene_src_cell_line            ? 
_entity_src_gen.pdbx_gene_src_atcc                 ? 
_entity_src_gen.pdbx_gene_src_organ                ? 
_entity_src_gen.pdbx_gene_src_organelle            ? 
_entity_src_gen.pdbx_gene_src_cell                 ? 
_entity_src_gen.pdbx_gene_src_cellular_location    ? 
_entity_src_gen.host_org_common_name               ? 
_entity_src_gen.pdbx_host_org_scientific_name      'ESCHERICHIA COLI' 
_entity_src_gen.pdbx_host_org_ncbi_taxonomy_id     469008 
_entity_src_gen.host_org_genus                     ? 
_entity_src_gen.pdbx_host_org_gene                 ? 
_entity_src_gen.pdbx_host_org_organ                ? 
_entity_src_gen.host_org_species                   ? 
_entity_src_gen.pdbx_host_org_tissue               ? 
_entity_src_gen.pdbx_host_org_tissue_fraction      ? 
_entity_src_gen.pdbx_host_org_strain               'BL21(DE3)' 
_entity_src_gen.pdbx_host_org_variant              PLYSS 
_entity_src_gen.pdbx_host_org_cell_line            ? 
_entity_src_gen.pdbx_host_org_atcc                 ? 
_entity_src_gen.pdbx_host_org_culture_collection   ? 
_entity_src_gen.pdbx_host_org_cell                 ? 
_entity_src_gen.pdbx_host_org_organelle            ? 
_entity_src_gen.pdbx_host_org_cellular_location    ? 
_entity_src_gen.pdbx_host_org_vector_type          PLASMID 
_entity_src_gen.pdbx_host_org_vector               PGEX-KG 
_entity_src_gen.host_org_details                   ? 
_entity_src_gen.expression_system_id               ? 
_entity_src_gen.plasmid_name                       ? 
_entity_src_gen.plasmid_details                    ? 
_entity_src_gen.pdbx_description                   ? 
# 
_struct_ref.id                         1 
_struct_ref.db_name                    UNP 
_struct_ref.db_code                    COF1_HUMAN 
_struct_ref.entity_id                  1 
_struct_ref.pdbx_seq_one_letter_code   ? 
_struct_ref.pdbx_align_begin           ? 
_struct_ref.pdbx_db_accession          P23528 
_struct_ref.pdbx_db_isoform            ? 
# 
_struct_ref_seq.align_id                      1 
_struct_ref_seq.ref_id                        1 
_struct_ref_seq.pdbx_PDB_id_code              4BEX 
_struct_ref_seq.pdbx_strand_id                1 
_struct_ref_seq.seq_align_beg                 16 
_struct_ref_seq.pdbx_seq_align_beg_ins_code   ? 
_struct_ref_seq.seq_align_end                 181 
_struct_ref_seq.pdbx_seq_align_end_ins_code   ? 
_struct_ref_seq.pdbx_db_accession             P23528 
_struct_ref_seq.db_align_beg                  1 
_struct_ref_seq.pdbx_db_align_beg_ins_code    ? 
_struct_ref_seq.db_align_end                  166 
_struct_ref_seq.pdbx_db_align_end_ins_code    ? 
_struct_ref_seq.pdbx_auth_seq_align_beg       1 
_struct_ref_seq.pdbx_auth_seq_align_end       166 
# 
loop_
_struct_ref_seq_dif.align_id 
_struct_ref_seq_dif.pdbx_pdb_id_code 
_struct_ref_seq_dif.mon_id 
_struct_ref_seq_dif.pdbx_pdb_strand_id 
_struct_ref_seq_dif.seq_num 
_struct_ref_seq_dif.pdbx_pdb_ins_code 
_struct_ref_seq_dif.pdbx_seq_db_name 
_struct_ref_seq_dif.pdbx_seq_db_accession_code 
_struct_ref_seq_dif.db_mon_id 
_struct_ref_seq_dif.pdbx_seq_db_seq_num 
_struct_ref_seq_dif.details 
_struct_ref_seq_dif.pdbx_auth_seq_num 
_struct_ref_seq_dif.pdbx_ordinal 
1 4BEX GLY 1 1   ? UNP P23528 ?   ?   'expression tag'      -14 1  
1 4BEX SER 1 2   ? UNP P23528 ?   ?   'expression tag'      -13 2  
1 4BEX PRO 1 3   ? UNP P23528 ?   ?   'expression tag'      -12 3  
1 4BEX GLY 1 4   ? UNP P23528 ?   ?   'expression tag'      -11 4  
1 4BEX ILE 1 5   ? UNP P23528 ?   ?   'expression tag'      -10 5  
1 4BEX SER 1 6   ? UNP P23528 ?   ?   'expression tag'      -9  6  
1 4BEX GLY 1 7   ? UNP P23528 ?   ?   'expression tag'      -8  7  
1 4BEX GLY 1 8   ? UNP P23528 ?   ?   'expression tag'      -7  8  
1 4BEX GLY 1 9   ? UNP P23528 ?   ?   'expression tag'      -6  9  
1 4BEX GLY 1 10  ? UNP P23528 ?   ?   'expression tag'      -5  10 
1 4BEX GLY 1 11  ? UNP P23528 ?   ?   'expression tag'      -4  11 
1 4BEX ILE 1 12  ? UNP P23528 ?   ?   'expression tag'      -3  12 
1 4BEX LEU 1 13  ? UNP P23528 ?   ?   'expression tag'      -2  13 
1 4BEX ASP 1 14  ? UNP P23528 ?   ?   'expression tag'      -1  14 
1 4BEX SER 1 15  ? UNP P23528 ?   ?   'expression tag'      0   15 
1 4BEX ALA 1 162 ? UNP P23528 CYS 147 'engineered mutation' 147 16 
# 
loop_
_chem_comp.id 
_chem_comp.type 
_chem_comp.mon_nstd_flag 
_chem_comp.name 
_chem_comp.pdbx_synonyms 
_chem_comp.formula 
_chem_comp.formula_weight 
ALA 'L-peptide linking' y ALANINE         ? 'C3 H7 N O2'     89.093  
ARG 'L-peptide linking' y ARGININE        ? 'C6 H15 N4 O2 1' 175.209 
ASN 'L-peptide linking' y ASPARAGINE      ? 'C4 H8 N2 O3'    132.118 
ASP 'L-peptide linking' y 'ASPARTIC ACID' ? 'C4 H7 N O4'     133.103 
CYS 'L-peptide linking' y CYSTEINE        ? 'C3 H7 N O2 S'   121.158 
GLN 'L-peptide linking' y GLUTAMINE       ? 'C5 H10 N2 O3'   146.144 
GLU 'L-peptide linking' y 'GLUTAMIC ACID' ? 'C5 H9 N O4'     147.129 
GLY 'peptide linking'   y GLYCINE         ? 'C2 H5 N O2'     75.067  
HIS 'L-peptide linking' y HISTIDINE       ? 'C6 H10 N3 O2 1' 156.162 
HOH non-polymer         . WATER           ? 'H2 O'           18.015  
ILE 'L-peptide linking' y ISOLEUCINE      ? 'C6 H13 N O2'    131.173 
LEU 'L-peptide linking' y LEUCINE         ? 'C6 H13 N O2'    131.173 
LYS 'L-peptide linking' y LYSINE          ? 'C6 H15 N2 O2 1' 147.195 
MET 'L-peptide linking' y METHIONINE      ? 'C5 H11 N O2 S'  149.211 
PHE 'L-peptide linking' y PHENYLALANINE   ? 'C9 H11 N O2'    165.189 
PRO 'L-peptide linking' y PROLINE         ? 'C5 H9 N O2'     115.130 
SER 'L-peptide linking' y SERINE          ? 'C3 H7 N O3'     105.093 
THR 'L-peptide linking' y THREONINE       ? 'C4 H9 N O3'     119.119 
TRP 'L-peptide linking' y TRYPTOPHAN      ? 'C11 H12 N2 O2'  204.225 
TYR 'L-peptide linking' y TYROSINE        ? 'C9 H11 N O3'    181.189 
VAL 'L-peptide linking' y VALINE          ? 'C5 H11 N O2'    117.146 
# 
_exptl.entry_id          4BEX 
_exptl.method            'X-RAY DIFFRACTION' 
_exptl.crystals_number   1 
# 
_exptl_crystal.id                    1 
_exptl_crystal.density_meas          ? 
_exptl_crystal.density_Matthews      4.92 
_exptl_crystal.density_percent_sol   75.04 
_exptl_crystal.description           NONE 
# 
_exptl_crystal_grow.crystal_id      1 
_exptl_crystal_grow.method          ? 
_exptl_crystal_grow.temp            ? 
_exptl_crystal_grow.temp_details    ? 
_exptl_crystal_grow.pH              7 
_exptl_crystal_grow.pdbx_pH_range   ? 
_exptl_crystal_grow.pdbx_details    '2.4 M SODIUM MALONATE PH 7.0 THE CRYSTALS WERE AIR-DRIED BEFORE FREEZING TO DEHYDRATE.' 
# 
_diffrn.id                     1 
_diffrn.ambient_temp           173 
_diffrn.ambient_temp_details   ? 
_diffrn.crystal_id             1 
# 
_diffrn_detector.diffrn_id              1 
_diffrn_detector.detector               CCD 
_diffrn_detector.type                   'ADSC QUANTUM 315r' 
_diffrn_detector.pdbx_collection_date   2011-12-14 
_diffrn_detector.details                MIRRORS 
# 
_diffrn_radiation.diffrn_id                        1 
_diffrn_radiation.wavelength_id                    1 
_diffrn_radiation.pdbx_monochromatic_or_laue_m_l   M 
_diffrn_radiation.monochromator                    ? 
_diffrn_radiation.pdbx_diffrn_protocol             'SINGLE WAVELENGTH' 
_diffrn_radiation.pdbx_scattering_type             x-ray 
# 
_diffrn_radiation_wavelength.id           1 
_diffrn_radiation_wavelength.wavelength   0.9795 
_diffrn_radiation_wavelength.wt           1.0 
# 
_diffrn_source.diffrn_id                   1 
_diffrn_source.source                      SYNCHROTRON 
_diffrn_source.type                        'DIAMOND BEAMLINE I04' 
_diffrn_source.pdbx_synchrotron_site       Diamond 
_diffrn_source.pdbx_synchrotron_beamline   I04 
_diffrn_source.pdbx_wavelength             0.9795 
_diffrn_source.pdbx_wavelength_list        ? 
# 
_reflns.pdbx_diffrn_id               1 
_reflns.pdbx_ordinal                 1 
_reflns.entry_id                     4BEX 
_reflns.observed_criterion_sigma_I   0.0 
_reflns.observed_criterion_sigma_F   ? 
_reflns.d_resolution_low             74.40 
_reflns.d_resolution_high            2.80 
_reflns.number_obs                   9292 
_reflns.number_all                   ? 
_reflns.percent_possible_obs         99.8 
_reflns.pdbx_Rmerge_I_obs            0.08 
_reflns.pdbx_Rsym_value              ? 
_reflns.pdbx_netI_over_sigmaI        5.70 
_reflns.B_iso_Wilson_estimate        84.06 
_reflns.pdbx_redundancy              5.8 
# 
_reflns_shell.pdbx_diffrn_id         1 
_reflns_shell.pdbx_ordinal           1 
_reflns_shell.d_res_high             2.80 
_reflns_shell.d_res_low              2.95 
_reflns_shell.percent_possible_all   100.0 
_reflns_shell.Rmerge_I_obs           0.67 
_reflns_shell.pdbx_Rsym_value        ? 
_reflns_shell.meanI_over_sigI_obs    1.30 
_reflns_shell.pdbx_redundancy        6 
# 
_refine.pdbx_refine_id                           'X-RAY DIFFRACTION' 
_refine.entry_id                                 4BEX 
_refine.pdbx_diffrn_id                           1 
_refine.pdbx_TLS_residual_ADP_flag               ? 
_refine.ls_number_reflns_obs                     9292 
_refine.ls_number_reflns_all                     ? 
_refine.pdbx_ls_sigma_I                          ? 
_refine.pdbx_ls_sigma_F                          1.35 
_refine.pdbx_data_cutoff_high_absF               ? 
_refine.pdbx_data_cutoff_low_absF                ? 
_refine.pdbx_data_cutoff_high_rms_absF           ? 
_refine.ls_d_res_low                             28.130 
_refine.ls_d_res_high                            2.800 
_refine.ls_percent_reflns_obs                    99.83 
_refine.ls_R_factor_obs                          0.2079 
_refine.ls_R_factor_all                          ? 
_refine.ls_R_factor_R_work                       0.2065 
_refine.ls_R_factor_R_free                       0.2357 
_refine.ls_R_factor_R_free_error                 ? 
_refine.ls_R_factor_R_free_error_details         ? 
_refine.ls_percent_reflns_R_free                 4.8 
_refine.ls_number_reflns_R_free                  442 
_refine.ls_number_parameters                     ? 
_refine.ls_number_restraints                     ? 
_refine.occupancy_min                            ? 
_refine.occupancy_max                            ? 
_refine.correlation_coeff_Fo_to_Fc               ? 
_refine.correlation_coeff_Fo_to_Fc_free          ? 
_refine.B_iso_mean                               68.75 
_refine.aniso_B[1][1]                            ? 
_refine.aniso_B[2][2]                            ? 
_refine.aniso_B[3][3]                            ? 
_refine.aniso_B[1][2]                            ? 
_refine.aniso_B[1][3]                            ? 
_refine.aniso_B[2][3]                            ? 
_refine.solvent_model_details                    'FLAT BULK SOLVENT MODEL' 
_refine.solvent_model_param_ksol                 ? 
_refine.solvent_model_param_bsol                 ? 
_refine.pdbx_solvent_vdw_probe_radii             1.11 
_refine.pdbx_solvent_ion_probe_radii             ? 
_refine.pdbx_solvent_shrinkage_radii             0.90 
_refine.pdbx_ls_cross_valid_method               ? 
_refine.details                                  ? 
_refine.pdbx_starting_model                      'PDB ENTRY 1COF' 
_refine.pdbx_method_to_determine_struct          'MOLECULAR REPLACEMENT' 
_refine.pdbx_isotropic_thermal_model             ? 
_refine.pdbx_stereochemistry_target_values       ML 
_refine.pdbx_stereochem_target_val_spec_case     ? 
_refine.pdbx_R_Free_selection_details            ? 
_refine.pdbx_overall_ESU_R                       ? 
_refine.pdbx_overall_ESU_R_Free                  ? 
_refine.overall_SU_ML                            0.32 
_refine.pdbx_overall_phase_error                 26.90 
_refine.overall_SU_B                             ? 
_refine.overall_SU_R_Cruickshank_DPI             ? 
_refine.pdbx_overall_SU_R_free_Cruickshank_DPI   ? 
_refine.pdbx_overall_SU_R_Blow_DPI               ? 
_refine.pdbx_overall_SU_R_free_Blow_DPI          ? 
# 
_refine_hist.pdbx_refine_id                   'X-RAY DIFFRACTION' 
_refine_hist.cycle_id                         LAST 
_refine_hist.pdbx_number_atoms_protein        1294 
_refine_hist.pdbx_number_atoms_nucleic_acid   0 
_refine_hist.pdbx_number_atoms_ligand         0 
_refine_hist.number_atoms_solvent             16 
_refine_hist.number_atoms_total               1310 
_refine_hist.d_res_high                       2.800 
_refine_hist.d_res_low                        28.130 
# 
loop_
_refine_ls_restr.type 
_refine_ls_restr.dev_ideal 
_refine_ls_restr.dev_ideal_target 
_refine_ls_restr.weight 
_refine_ls_restr.number 
_refine_ls_restr.pdbx_refine_id 
_refine_ls_restr.pdbx_restraint_function 
f_bond_d           0.007  ? ? 1314 'X-RAY DIFFRACTION' ? 
f_angle_d          1.073  ? ? 1760 'X-RAY DIFFRACTION' ? 
f_dihedral_angle_d 16.638 ? ? 509  'X-RAY DIFFRACTION' ? 
f_chiral_restr     0.068  ? ? 201  'X-RAY DIFFRACTION' ? 
f_plane_restr      0.005  ? ? 221  'X-RAY DIFFRACTION' ? 
# 
loop_
_refine_ls_shell.pdbx_refine_id 
_refine_ls_shell.pdbx_total_number_of_bins_used 
_refine_ls_shell.d_res_high 
_refine_ls_shell.d_res_low 
_refine_ls_shell.number_reflns_R_work 
_refine_ls_shell.R_factor_R_work 
_refine_ls_shell.percent_reflns_obs 
_refine_ls_shell.R_factor_R_free 
_refine_ls_shell.R_factor_R_free_error 
_refine_ls_shell.percent_reflns_R_free 
_refine_ls_shell.number_reflns_R_free 
_refine_ls_shell.number_reflns_all 
_refine_ls_shell.R_factor_all 
'X-RAY DIFFRACTION' . 2.8002 3.2050  2893 0.2595 100.00 0.3136 . . 148 . . 
'X-RAY DIFFRACTION' . 3.2050 4.0360  2929 0.2162 100.00 0.2347 . . 144 . . 
'X-RAY DIFFRACTION' . 4.0360 28.1318 3028 0.1928 100.00 0.2209 . . 150 . . 
# 
_struct.entry_id                  4BEX 
_struct.title                     'Structure of human Cofilin1' 
_struct.pdbx_model_details        ? 
_struct.pdbx_CASP_flag            ? 
_struct.pdbx_model_type_details   ? 
# 
_struct_keywords.entry_id        4BEX 
_struct_keywords.pdbx_keywords   'STRUCTURAL PROTEIN' 
_struct_keywords.text            'STRUCTURAL PROTEIN, ACTIN-BINDING, CYTOSKELETON' 
# 
loop_
_struct_asym.id 
_struct_asym.pdbx_blank_PDB_chainid_flag 
_struct_asym.pdbx_modified 
_struct_asym.entity_id 
_struct_asym.details 
A N N 1 ? 
B N N 2 ? 
# 
_struct_biol.id   1 
# 
loop_
_struct_conf.conf_type_id 
_struct_conf.id 
_struct_conf.pdbx_PDB_helix_id 
_struct_conf.beg_label_comp_id 
_struct_conf.beg_label_asym_id 
_struct_conf.beg_label_seq_id 
_struct_conf.pdbx_beg_PDB_ins_code 
_struct_conf.end_label_comp_id 
_struct_conf.end_label_asym_id 
_struct_conf.end_label_seq_id 
_struct_conf.pdbx_end_PDB_ins_code 
_struct_conf.beg_auth_comp_id 
_struct_conf.beg_auth_asym_id 
_struct_conf.beg_auth_seq_id 
_struct_conf.end_auth_comp_id 
_struct_conf.end_auth_asym_id 
_struct_conf.end_auth_seq_id 
_struct_conf.pdbx_PDB_helix_class 
_struct_conf.details 
_struct_conf.pdbx_PDB_helix_length 
HELX_P HELX_P1 1 SER A 23  ? LYS A 34  ? SER 1 8   LYS 1 19  1 ? 12 
HELX_P HELX_P2 2 GLY A 73  ? VAL A 75  ? GLY 1 58  VAL 1 60  5 ? 3  
HELX_P HELX_P3 3 GLY A 76  ? ASP A 80  ? GLY 1 61  ASP 1 65  1 ? 5  
HELX_P HELX_P4 4 ASP A 81  ? LEU A 90  ? ASP 1 66  LEU 1 75  1 ? 10 
HELX_P HELX_P5 5 PRO A 125 ? SER A 135 ? PRO 1 110 SER 1 120 1 ? 11 
HELX_P HELX_P6 6 SER A 135 ? LYS A 141 ? SER 1 120 LYS 1 126 1 ? 7  
HELX_P HELX_P7 7 CYS A 154 ? LYS A 159 ? CYS 1 139 LYS 1 144 1 ? 6  
HELX_P HELX_P8 8 ASP A 160 ? GLY A 170 ? ASP 1 145 GLY 1 155 1 ? 11 
HELX_P HELX_P9 9 SER A 171 ? VAL A 173 ? SER 1 156 VAL 1 158 5 ? 3  
# 
_struct_conf_type.id          HELX_P 
_struct_conf_type.criteria    ? 
_struct_conf_type.reference   ? 
# 
loop_
_struct_sheet.id 
_struct_sheet.type 
_struct_sheet.number_strands 
_struct_sheet.details 
1A ? 6 ? 
1B ? 6 ? 
# 
loop_
_struct_sheet_order.sheet_id 
_struct_sheet_order.range_id_1 
_struct_sheet_order.range_id_2 
_struct_sheet_order.offset 
_struct_sheet_order.sense 
1A 1 2 ? parallel      
1A 2 3 ? anti-parallel 
1A 3 4 ? anti-parallel 
1A 4 5 ? parallel      
1A 5 6 ? anti-parallel 
1B 1 2 ? parallel      
1B 2 3 ? anti-parallel 
1B 3 4 ? anti-parallel 
1B 4 5 ? anti-parallel 
1B 5 6 ? parallel      
# 
loop_
_struct_sheet_range.sheet_id 
_struct_sheet_range.id 
_struct_sheet_range.beg_label_comp_id 
_struct_sheet_range.beg_label_asym_id 
_struct_sheet_range.beg_label_seq_id 
_struct_sheet_range.pdbx_beg_PDB_ins_code 
_struct_sheet_range.end_label_comp_id 
_struct_sheet_range.end_label_asym_id 
_struct_sheet_range.end_label_seq_id 
_struct_sheet_range.pdbx_end_PDB_ins_code 
_struct_sheet_range.beg_auth_comp_id 
_struct_sheet_range.beg_auth_asym_id 
_struct_sheet_range.beg_auth_seq_id 
_struct_sheet_range.end_auth_comp_id 
_struct_sheet_range.end_auth_asym_id 
_struct_sheet_range.end_auth_seq_id 
1A 1 ALA A 21  ? VAL A 22  ? ALA 1 6   VAL 1 7   
1A 2 ASN A 61  ? LEU A 71  ? ASN 1 46  LEU 1 56  
1A 3 LYS A 48  ? LEU A 55  ? LYS 1 33  LEU 1 40  
1A 4 ARG A 96  ? GLU A 105 ? ARG 1 81  GLU 1 90  
1A 5 SER A 175 ? LEU A 176 ? SER 1 160 LEU 1 161 
1A 6 LYS A 179 ? PRO A 180 ? LYS 1 164 PRO 1 165 
1B 1 ALA A 21  ? VAL A 22  ? ALA 1 6   VAL 1 7   
1B 2 ASN A 61  ? LEU A 71  ? ASN 1 46  LEU 1 56  
1B 3 LYS A 48  ? LEU A 55  ? LYS 1 33  LEU 1 40  
1B 4 ARG A 96  ? GLU A 105 ? ARG 1 81  GLU 1 90  
1B 5 LYS A 110 ? TRP A 119 ? LYS 1 95  TRP 1 104 
1B 6 HIS A 148 ? ALA A 152 ? HIS 1 133 ALA 1 137 
# 
loop_
_pdbx_struct_sheet_hbond.sheet_id 
_pdbx_struct_sheet_hbond.range_id_1 
_pdbx_struct_sheet_hbond.range_id_2 
_pdbx_struct_sheet_hbond.range_1_label_atom_id 
_pdbx_struct_sheet_hbond.range_1_label_comp_id 
_pdbx_struct_sheet_hbond.range_1_label_asym_id 
_pdbx_struct_sheet_hbond.range_1_label_seq_id 
_pdbx_struct_sheet_hbond.range_1_PDB_ins_code 
_pdbx_struct_sheet_hbond.range_1_auth_atom_id 
_pdbx_struct_sheet_hbond.range_1_auth_comp_id 
_pdbx_struct_sheet_hbond.range_1_auth_asym_id 
_pdbx_struct_sheet_hbond.range_1_auth_seq_id 
_pdbx_struct_sheet_hbond.range_2_label_atom_id 
_pdbx_struct_sheet_hbond.range_2_label_comp_id 
_pdbx_struct_sheet_hbond.range_2_label_asym_id 
_pdbx_struct_sheet_hbond.range_2_label_seq_id 
_pdbx_struct_sheet_hbond.range_2_PDB_ins_code 
_pdbx_struct_sheet_hbond.range_2_auth_atom_id 
_pdbx_struct_sheet_hbond.range_2_auth_comp_id 
_pdbx_struct_sheet_hbond.range_2_auth_asym_id 
_pdbx_struct_sheet_hbond.range_2_auth_seq_id 
1A 1 2 O ALA A 21  ? O ALA 1 6   N ILE A 62  ? N ILE 1 47  
1A 2 3 O ILE A 70  ? O ILE 1 55  N LYS A 49  ? N LYS 1 34  
1A 3 4 N PHE A 53  ? N PHE 1 38  O TYR A 97  ? O TYR 1 82  
1A 4 5 N GLU A 105 ? N GLU 1 90  O SER A 175 ? O SER 1 160 
1A 5 6 N LEU A 176 ? N LEU 1 161 O LYS A 179 ? O LYS 1 164 
1B 1 2 O ALA A 21  ? O ALA 1 6   N ILE A 62  ? N ILE 1 47  
1B 2 3 O ILE A 70  ? O ILE 1 55  N LYS A 49  ? N LYS 1 34  
1B 3 4 N PHE A 53  ? N PHE 1 38  O TYR A 97  ? O TYR 1 82  
1B 4 5 N TYR A 104 ? N TYR 1 89  O LYS A 111 ? O LYS 1 96  
1B 5 6 N PHE A 116 ? N PHE 1 101 O HIS A 148 ? O HIS 1 133 
# 
_atom_sites.entry_id                    4BEX 
_atom_sites.fract_transf_matrix[1][1]   -0.00858708 
_atom_sites.fract_transf_matrix[1][2]   -0.01024718 
_atom_sites.fract_transf_matrix[1][3]   -0.00133621 
_atom_sites.fract_transf_matrix[2][1]   -0.00577428 
_atom_sites.fract_transf_matrix[2][2]   -0.00538721 
_atom_sites.fract_transf_matrix[2][3]   0.01087022 
_atom_sites.fract_transf_matrix[3][1]   -0.00889361 
_atom_sites.fract_transf_matrix[3][2]   0.00757904 
_atom_sites.fract_transf_matrix[3][3]   -0.00096818 
_atom_sites.fract_transf_vector[1]      0.353655 
_atom_sites.fract_transf_vector[2]      -0.199758 
_atom_sites.fract_transf_vector[3]      -0.224000 
# 
loop_
_atom_type.symbol 
C 
N 
O 
S 
# 
loop_
_atom_site.group_PDB 
_atom_site.id 
_atom_site.type_symbol 
_atom_site.label_atom_id 
_atom_site.label_alt_id 
_atom_site.label_comp_id 
_atom_site.label_asym_id 
_atom_site.label_entity_id 
_atom_site.label_seq_id 
_atom_site.pdbx_PDB_ins_code 
_atom_site.Cartn_x 
_atom_site.Cartn_y 
_atom_site.Cartn_z 
_atom_site.occupancy 
_atom_site.B_iso_or_equiv 
_atom_site.pdbx_formal_charge 
_atom_site.auth_seq_id 
_atom_site.auth_comp_id 
_atom_site.auth_asym_id 
_atom_site.auth_atom_id 
_atom_site.pdbx_PDB_model_num 
ATOM   1    N N   . MET A 1 16  ? 7.844   4.942   21.613  1.00 89.46  ? 1    MET 1 N   1 
ATOM   2    C CA  . MET A 1 16  ? 8.014   4.613   20.197  1.00 87.65  ? 1    MET 1 CA  1 
ATOM   3    C C   . MET A 1 16  ? 9.426   4.925   19.671  1.00 90.38  ? 1    MET 1 C   1 
ATOM   4    O O   . MET A 1 16  ? 10.372  5.116   20.443  1.00 82.93  ? 1    MET 1 O   1 
ATOM   5    C CB  . MET A 1 16  ? 6.948   5.315   19.336  1.00 76.16  ? 1    MET 1 CB  1 
ATOM   6    C CG  . MET A 1 16  ? 5.489   5.015   19.730  1.00 88.33  ? 1    MET 1 CG  1 
ATOM   7    S SD  . MET A 1 16  ? 4.903   3.303   19.481  1.00 96.77  ? 1    MET 1 SD  1 
ATOM   8    C CE  . MET A 1 16  ? 5.295   2.508   21.053  1.00 84.05  ? 1    MET 1 CE  1 
ATOM   9    N N   . ALA A 1 17  ? 9.552   4.947   18.346  1.00 92.76  ? 2    ALA 1 N   1 
ATOM   10   C CA  . ALA A 1 17  ? 10.809  5.271   17.673  1.00 84.01  ? 2    ALA 1 CA  1 
ATOM   11   C C   . ALA A 1 17  ? 10.556  6.379   16.651  1.00 88.18  ? 2    ALA 1 C   1 
ATOM   12   O O   . ALA A 1 17  ? 10.007  6.155   15.571  1.00 79.40  ? 2    ALA 1 O   1 
ATOM   13   C CB  . ALA A 1 17  ? 11.390  4.042   17.008  1.00 72.67  ? 2    ALA 1 CB  1 
ATOM   14   N N   . SER A 1 18  ? 10.939  7.591   17.029  1.00 98.96  ? 3    SER 1 N   1 
ATOM   15   C CA  . SER A 1 18  ? 10.729  8.776   16.214  1.00 89.41  ? 3    SER 1 CA  1 
ATOM   16   C C   . SER A 1 18  ? 12.095  9.321   15.837  1.00 87.36  ? 3    SER 1 C   1 
ATOM   17   O O   . SER A 1 18  ? 12.262  10.513  15.578  1.00 81.91  ? 3    SER 1 O   1 
ATOM   18   C CB  . SER A 1 18  ? 9.947   9.806   17.020  1.00 93.18  ? 3    SER 1 CB  1 
ATOM   19   O OG  . SER A 1 18  ? 10.294  9.721   18.394  1.00 96.23  ? 3    SER 1 OG  1 
ATOM   20   N N   . GLY A 1 19  ? 13.081  8.429   15.842  1.00 86.19  ? 4    GLY 1 N   1 
ATOM   21   C CA  . GLY A 1 19  ? 14.413  8.757   15.385  1.00 74.85  ? 4    GLY 1 CA  1 
ATOM   22   C C   . GLY A 1 19  ? 14.622  8.196   13.993  1.00 73.36  ? 4    GLY 1 C   1 
ATOM   23   O O   . GLY A 1 19  ? 15.754  7.938   13.577  1.00 76.81  ? 4    GLY 1 O   1 
ATOM   24   N N   . VAL A 1 20  ? 13.521  7.997   13.271  1.00 69.59  ? 5    VAL 1 N   1 
ATOM   25   C CA  . VAL A 1 20  ? 13.601  7.534   11.890  1.00 69.24  ? 5    VAL 1 CA  1 
ATOM   26   C C   . VAL A 1 20  ? 13.136  8.619   10.917  1.00 61.07  ? 5    VAL 1 C   1 
ATOM   27   O O   . VAL A 1 20  ? 12.146  9.305   11.160  1.00 63.00  ? 5    VAL 1 O   1 
ATOM   28   C CB  . VAL A 1 20  ? 12.874  6.154   11.663  1.00 67.48  ? 5    VAL 1 CB  1 
ATOM   29   C CG1 . VAL A 1 20  ? 12.296  5.607   12.971  1.00 66.03  ? 5    VAL 1 CG1 1 
ATOM   30   C CG2 . VAL A 1 20  ? 11.805  6.245   10.577  1.00 59.46  ? 5    VAL 1 CG2 1 
ATOM   31   N N   . ALA A 1 21  ? 13.876  8.766   9.821   1.00 65.85  ? 6    ALA 1 N   1 
ATOM   32   C CA  . ALA A 1 21  ? 13.635  9.821   8.838   1.00 60.06  ? 6    ALA 1 CA  1 
ATOM   33   C C   . ALA A 1 21  ? 12.907  9.303   7.609   1.00 62.16  ? 6    ALA 1 C   1 
ATOM   34   O O   . ALA A 1 21  ? 13.133  8.174   7.177   1.00 68.67  ? 6    ALA 1 O   1 
ATOM   35   C CB  . ALA A 1 21  ? 14.954  10.448  8.419   1.00 49.73  ? 6    ALA 1 CB  1 
ATOM   36   N N   . VAL A 1 22  ? 12.045  10.132  7.031   1.00 61.03  ? 7    VAL 1 N   1 
ATOM   37   C CA  . VAL A 1 22  ? 11.431  9.783   5.759   1.00 60.92  ? 7    VAL 1 CA  1 
ATOM   38   C C   . VAL A 1 22  ? 12.017  10.626  4.640   1.00 64.73  ? 7    VAL 1 C   1 
ATOM   39   O O   . VAL A 1 22  ? 11.962  11.857  4.671   1.00 66.28  ? 7    VAL 1 O   1 
ATOM   40   C CB  . VAL A 1 22  ? 9.907   9.924   5.791   1.00 62.45  ? 7    VAL 1 CB  1 
ATOM   41   C CG1 . VAL A 1 22  ? 9.321   9.556   4.438   1.00 63.27  ? 7    VAL 1 CG1 1 
ATOM   42   C CG2 . VAL A 1 22  ? 9.333   9.034   6.875   1.00 65.41  ? 7    VAL 1 CG2 1 
ATOM   43   N N   . SER A 1 23  ? 12.598  9.940   3.664   1.00 70.90  ? 8    SER 1 N   1 
ATOM   44   C CA  . SER A 1 23  ? 13.185  10.570  2.489   1.00 75.64  ? 8    SER 1 CA  1 
ATOM   45   C C   . SER A 1 23  ? 12.188  11.488  1.796   1.00 79.11  ? 8    SER 1 C   1 
ATOM   46   O O   . SER A 1 23  ? 10.982  11.229  1.817   1.00 76.14  ? 8    SER 1 O   1 
ATOM   47   C CB  . SER A 1 23  ? 13.612  9.483   1.514   1.00 76.90  ? 8    SER 1 CB  1 
ATOM   48   O OG  . SER A 1 23  ? 13.465  8.208   2.117   1.00 72.11  ? 8    SER 1 OG  1 
ATOM   49   N N   . ASP A 1 24  ? 12.694  12.555  1.184   1.00 82.95  ? 9    ASP 1 N   1 
ATOM   50   C CA  . ASP A 1 24  ? 11.847  13.457  0.412   1.00 82.74  ? 9    ASP 1 CA  1 
ATOM   51   C C   . ASP A 1 24  ? 11.272  12.721  -0.801  1.00 80.40  ? 9    ASP 1 C   1 
ATOM   52   O O   . ASP A 1 24  ? 10.156  13.001  -1.244  1.00 77.85  ? 9    ASP 1 O   1 
ATOM   53   C CB  . ASP A 1 24  ? 12.633  14.692  -0.043  1.00 85.72  ? 9    ASP 1 CB  1 
ATOM   54   C CG  . ASP A 1 24  ? 13.302  15.427  1.109   1.00 94.98  ? 9    ASP 1 CG  1 
ATOM   55   O OD1 . ASP A 1 24  ? 13.937  14.762  1.957   1.00 96.04  ? 9    ASP 1 OD1 1 
ATOM   56   O OD2 . ASP A 1 24  ? 13.199  16.673  1.159   1.00 100.28 ? 9    ASP 1 OD2 1 
ATOM   57   N N   . GLY A 1 25  ? 12.038  11.770  -1.323  1.00 81.07  ? 10   GLY 1 N   1 
ATOM   58   C CA  . GLY A 1 25  ? 11.600  10.978  -2.456  1.00 77.49  ? 10   GLY 1 CA  1 
ATOM   59   C C   . GLY A 1 25  ? 10.426  10.084  -2.112  1.00 75.59  ? 10   GLY 1 C   1 
ATOM   60   O O   . GLY A 1 25  ? 9.560   9.846   -2.956  1.00 77.79  ? 10   GLY 1 O   1 
ATOM   61   N N   . VAL A 1 26  ? 10.398  9.582   -0.879  1.00 72.43  ? 11   VAL 1 N   1 
ATOM   62   C CA  . VAL A 1 26  ? 9.271   8.787   -0.403  1.00 71.10  ? 11   VAL 1 CA  1 
ATOM   63   C C   . VAL A 1 26  ? 8.030   9.663   -0.284  1.00 68.93  ? 11   VAL 1 C   1 
ATOM   64   O O   . VAL A 1 26  ? 6.955   9.309   -0.775  1.00 68.18  ? 11   VAL 1 O   1 
ATOM   65   C CB  . VAL A 1 26  ? 9.569   8.139   0.964   1.00 70.49  ? 11   VAL 1 CB  1 
ATOM   66   C CG1 . VAL A 1 26  ? 8.369   7.326   1.441   1.00 59.85  ? 11   VAL 1 CG1 1 
ATOM   67   C CG2 . VAL A 1 26  ? 10.806  7.263   0.876   1.00 67.54  ? 11   VAL 1 CG2 1 
ATOM   68   N N   . ILE A 1 27  ? 8.197   10.809  0.369   1.00 70.98  ? 12   ILE 1 N   1 
ATOM   69   C CA  . ILE A 1 27  ? 7.126   11.787  0.537   1.00 72.34  ? 12   ILE 1 CA  1 
ATOM   70   C C   . ILE A 1 27  ? 6.518   12.186  -0.804  1.00 71.12  ? 12   ILE 1 C   1 
ATOM   71   O O   . ILE A 1 27  ? 5.295   12.250  -0.949  1.00 68.59  ? 12   ILE 1 O   1 
ATOM   72   C CB  . ILE A 1 27  ? 7.640   13.064  1.230   1.00 70.22  ? 12   ILE 1 CB  1 
ATOM   73   C CG1 . ILE A 1 27  ? 8.173   12.750  2.632   1.00 67.86  ? 12   ILE 1 CG1 1 
ATOM   74   C CG2 . ILE A 1 27  ? 6.550   14.121  1.274   1.00 70.82  ? 12   ILE 1 CG2 1 
ATOM   75   C CD1 . ILE A 1 27  ? 7.117   12.320  3.607   1.00 68.93  ? 12   ILE 1 CD1 1 
ATOM   76   N N   . LYS A 1 28  ? 7.376   12.452  -1.784  1.00 70.30  ? 13   LYS 1 N   1 
ATOM   77   C CA  . LYS A 1 28  ? 6.905   12.842  -3.102  1.00 72.14  ? 13   LYS 1 CA  1 
ATOM   78   C C   . LYS A 1 28  ? 6.047   11.742  -3.693  1.00 70.50  ? 13   LYS 1 C   1 
ATOM   79   O O   . LYS A 1 28  ? 5.000   12.012  -4.282  1.00 71.20  ? 13   LYS 1 O   1 
ATOM   80   C CB  . LYS A 1 28  ? 8.065   13.143  -4.047  1.00 70.76  ? 13   LYS 1 CB  1 
ATOM   81   C CG  . LYS A 1 28  ? 7.598   13.501  -5.447  1.00 75.53  ? 13   LYS 1 CG  1 
ATOM   82   C CD  . LYS A 1 28  ? 8.675   13.270  -6.491  1.00 83.59  ? 13   LYS 1 CD  1 
ATOM   83   C CE  . LYS A 1 28  ? 8.144   13.529  -7.902  1.00 94.94  ? 13   LYS 1 CE  1 
ATOM   84   N NZ  . LYS A 1 28  ? 9.128   13.165  -8.970  1.00 103.89 ? 13   LYS 1 NZ  1 
ATOM   85   N N   . VAL A 1 29  ? 6.484   10.500  -3.520  1.00 67.53  ? 14   VAL 1 N   1 
ATOM   86   C CA  . VAL A 1 29  ? 5.744   9.366   -4.060  1.00 72.38  ? 14   VAL 1 CA  1 
ATOM   87   C C   . VAL A 1 29  ? 4.332   9.298   -3.490  1.00 66.21  ? 14   VAL 1 C   1 
ATOM   88   O O   . VAL A 1 29  ? 3.375   9.068   -4.226  1.00 66.07  ? 14   VAL 1 O   1 
ATOM   89   C CB  . VAL A 1 29  ? 6.483   8.039   -3.839  1.00 65.93  ? 14   VAL 1 CB  1 
ATOM   90   C CG1 . VAL A 1 29  ? 5.567   6.863   -4.141  1.00 61.24  ? 14   VAL 1 CG1 1 
ATOM   91   C CG2 . VAL A 1 29  ? 7.714   7.984   -4.721  1.00 61.24  ? 14   VAL 1 CG2 1 
ATOM   92   N N   . PHE A 1 30  ? 4.210   9.516   -2.187  1.00 61.11  ? 15   PHE 1 N   1 
ATOM   93   C CA  . PHE A 1 30  ? 2.900   9.599   -1.559  1.00 68.41  ? 15   PHE 1 CA  1 
ATOM   94   C C   . PHE A 1 30  ? 2.060   10.688  -2.206  1.00 73.18  ? 15   PHE 1 C   1 
ATOM   95   O O   . PHE A 1 30  ? 0.977   10.422  -2.736  1.00 75.02  ? 15   PHE 1 O   1 
ATOM   96   C CB  . PHE A 1 30  ? 3.033   9.893   -0.071  1.00 73.14  ? 15   PHE 1 CB  1 
ATOM   97   C CG  . PHE A 1 30  ? 1.751   10.352  0.567   1.00 80.52  ? 15   PHE 1 CG  1 
ATOM   98   C CD1 . PHE A 1 30  ? 0.698   9.466   0.765   1.00 77.40  ? 15   PHE 1 CD1 1 
ATOM   99   C CD2 . PHE A 1 30  ? 1.596   11.670  0.977   1.00 83.38  ? 15   PHE 1 CD2 1 
ATOM   100  C CE1 . PHE A 1 30  ? -0.487  9.889   1.357   1.00 78.34  ? 15   PHE 1 CE1 1 
ATOM   101  C CE2 . PHE A 1 30  ? 0.410   12.100  1.573   1.00 84.09  ? 15   PHE 1 CE2 1 
ATOM   102  C CZ  . PHE A 1 30  ? -0.630  11.207  1.763   1.00 82.56  ? 15   PHE 1 CZ  1 
ATOM   103  N N   . ASN A 1 31  ? 2.572   11.915  -2.161  1.00 73.01  ? 16   ASN 1 N   1 
ATOM   104  C CA  . ASN A 1 31  ? 1.876   13.056  -2.740  1.00 75.35  ? 16   ASN 1 CA  1 
ATOM   105  C C   . ASN A 1 31  ? 1.447   12.832  -4.198  1.00 74.69  ? 16   ASN 1 C   1 
ATOM   106  O O   . ASN A 1 31  ? 0.326   13.161  -4.569  1.00 84.36  ? 16   ASN 1 O   1 
ATOM   107  C CB  . ASN A 1 31  ? 2.712   14.335  -2.586  1.00 73.05  ? 16   ASN 1 CB  1 
ATOM   108  C CG  . ASN A 1 31  ? 2.824   14.799  -1.135  1.00 74.69  ? 16   ASN 1 CG  1 
ATOM   109  O OD1 . ASN A 1 31  ? 1.918   14.583  -0.327  1.00 80.81  ? 16   ASN 1 OD1 1 
ATOM   110  N ND2 . ASN A 1 31  ? 3.938   15.447  -0.804  1.00 71.78  ? 16   ASN 1 ND2 1 
ATOM   111  N N   . ASP A 1 32  ? 2.320   12.250  -5.013  1.00 68.49  ? 17   ASP 1 N   1 
ATOM   112  C CA  . ASP A 1 32  ? 1.993   11.981  -6.413  1.00 73.98  ? 17   ASP 1 CA  1 
ATOM   113  C C   . ASP A 1 32  ? 0.845   10.995  -6.578  1.00 79.04  ? 17   ASP 1 C   1 
ATOM   114  O O   . ASP A 1 32  ? 0.148   11.015  -7.587  1.00 88.14  ? 17   ASP 1 O   1 
ATOM   115  C CB  . ASP A 1 32  ? 3.210   11.432  -7.164  1.00 80.99  ? 17   ASP 1 CB  1 
ATOM   116  C CG  . ASP A 1 32  ? 4.246   12.497  -7.463  1.00 85.45  ? 17   ASP 1 CG  1 
ATOM   117  O OD1 . ASP A 1 32  ? 4.067   13.648  -7.006  1.00 85.72  ? 17   ASP 1 OD1 1 
ATOM   118  O OD2 . ASP A 1 32  ? 5.246   12.175  -8.145  1.00 83.61  ? 17   ASP 1 OD2 1 
ATOM   119  N N   . MET A 1 33  ? 0.662   10.123  -5.595  1.00 78.86  ? 18   MET 1 N   1 
ATOM   120  C CA  . MET A 1 33  ? -0.308  9.041   -5.718  1.00 81.34  ? 18   MET 1 CA  1 
ATOM   121  C C   . MET A 1 33  ? -1.730  9.519   -5.471  1.00 86.08  ? 18   MET 1 C   1 
ATOM   122  O O   . MET A 1 33  ? -2.685  9.012   -6.071  1.00 85.55  ? 18   MET 1 O   1 
ATOM   123  C CB  . MET A 1 33  ? 0.043   7.899   -4.766  1.00 70.27  ? 18   MET 1 CB  1 
ATOM   124  C CG  . MET A 1 33  ? 1.107   6.973   -5.302  1.00 70.83  ? 18   MET 1 CG  1 
ATOM   125  S SD  . MET A 1 33  ? 1.317   5.543   -4.242  1.00 71.08  ? 18   MET 1 SD  1 
ATOM   126  C CE  . MET A 1 33  ? -0.104  4.547   -4.706  1.00 58.84  ? 18   MET 1 CE  1 
ATOM   127  N N   . LYS A 1 34  ? -1.861  10.491  -4.576  1.00 81.96  ? 19   LYS 1 N   1 
ATOM   128  C CA  . LYS A 1 34  ? -3.132  11.166  -4.349  1.00 95.29  ? 19   LYS 1 CA  1 
ATOM   129  C C   . LYS A 1 34  ? -3.274  12.396  -5.260  1.00 103.38 ? 19   LYS 1 C   1 
ATOM   130  O O   . LYS A 1 34  ? -3.558  13.496  -4.780  1.00 99.57  ? 19   LYS 1 O   1 
ATOM   131  C CB  . LYS A 1 34  ? -3.254  11.580  -2.882  1.00 88.83  ? 19   LYS 1 CB  1 
ATOM   132  C CG  . LYS A 1 34  ? -1.944  12.027  -2.281  1.00 77.02  ? 19   LYS 1 CG  1 
ATOM   133  C CD  . LYS A 1 34  ? -2.138  13.200  -1.351  1.00 79.32  ? 19   LYS 1 CD  1 
ATOM   134  C CE  . LYS A 1 34  ? -3.055  12.855  -0.198  1.00 82.15  ? 19   LYS 1 CE  1 
ATOM   135  N NZ  . LYS A 1 34  ? -2.973  13.890  0.873   1.00 86.52  ? 19   LYS 1 NZ  1 
ATOM   136  N N   . VAL A 1 35  ? -3.065  12.208  -6.566  1.00 106.72 ? 20   VAL 1 N   1 
ATOM   137  C CA  . VAL A 1 35  ? -3.225  13.288  -7.544  1.00 105.92 ? 20   VAL 1 CA  1 
ATOM   138  C C   . VAL A 1 35  ? -4.505  13.086  -8.350  1.00 118.59 ? 20   VAL 1 C   1 
ATOM   139  O O   . VAL A 1 35  ? -4.860  11.952  -8.694  1.00 115.66 ? 20   VAL 1 O   1 
ATOM   140  C CB  . VAL A 1 35  ? -1.996  13.420  -8.502  1.00 109.22 ? 20   VAL 1 CB  1 
ATOM   141  C CG1 . VAL A 1 35  ? -2.002  12.336  -9.578  1.00 108.75 ? 20   VAL 1 CG1 1 
ATOM   142  C CG2 . VAL A 1 35  ? -1.962  14.797  -9.152  1.00 109.92 ? 20   VAL 1 CG2 1 
ATOM   143  N N   . ARG A 1 36  ? -5.210  14.184  -8.624  1.00 133.57 ? 21   ARG 1 N   1 
ATOM   144  C CA  . ARG A 1 36  ? -6.392  14.143  -9.489  1.00 141.06 ? 21   ARG 1 CA  1 
ATOM   145  C C   . ARG A 1 36  ? -5.979  14.256  -10.963 1.00 144.61 ? 21   ARG 1 C   1 
ATOM   146  O O   . ARG A 1 36  ? -5.055  15.003  -11.303 1.00 148.49 ? 21   ARG 1 O   1 
ATOM   147  C CB  . ARG A 1 36  ? -7.438  15.208  -9.087  1.00 139.47 ? 21   ARG 1 CB  1 
ATOM   148  C CG  . ARG A 1 36  ? -7.292  16.600  -9.714  1.00 141.10 ? 21   ARG 1 CG  1 
ATOM   149  C CD  . ARG A 1 36  ? -8.226  16.796  -10.917 1.00 142.57 ? 21   ARG 1 CD  1 
ATOM   150  N NE  . ARG A 1 36  ? -9.645  16.653  -10.586 1.00 134.63 ? 21   ARG 1 NE  1 
ATOM   151  C CZ  . ARG A 1 36  ? -10.584 16.299  -11.463 1.00 131.10 ? 21   ARG 1 CZ  1 
ATOM   152  N NH1 . ARG A 1 36  ? -10.255 16.041  -12.724 1.00 130.11 ? 21   ARG 1 NH1 1 
ATOM   153  N NH2 . ARG A 1 36  ? -11.851 16.191  -11.082 1.00 119.63 ? 21   ARG 1 NH2 1 
ATOM   154  N N   . LYS A 1 37  ? -6.651  13.496  -11.827 1.00 147.83 ? 22   LYS 1 N   1 
ATOM   155  C CA  . LYS A 1 37  ? -6.302  13.429  -13.252 1.00 152.69 ? 22   LYS 1 CA  1 
ATOM   156  C C   . LYS A 1 37  ? -6.456  14.763  -14.000 1.00 157.00 ? 22   LYS 1 C   1 
ATOM   157  O O   . LYS A 1 37  ? -7.196  14.859  -14.984 1.00 155.54 ? 22   LYS 1 O   1 
ATOM   158  C CB  . LYS A 1 37  ? -7.087  12.310  -13.960 1.00 146.41 ? 22   LYS 1 CB  1 
ATOM   159  C CG  . LYS A 1 37  ? -8.272  11.753  -13.165 1.00 139.33 ? 22   LYS 1 CG  1 
ATOM   160  C CD  . LYS A 1 37  ? -9.506  12.651  -13.241 1.00 123.32 ? 22   LYS 1 CD  1 
ATOM   161  C CE  . LYS A 1 37  ? -10.368 12.504  -11.991 1.00 112.72 ? 22   LYS 1 CE  1 
ATOM   162  N NZ  . LYS A 1 37  ? -10.647 11.082  -11.642 1.00 97.88  ? 22   LYS 1 NZ  1 
ATOM   163  N N   . SER A 1 38  ? -5.746  15.783  -13.523 1.00 158.58 ? 23   SER 1 N   1 
ATOM   164  C CA  . SER A 1 38  ? -5.674  17.070  -14.203 1.00 159.85 ? 23   SER 1 CA  1 
ATOM   165  C C   . SER A 1 38  ? -4.606  16.981  -15.284 1.00 160.90 ? 23   SER 1 C   1 
ATOM   166  O O   . SER A 1 38  ? -4.708  17.615  -16.335 1.00 161.02 ? 23   SER 1 O   1 
ATOM   167  C CB  . SER A 1 38  ? -5.316  18.178  -13.208 1.00 157.22 ? 23   SER 1 CB  1 
ATOM   168  O OG  . SER A 1 38  ? -4.048  17.941  -12.617 1.00 152.48 ? 23   SER 1 OG  1 
ATOM   169  N N   . SER A 1 39  ? -3.586  16.174  -15.014 1.00 156.81 ? 24   SER 1 N   1 
ATOM   170  C CA  . SER A 1 39  ? -2.466  16.004  -15.927 1.00 152.35 ? 24   SER 1 CA  1 
ATOM   171  C C   . SER A 1 39  ? -2.812  15.076  -17.107 1.00 150.44 ? 24   SER 1 C   1 
ATOM   172  O O   . SER A 1 39  ? -3.897  14.492  -17.149 1.00 147.00 ? 24   SER 1 O   1 
ATOM   173  C CB  . SER A 1 39  ? -1.233  15.532  -15.148 1.00 147.30 ? 24   SER 1 CB  1 
ATOM   174  O OG  . SER A 1 39  ? -1.605  14.664  -14.087 1.00 142.05 ? 24   SER 1 OG  1 
ATOM   175  N N   . THR A 1 40  ? -1.878  14.961  -18.054 1.00 149.97 ? 25   THR 1 N   1 
ATOM   176  C CA  . THR A 1 40  ? -2.078  14.311  -19.363 1.00 148.95 ? 25   THR 1 CA  1 
ATOM   177  C C   . THR A 1 40  ? -2.478  12.804  -19.279 1.00 144.41 ? 25   THR 1 C   1 
ATOM   178  O O   . THR A 1 40  ? -2.785  12.315  -18.194 1.00 141.71 ? 25   THR 1 O   1 
ATOM   179  C CB  . THR A 1 40  ? -0.814  14.562  -20.261 1.00 146.75 ? 25   THR 1 CB  1 
ATOM   180  O OG1 . THR A 1 40  ? -0.007  13.382  -20.327 1.00 140.86 ? 25   THR 1 OG1 1 
ATOM   181  C CG2 . THR A 1 40  ? 0.025   15.704  -19.701 1.00 142.65 ? 25   THR 1 CG2 1 
ATOM   182  N N   . PRO A 1 41  ? -2.523  12.071  -20.418 1.00 145.36 ? 26   PRO 1 N   1 
ATOM   183  C CA  . PRO A 1 41  ? -2.755  10.632  -20.211 1.00 143.41 ? 26   PRO 1 CA  1 
ATOM   184  C C   . PRO A 1 41  ? -1.476  9.791   -20.207 1.00 140.70 ? 26   PRO 1 C   1 
ATOM   185  O O   . PRO A 1 41  ? -1.541  8.574   -20.416 1.00 134.67 ? 26   PRO 1 O   1 
ATOM   186  C CB  . PRO A 1 41  ? -3.604  10.248  -21.422 1.00 143.38 ? 26   PRO 1 CB  1 
ATOM   187  C CG  . PRO A 1 41  ? -3.106  11.142  -22.493 1.00 145.84 ? 26   PRO 1 CG  1 
ATOM   188  C CD  . PRO A 1 41  ? -2.810  12.460  -21.814 1.00 146.44 ? 26   PRO 1 CD  1 
ATOM   189  N N   . GLU A 1 42  ? -0.334  10.430  -19.971 1.00 141.05 ? 27   GLU 1 N   1 
ATOM   190  C CA  . GLU A 1 42  ? 0.948   9.734   -20.025 1.00 138.49 ? 27   GLU 1 CA  1 
ATOM   191  C C   . GLU A 1 42  ? 1.601   9.605   -18.640 1.00 132.74 ? 27   GLU 1 C   1 
ATOM   192  O O   . GLU A 1 42  ? 1.961   8.503   -18.225 1.00 127.91 ? 27   GLU 1 O   1 
ATOM   193  C CB  . GLU A 1 42  ? 1.880   10.410  -21.041 1.00 141.91 ? 27   GLU 1 CB  1 
ATOM   194  C CG  . GLU A 1 42  ? 1.161   11.089  -22.227 1.00 141.71 ? 27   GLU 1 CG  1 
ATOM   195  C CD  . GLU A 1 42  ? 0.567   10.115  -23.247 1.00 143.52 ? 27   GLU 1 CD  1 
ATOM   196  O OE1 . GLU A 1 42  ? 0.000   9.074   -22.852 1.00 140.54 ? 27   GLU 1 OE1 1 
ATOM   197  O OE2 . GLU A 1 42  ? 0.654   10.405  -24.459 1.00 146.05 ? 27   GLU 1 OE2 1 
ATOM   198  N N   . GLU A 1 43  ? 1.754   10.723  -17.932 1.00 133.80 ? 28   GLU 1 N   1 
ATOM   199  C CA  . GLU A 1 43  ? 2.117   10.692  -16.505 1.00 132.90 ? 28   GLU 1 CA  1 
ATOM   200  C C   . GLU A 1 43  ? 1.095   9.893   -15.673 1.00 122.09 ? 28   GLU 1 C   1 
ATOM   201  O O   . GLU A 1 43  ? 1.464   9.204   -14.722 1.00 116.55 ? 28   GLU 1 O   1 
ATOM   202  C CB  . GLU A 1 43  ? 2.360   12.101  -15.910 1.00 133.34 ? 28   GLU 1 CB  1 
ATOM   203  C CG  . GLU A 1 43  ? 1.619   13.272  -16.560 1.00 139.41 ? 28   GLU 1 CG  1 
ATOM   204  C CD  . GLU A 1 43  ? 0.265   12.879  -17.096 1.00 145.16 ? 28   GLU 1 CD  1 
ATOM   205  O OE1 . GLU A 1 43  ? -0.728  12.901  -16.343 1.00 149.56 ? 28   GLU 1 OE1 1 
ATOM   206  O OE2 . GLU A 1 43  ? 0.218   12.485  -18.277 1.00 147.11 ? 28   GLU 1 OE2 1 
ATOM   207  N N   . VAL A 1 44  ? -0.184  9.997   -16.033 1.00 125.33 ? 29   VAL 1 N   1 
ATOM   208  C CA  . VAL A 1 44  ? -1.188  9.026   -15.601 1.00 120.39 ? 29   VAL 1 CA  1 
ATOM   209  C C   . VAL A 1 44  ? -0.976  7.832   -16.518 1.00 111.86 ? 29   VAL 1 C   1 
ATOM   210  O O   . VAL A 1 44  ? -0.914  8.014   -17.730 1.00 121.93 ? 29   VAL 1 O   1 
ATOM   211  C CB  . VAL A 1 44  ? -2.634  9.560   -15.768 1.00 120.27 ? 29   VAL 1 CB  1 
ATOM   212  C CG1 . VAL A 1 44  ? -3.647  8.432   -15.621 1.00 108.50 ? 29   VAL 1 CG1 1 
ATOM   213  C CG2 . VAL A 1 44  ? -2.922  10.683  -14.770 1.00 123.99 ? 29   VAL 1 CG2 1 
ATOM   214  N N   . LYS A 1 45  ? -0.892  6.637   -15.927 1.00 101.32 ? 30   LYS 1 N   1 
ATOM   215  C CA  . LYS A 1 45  ? -0.354  5.398   -16.535 1.00 101.79 ? 30   LYS 1 CA  1 
ATOM   216  C C   . LYS A 1 45  ? 1.101   5.203   -16.098 1.00 96.67  ? 30   LYS 1 C   1 
ATOM   217  O O   . LYS A 1 45  ? 1.564   4.076   -15.922 1.00 89.64  ? 30   LYS 1 O   1 
ATOM   218  C CB  . LYS A 1 45  ? -0.539  5.298   -18.065 1.00 105.71 ? 30   LYS 1 CB  1 
ATOM   219  C CG  . LYS A 1 45  ? 0.376   4.306   -18.774 1.00 104.03 ? 30   LYS 1 CG  1 
ATOM   220  C CD  . LYS A 1 45  ? -0.175  3.881   -20.137 1.00 105.48 ? 30   LYS 1 CD  1 
ATOM   221  C CE  . LYS A 1 45  ? -0.239  5.037   -21.122 1.00 108.13 ? 30   LYS 1 CE  1 
ATOM   222  N NZ  . LYS A 1 45  ? -0.642  4.571   -22.478 1.00 104.38 ? 30   LYS 1 NZ  1 
ATOM   223  N N   . LYS A 1 46  ? 1.803   6.311   -15.889 1.00 101.21 ? 31   LYS 1 N   1 
ATOM   224  C CA  . LYS A 1 46  ? 3.085   6.275   -15.193 1.00 97.77  ? 31   LYS 1 CA  1 
ATOM   225  C C   . LYS A 1 46  ? 2.798   6.377   -13.692 1.00 91.58  ? 31   LYS 1 C   1 
ATOM   226  O O   . LYS A 1 46  ? 3.690   6.249   -12.854 1.00 85.47  ? 31   LYS 1 O   1 
ATOM   227  C CB  . LYS A 1 46  ? 3.978   7.431   -15.652 1.00 107.41 ? 31   LYS 1 CB  1 
ATOM   228  C CG  . LYS A 1 46  ? 5.470   7.217   -15.407 1.00 105.30 ? 31   LYS 1 CG  1 
ATOM   229  C CD  . LYS A 1 46  ? 6.214   8.548   -15.273 1.00 115.66 ? 31   LYS 1 CD  1 
ATOM   230  C CE  . LYS A 1 46  ? 7.680   8.343   -14.884 1.00 127.39 ? 31   LYS 1 CE  1 
ATOM   231  N NZ  . LYS A 1 46  ? 8.380   9.626   -14.562 1.00 125.44 ? 31   LYS 1 NZ  1 
ATOM   232  N N   . ARG A 1 47  ? 1.528   6.610   -13.376 1.00 93.08  ? 32   ARG 1 N   1 
ATOM   233  C CA  . ARG A 1 47  ? 1.036   6.709   -12.008 1.00 83.18  ? 32   ARG 1 CA  1 
ATOM   234  C C   . ARG A 1 47  ? 1.235   5.386   -11.252 1.00 73.44  ? 32   ARG 1 C   1 
ATOM   235  O O   . ARG A 1 47  ? 1.139   4.296   -11.827 1.00 65.10  ? 32   ARG 1 O   1 
ATOM   236  C CB  . ARG A 1 47  ? -0.451  7.074   -12.060 1.00 88.50  ? 32   ARG 1 CB  1 
ATOM   237  C CG  . ARG A 1 47  ? -1.014  7.772   -10.834 1.00 89.59  ? 32   ARG 1 CG  1 
ATOM   238  C CD  . ARG A 1 47  ? -2.290  8.512   -11.219 1.00 96.76  ? 32   ARG 1 CD  1 
ATOM   239  N NE  . ARG A 1 47  ? -3.434  8.140   -10.393 1.00 99.18  ? 32   ARG 1 NE  1 
ATOM   240  C CZ  . ARG A 1 47  ? -4.397  8.985   -10.032 1.00 106.05 ? 32   ARG 1 CZ  1 
ATOM   241  N NH1 . ARG A 1 47  ? -4.351  10.251  -10.428 1.00 113.29 ? 32   ARG 1 NH1 1 
ATOM   242  N NH2 . ARG A 1 47  ? -5.404  8.570   -9.274  1.00 91.84  ? 32   ARG 1 NH2 1 
ATOM   243  N N   . LYS A 1 48  ? 1.524   5.481   -9.961  1.00 67.88  ? 33   LYS 1 N   1 
ATOM   244  C CA  . LYS A 1 48  ? 1.737   4.285   -9.158  1.00 62.19  ? 33   LYS 1 CA  1 
ATOM   245  C C   . LYS A 1 48  ? 0.438   3.761   -8.590  1.00 59.78  ? 33   LYS 1 C   1 
ATOM   246  O O   . LYS A 1 48  ? -0.325  4.502   -7.968  1.00 57.25  ? 33   LYS 1 O   1 
ATOM   247  C CB  . LYS A 1 48  ? 2.719   4.565   -8.024  1.00 60.42  ? 33   LYS 1 CB  1 
ATOM   248  C CG  . LYS A 1 48  ? 4.128   4.794   -8.514  1.00 65.53  ? 33   LYS 1 CG  1 
ATOM   249  C CD  . LYS A 1 48  ? 5.036   5.278   -7.402  1.00 70.39  ? 33   LYS 1 CD  1 
ATOM   250  C CE  . LYS A 1 48  ? 6.405   5.660   -7.947  1.00 66.30  ? 33   LYS 1 CE  1 
ATOM   251  N NZ  . LYS A 1 48  ? 7.051   4.521   -8.656  1.00 71.58  ? 33   LYS 1 NZ  1 
ATOM   252  N N   . LYS A 1 49  ? 0.201   2.473   -8.810  1.00 54.54  ? 34   LYS 1 N   1 
ATOM   253  C CA  . LYS A 1 49  ? -0.971  1.797   -8.283  1.00 50.64  ? 34   LYS 1 CA  1 
ATOM   254  C C   . LYS A 1 49  ? -0.647  1.280   -6.884  1.00 55.31  ? 34   LYS 1 C   1 
ATOM   255  O O   . LYS A 1 49  ? -1.487  1.316   -5.985  1.00 54.97  ? 34   LYS 1 O   1 
ATOM   256  C CB  . LYS A 1 49  ? -1.357  0.648   -9.206  1.00 49.09  ? 34   LYS 1 CB  1 
ATOM   257  C CG  . LYS A 1 49  ? -2.525  -0.183  -8.740  1.00 47.91  ? 34   LYS 1 CG  1 
ATOM   258  C CD  . LYS A 1 49  ? -3.832  0.560   -8.876  1.00 49.64  ? 34   LYS 1 CD  1 
ATOM   259  C CE  . LYS A 1 49  ? -4.999  -0.381  -8.648  1.00 49.96  ? 34   LYS 1 CE  1 
ATOM   260  N NZ  . LYS A 1 49  ? -6.190  0.345   -8.149  1.00 49.27  ? 34   LYS 1 NZ  1 
ATOM   261  N N   . ALA A 1 50  ? 0.588   0.822   -6.703  1.00 49.59  ? 35   ALA 1 N   1 
ATOM   262  C CA  . ALA A 1 50  ? 1.036   0.297   -5.426  1.00 46.77  ? 35   ALA 1 CA  1 
ATOM   263  C C   . ALA A 1 50  ? 2.539   0.449   -5.301  1.00 55.37  ? 35   ALA 1 C   1 
ATOM   264  O O   . ALA A 1 50  ? 3.249   0.532   -6.305  1.00 57.96  ? 35   ALA 1 O   1 
ATOM   265  C CB  . ALA A 1 50  ? 0.649   -1.158  -5.287  1.00 47.43  ? 35   ALA 1 CB  1 
ATOM   266  N N   . VAL A 1 51  ? 3.029   0.455   -4.067  1.00 50.62  ? 36   VAL 1 N   1 
ATOM   267  C CA  . VAL A 1 51  ? 4.432   0.733   -3.839  1.00 46.15  ? 36   VAL 1 CA  1 
ATOM   268  C C   . VAL A 1 51  ? 4.855   0.173   -2.479  1.00 45.06  ? 36   VAL 1 C   1 
ATOM   269  O O   . VAL A 1 51  ? 4.055   0.121   -1.550  1.00 48.26  ? 36   VAL 1 O   1 
ATOM   270  C CB  . VAL A 1 51  ? 4.679   2.261   -3.951  1.00 42.21  ? 36   VAL 1 CB  1 
ATOM   271  C CG1 . VAL A 1 51  ? 4.105   2.978   -2.755  1.00 45.64  ? 36   VAL 1 CG1 1 
ATOM   272  C CG2 . VAL A 1 51  ? 6.143   2.570   -4.104  1.00 51.83  ? 36   VAL 1 CG2 1 
ATOM   273  N N   . LEU A 1 52  ? 6.098   -0.278  -2.355  1.00 47.81  ? 37   LEU 1 N   1 
ATOM   274  C CA  . LEU A 1 52  ? 6.568   -0.759  -1.060  1.00 45.37  ? 37   LEU 1 CA  1 
ATOM   275  C C   . LEU A 1 52  ? 7.648   0.137   -0.476  1.00 49.14  ? 37   LEU 1 C   1 
ATOM   276  O O   . LEU A 1 52  ? 8.480   0.686   -1.205  1.00 49.86  ? 37   LEU 1 O   1 
ATOM   277  C CB  . LEU A 1 52  ? 7.099   -2.187  -1.153  1.00 50.94  ? 37   LEU 1 CB  1 
ATOM   278  C CG  . LEU A 1 52  ? 6.201   -3.269  -1.754  1.00 53.40  ? 37   LEU 1 CG  1 
ATOM   279  C CD1 . LEU A 1 52  ? 6.774   -4.647  -1.479  1.00 51.38  ? 37   LEU 1 CD1 1 
ATOM   280  C CD2 . LEU A 1 52  ? 4.782   -3.166  -1.226  1.00 50.39  ? 37   LEU 1 CD2 1 
ATOM   281  N N   . PHE A 1 53  ? 7.615   0.282   0.846   1.00 47.07  ? 38   PHE 1 N   1 
ATOM   282  C CA  . PHE A 1 53  ? 8.660   0.964   1.586   1.00 47.52  ? 38   PHE 1 CA  1 
ATOM   283  C C   . PHE A 1 53  ? 9.174   0.009   2.633   1.00 50.96  ? 38   PHE 1 C   1 
ATOM   284  O O   . PHE A 1 53  ? 8.456   -0.901  3.054   1.00 51.96  ? 38   PHE 1 O   1 
ATOM   285  C CB  . PHE A 1 53  ? 8.111   2.181   2.313   1.00 50.53  ? 38   PHE 1 CB  1 
ATOM   286  C CG  . PHE A 1 53  ? 7.171   2.990   1.502   1.00 50.58  ? 38   PHE 1 CG  1 
ATOM   287  C CD1 . PHE A 1 53  ? 7.610   3.656   0.378   1.00 51.30  ? 38   PHE 1 CD1 1 
ATOM   288  C CD2 . PHE A 1 53  ? 5.845   3.101   1.872   1.00 53.62  ? 38   PHE 1 CD2 1 
ATOM   289  C CE1 . PHE A 1 53  ? 6.743   4.411   -0.369  1.00 53.00  ? 38   PHE 1 CE1 1 
ATOM   290  C CE2 . PHE A 1 53  ? 4.971   3.858   1.128   1.00 51.97  ? 38   PHE 1 CE2 1 
ATOM   291  C CZ  . PHE A 1 53  ? 5.422   4.514   0.007   1.00 50.44  ? 38   PHE 1 CZ  1 
ATOM   292  N N   . CYS A 1 54  ? 10.403  0.232   3.079   1.00 47.29  ? 39   CYS 1 N   1 
ATOM   293  C CA  . CYS A 1 54  ? 10.991  -0.593  4.121   1.00 48.34  ? 39   CYS 1 CA  1 
ATOM   294  C C   . CYS A 1 54  ? 11.924  0.266   4.935   1.00 48.67  ? 39   CYS 1 C   1 
ATOM   295  O O   . CYS A 1 54  ? 12.220  1.397   4.558   1.00 50.73  ? 39   CYS 1 O   1 
ATOM   296  C CB  . CYS A 1 54  ? 11.770  -1.749  3.505   1.00 52.69  ? 39   CYS 1 CB  1 
ATOM   297  S SG  . CYS A 1 54  ? 13.042  -1.206  2.347   1.00 54.01  ? 39   CYS 1 SG  1 
ATOM   298  N N   . LEU A 1 55  ? 12.386  -0.267  6.057   1.00 48.35  ? 40   LEU 1 N   1 
ATOM   299  C CA  . LEU A 1 55  ? 13.383  0.426   6.850   1.00 51.01  ? 40   LEU 1 CA  1 
ATOM   300  C C   . LEU A 1 55  ? 14.777  0.112   6.320   1.00 54.05  ? 40   LEU 1 C   1 
ATOM   301  O O   . LEU A 1 55  ? 15.016  -0.971  5.771   1.00 58.33  ? 40   LEU 1 O   1 
ATOM   302  C CB  . LEU A 1 55  ? 13.281  0.011   8.312   1.00 52.36  ? 40   LEU 1 CB  1 
ATOM   303  C CG  . LEU A 1 55  ? 12.108  0.603   9.084   1.00 53.85  ? 40   LEU 1 CG  1 
ATOM   304  C CD1 . LEU A 1 55  ? 11.922  -0.140  10.402  1.00 50.76  ? 40   LEU 1 CD1 1 
ATOM   305  C CD2 . LEU A 1 55  ? 12.344  2.084   9.330   1.00 47.23  ? 40   LEU 1 CD2 1 
ATOM   306  N N   . SER A 1 56  ? 15.691  1.063   6.473   1.00 53.05  ? 41   SER 1 N   1 
ATOM   307  C CA  . SER A 1 56  ? 17.080  0.863   6.078   1.00 57.07  ? 41   SER 1 CA  1 
ATOM   308  C C   . SER A 1 56  ? 17.765  -0.091  7.047   1.00 58.81  ? 41   SER 1 C   1 
ATOM   309  O O   . SER A 1 56  ? 17.205  -0.424  8.095   1.00 56.48  ? 41   SER 1 O   1 
ATOM   310  C CB  . SER A 1 56  ? 17.823  2.202   6.008   1.00 58.82  ? 41   SER 1 CB  1 
ATOM   311  O OG  . SER A 1 56  ? 17.677  2.948   7.202   1.00 59.07  ? 41   SER 1 OG  1 
ATOM   312  N N   . GLU A 1 57  ? 18.962  -0.547  6.684   1.00 61.83  ? 42   GLU 1 N   1 
ATOM   313  C CA  . GLU A 1 57  ? 19.728  -1.462  7.532   1.00 60.77  ? 42   GLU 1 CA  1 
ATOM   314  C C   . GLU A 1 57  ? 19.898  -0.908  8.950   1.00 61.35  ? 42   GLU 1 C   1 
ATOM   315  O O   . GLU A 1 57  ? 19.684  -1.617  9.929   1.00 60.65  ? 42   GLU 1 O   1 
ATOM   316  C CB  . GLU A 1 57  ? 21.089  -1.759  6.895   1.00 61.94  ? 42   GLU 1 CB  1 
ATOM   317  C CG  . GLU A 1 57  ? 22.020  -2.633  7.735   1.00 67.79  ? 42   GLU 1 CG  1 
ATOM   318  C CD  . GLU A 1 57  ? 22.991  -1.837  8.606   1.00 69.50  ? 42   GLU 1 CD  1 
ATOM   319  O OE1 . GLU A 1 57  ? 23.500  -0.782  8.157   1.00 69.45  ? 42   GLU 1 OE1 1 
ATOM   320  O OE2 . GLU A 1 57  ? 23.242  -2.274  9.749   1.00 67.39  ? 42   GLU 1 OE2 1 
ATOM   321  N N   . ASP A 1 58  ? 20.253  0.370   9.045   1.00 63.88  ? 43   ASP 1 N   1 
ATOM   322  C CA  . ASP A 1 58  ? 20.446  1.033   10.329  1.00 60.10  ? 43   ASP 1 CA  1 
ATOM   323  C C   . ASP A 1 58  ? 19.132  1.390   11.047  1.00 66.52  ? 43   ASP 1 C   1 
ATOM   324  O O   . ASP A 1 58  ? 19.156  1.931   12.157  1.00 69.65  ? 43   ASP 1 O   1 
ATOM   325  C CB  . ASP A 1 58  ? 21.290  2.298   10.138  1.00 61.36  ? 43   ASP 1 CB  1 
ATOM   326  C CG  . ASP A 1 58  ? 20.634  3.302   9.214   1.00 60.91  ? 43   ASP 1 CG  1 
ATOM   327  O OD1 . ASP A 1 58  ? 19.599  2.967   8.600   1.00 63.87  ? 43   ASP 1 OD1 1 
ATOM   328  O OD2 . ASP A 1 58  ? 21.157  4.425   9.088   1.00 65.00  ? 43   ASP 1 OD2 1 
ATOM   329  N N   . LYS A 1 59  ? 17.999  1.097   10.406  1.00 64.23  ? 44   LYS 1 N   1 
ATOM   330  C CA  . LYS A 1 59  ? 16.672  1.348   10.980  1.00 60.04  ? 44   LYS 1 CA  1 
ATOM   331  C C   . LYS A 1 59  ? 16.421  2.830   11.245  1.00 60.14  ? 44   LYS 1 C   1 
ATOM   332  O O   . LYS A 1 59  ? 15.627  3.185   12.112  1.00 62.55  ? 44   LYS 1 O   1 
ATOM   333  C CB  . LYS A 1 59  ? 16.462  0.530   12.266  1.00 57.56  ? 44   LYS 1 CB  1 
ATOM   334  C CG  . LYS A 1 59  ? 16.680  -0.975  12.112  1.00 55.90  ? 44   LYS 1 CG  1 
ATOM   335  C CD  . LYS A 1 59  ? 15.641  -1.608  11.189  1.00 61.52  ? 44   LYS 1 CD  1 
ATOM   336  C CE  . LYS A 1 59  ? 15.956  -3.072  10.886  1.00 63.16  ? 44   LYS 1 CE  1 
ATOM   337  N NZ  . LYS A 1 59  ? 17.038  -3.244  9.860   1.00 70.76  ? 44   LYS 1 NZ  1 
ATOM   338  N N   . LYS A 1 60  ? 17.085  3.693   10.478  1.00 66.04  ? 45   LYS 1 N   1 
ATOM   339  C CA  . LYS A 1 60  ? 16.976  5.136   10.678  1.00 64.39  ? 45   LYS 1 CA  1 
ATOM   340  C C   . LYS A 1 60  ? 16.235  5.848   9.554   1.00 59.65  ? 45   LYS 1 C   1 
ATOM   341  O O   . LYS A 1 60  ? 15.956  7.039   9.649   1.00 62.44  ? 45   LYS 1 O   1 
ATOM   342  C CB  . LYS A 1 60  ? 18.363  5.762   10.868  1.00 64.99  ? 45   LYS 1 CB  1 
ATOM   343  C CG  . LYS A 1 60  ? 19.117  5.278   12.103  1.00 71.00  ? 45   LYS 1 CG  1 
ATOM   344  C CD  . LYS A 1 60  ? 20.319  6.179   12.393  1.00 89.48  ? 45   LYS 1 CD  1 
ATOM   345  C CE  . LYS A 1 60  ? 21.125  5.703   13.604  1.00 98.61  ? 45   LYS 1 CE  1 
ATOM   346  N NZ  . LYS A 1 60  ? 22.173  6.695   14.002  1.00 105.55 ? 45   LYS 1 NZ  1 
ATOM   347  N N   . ASN A 1 61  ? 15.921  5.126   8.486   1.00 59.11  ? 46   ASN 1 N   1 
ATOM   348  C CA  . ASN A 1 61  ? 15.216  5.731   7.364   1.00 55.86  ? 46   ASN 1 CA  1 
ATOM   349  C C   . ASN A 1 61  ? 14.124  4.836   6.826   1.00 55.19  ? 46   ASN 1 C   1 
ATOM   350  O O   . ASN A 1 61  ? 14.251  3.615   6.858   1.00 58.30  ? 46   ASN 1 O   1 
ATOM   351  C CB  . ASN A 1 61  ? 16.188  6.049   6.237   1.00 58.79  ? 46   ASN 1 CB  1 
ATOM   352  C CG  . ASN A 1 61  ? 17.378  6.838   6.710   1.00 58.81  ? 46   ASN 1 CG  1 
ATOM   353  O OD1 . ASN A 1 61  ? 17.328  8.064   6.794   1.00 59.25  ? 46   ASN 1 OD1 1 
ATOM   354  N ND2 . ASN A 1 61  ? 18.461  6.137   7.032   1.00 58.81  ? 46   ASN 1 ND2 1 
ATOM   355  N N   . ILE A 1 62  ? 13.046  5.449   6.352   1.00 51.69  ? 47   ILE 1 N   1 
ATOM   356  C CA  . ILE A 1 62  ? 12.010  4.731   5.626   1.00 50.10  ? 47   ILE 1 CA  1 
ATOM   357  C C   . ILE A 1 62  ? 12.167  5.064   4.145   1.00 57.76  ? 47   ILE 1 C   1 
ATOM   358  O O   . ILE A 1 62  ? 12.032  6.220   3.733   1.00 56.88  ? 47   ILE 1 O   1 
ATOM   359  C CB  . ILE A 1 62  ? 10.620  5.090   6.137   1.00 49.51  ? 47   ILE 1 CB  1 
ATOM   360  C CG1 . ILE A 1 62  ? 10.457  4.534   7.546   1.00 50.70  ? 47   ILE 1 CG1 1 
ATOM   361  C CG2 . ILE A 1 62  ? 9.541   4.537   5.221   1.00 48.18  ? 47   ILE 1 CG2 1 
ATOM   362  C CD1 . ILE A 1 62  ? 9.166   4.925   8.231   1.00 56.01  ? 47   ILE 1 CD1 1 
ATOM   363  N N   . ILE A 1 63  ? 12.473  4.042   3.354   1.00 54.76  ? 48   ILE 1 N   1 
ATOM   364  C CA  . ILE A 1 63  ? 12.942  4.247   1.995   1.00 51.86  ? 48   ILE 1 CA  1 
ATOM   365  C C   . ILE A 1 63  ? 12.150  3.453   0.981   1.00 53.05  ? 48   ILE 1 C   1 
ATOM   366  O O   . ILE A 1 63  ? 11.499  2.463   1.306   1.00 51.04  ? 48   ILE 1 O   1 
ATOM   367  C CB  . ILE A 1 63  ? 14.408  3.837   1.865   1.00 57.56  ? 48   ILE 1 CB  1 
ATOM   368  C CG1 . ILE A 1 63  ? 14.560  2.338   2.152   1.00 52.52  ? 48   ILE 1 CG1 1 
ATOM   369  C CG2 . ILE A 1 63  ? 15.274  4.661   2.805   1.00 54.66  ? 48   ILE 1 CG2 1 
ATOM   370  C CD1 . ILE A 1 63  ? 15.971  1.828   2.024   1.00 51.16  ? 48   ILE 1 CD1 1 
ATOM   371  N N   . LEU A 1 64  ? 12.231  3.896   -0.263  1.00 56.16  ? 49   LEU 1 N   1 
ATOM   372  C CA  . LEU A 1 64  ? 11.493  3.283   -1.344  1.00 56.41  ? 49   LEU 1 CA  1 
ATOM   373  C C   . LEU A 1 64  ? 12.179  1.996   -1.787  1.00 54.71  ? 49   LEU 1 C   1 
ATOM   374  O O   . LEU A 1 64  ? 13.377  1.991   -2.028  1.00 57.95  ? 49   LEU 1 O   1 
ATOM   375  C CB  . LEU A 1 64  ? 11.438  4.255   -2.514  1.00 54.40  ? 49   LEU 1 CB  1 
ATOM   376  C CG  . LEU A 1 64  ? 10.413  3.884   -3.577  1.00 65.04  ? 49   LEU 1 CG  1 
ATOM   377  C CD1 . LEU A 1 64  ? 9.048   4.405   -3.162  1.00 59.06  ? 49   LEU 1 CD1 1 
ATOM   378  C CD2 . LEU A 1 64  ? 10.826  4.429   -4.934  1.00 70.73  ? 49   LEU 1 CD2 1 
ATOM   379  N N   . GLU A 1 65  ? 11.430  0.906   -1.898  1.00 51.73  ? 50   GLU 1 N   1 
ATOM   380  C CA  . GLU A 1 65  ? 12.007  -0.331  -2.408  1.00 52.05  ? 50   GLU 1 CA  1 
ATOM   381  C C   . GLU A 1 65  ? 11.833  -0.432  -3.921  1.00 56.61  ? 50   GLU 1 C   1 
ATOM   382  O O   . GLU A 1 65  ? 10.783  -0.852  -4.407  1.00 57.67  ? 50   GLU 1 O   1 
ATOM   383  C CB  . GLU A 1 65  ? 11.389  -1.554  -1.726  1.00 54.51  ? 50   GLU 1 CB  1 
ATOM   384  C CG  . GLU A 1 65  ? 12.132  -2.859  -2.033  1.00 56.73  ? 50   GLU 1 CG  1 
ATOM   385  C CD  . GLU A 1 65  ? 11.600  -4.056  -1.260  1.00 60.39  ? 50   GLU 1 CD  1 
ATOM   386  O OE1 . GLU A 1 65  ? 10.430  -4.021  -0.816  1.00 58.26  ? 50   GLU 1 OE1 1 
ATOM   387  O OE2 . GLU A 1 65  ? 12.352  -5.045  -1.103  1.00 66.41  ? 50   GLU 1 OE2 1 
ATOM   388  N N   . GLU A 1 66  ? 12.869  -0.063  -4.665  1.00 56.27  ? 51   GLU 1 N   1 
ATOM   389  C CA  . GLU A 1 66  ? 12.774  -0.029  -6.121  1.00 59.45  ? 51   GLU 1 CA  1 
ATOM   390  C C   . GLU A 1 66  ? 12.409  -1.373  -6.750  1.00 66.79  ? 51   GLU 1 C   1 
ATOM   391  O O   . GLU A 1 66  ? 12.810  -2.435  -6.261  1.00 70.23  ? 51   GLU 1 O   1 
ATOM   392  C CB  . GLU A 1 66  ? 14.061  0.530   -6.733  1.00 66.46  ? 51   GLU 1 CB  1 
ATOM   393  C CG  . GLU A 1 66  ? 14.174  2.049   -6.605  1.00 73.11  ? 51   GLU 1 CG  1 
ATOM   394  C CD  . GLU A 1 66  ? 15.488  2.611   -7.145  1.00 81.04  ? 51   GLU 1 CD  1 
ATOM   395  O OE1 . GLU A 1 66  ? 16.138  1.944   -7.990  1.00 81.91  ? 51   GLU 1 OE1 1 
ATOM   396  O OE2 . GLU A 1 66  ? 15.867  3.729   -6.717  1.00 79.19  ? 51   GLU 1 OE2 1 
ATOM   397  N N   . GLY A 1 67  ? 11.631  -1.312  -7.831  1.00 65.77  ? 52   GLY 1 N   1 
ATOM   398  C CA  . GLY A 1 67  ? 11.194  -2.499  -8.545  1.00 71.86  ? 52   GLY 1 CA  1 
ATOM   399  C C   . GLY A 1 67  ? 9.937   -3.093  -7.951  1.00 74.82  ? 52   GLY 1 C   1 
ATOM   400  O O   . GLY A 1 67  ? 9.110   -3.685  -8.654  1.00 79.30  ? 52   GLY 1 O   1 
ATOM   401  N N   . LYS A 1 68  ? 9.802   -2.929  -6.639  1.00 69.42  ? 53   LYS 1 N   1 
ATOM   402  C CA  . LYS A 1 68  ? 8.654   -3.428  -5.905  1.00 63.02  ? 53   LYS 1 CA  1 
ATOM   403  C C   . LYS A 1 68  ? 7.487   -2.451  -6.002  1.00 59.31  ? 53   LYS 1 C   1 
ATOM   404  O O   . LYS A 1 68  ? 7.203   -1.700  -5.065  1.00 60.18  ? 53   LYS 1 O   1 
ATOM   405  C CB  . LYS A 1 68  ? 9.039   -3.656  -4.446  1.00 63.46  ? 53   LYS 1 CB  1 
ATOM   406  C CG  . LYS A 1 68  ? 9.374   -5.107  -4.119  1.00 70.82  ? 53   LYS 1 CG  1 
ATOM   407  C CD  . LYS A 1 68  ? 10.456  -5.690  -5.019  1.00 76.34  ? 53   LYS 1 CD  1 
ATOM   408  C CE  . LYS A 1 68  ? 10.382  -7.219  -5.024  1.00 85.15  ? 53   LYS 1 CE  1 
ATOM   409  N NZ  . LYS A 1 68  ? 10.319  -7.796  -3.643  1.00 82.13  ? 53   LYS 1 NZ  1 
ATOM   410  N N   . GLU A 1 69  ? 6.815   -2.453  -7.146  1.00 54.35  ? 54   GLU 1 N   1 
ATOM   411  C CA  . GLU A 1 69  ? 5.704   -1.541  -7.360  1.00 62.71  ? 54   GLU 1 CA  1 
ATOM   412  C C   . GLU A 1 69  ? 4.878   -1.958  -8.562  1.00 64.28  ? 54   GLU 1 C   1 
ATOM   413  O O   . GLU A 1 69  ? 5.307   -2.778  -9.379  1.00 70.19  ? 54   GLU 1 O   1 
ATOM   414  C CB  . GLU A 1 69  ? 6.204   -0.116  -7.572  1.00 60.02  ? 54   GLU 1 CB  1 
ATOM   415  C CG  . GLU A 1 69  ? 6.910   0.070   -8.894  1.00 60.63  ? 54   GLU 1 CG  1 
ATOM   416  C CD  . GLU A 1 69  ? 7.559   1.428   -9.015  1.00 68.72  ? 54   GLU 1 CD  1 
ATOM   417  O OE1 . GLU A 1 69  ? 7.531   2.196   -8.023  1.00 65.63  ? 54   GLU 1 OE1 1 
ATOM   418  O OE2 . GLU A 1 69  ? 8.100   1.724   -10.103 1.00 74.01  ? 54   GLU 1 OE2 1 
ATOM   419  N N   . ILE A 1 70  ? 3.682   -1.391  -8.651  1.00 58.54  ? 55   ILE 1 N   1 
ATOM   420  C CA  . ILE A 1 70  ? 2.796   -1.615  -9.775  1.00 57.82  ? 55   ILE 1 CA  1 
ATOM   421  C C   . ILE A 1 70  ? 2.371   -0.257  -10.298 1.00 60.02  ? 55   ILE 1 C   1 
ATOM   422  O O   . ILE A 1 70  ? 1.786   0.546   -9.570  1.00 59.73  ? 55   ILE 1 O   1 
ATOM   423  C CB  . ILE A 1 70  ? 1.539   -2.370  -9.351  1.00 56.94  ? 55   ILE 1 CB  1 
ATOM   424  C CG1 . ILE A 1 70  ? 1.902   -3.732  -8.768  1.00 54.97  ? 55   ILE 1 CG1 1 
ATOM   425  C CG2 . ILE A 1 70  ? 0.600   -2.526  -10.524 1.00 62.17  ? 55   ILE 1 CG2 1 
ATOM   426  C CD1 . ILE A 1 70  ? 0.724   -4.447  -8.155  1.00 52.10  ? 55   ILE 1 CD1 1 
ATOM   427  N N   . LEU A 1 71  ? 2.680   0.014   -11.557 1.00 62.60  ? 56   LEU 1 N   1 
ATOM   428  C CA  . LEU A 1 71  ? 2.239   1.251   -12.166 1.00 64.75  ? 56   LEU 1 CA  1 
ATOM   429  C C   . LEU A 1 71  ? 0.889   0.996   -12.812 1.00 68.84  ? 56   LEU 1 C   1 
ATOM   430  O O   . LEU A 1 71  ? 0.583   -0.138  -13.198 1.00 68.75  ? 56   LEU 1 O   1 
ATOM   431  C CB  . LEU A 1 71  ? 3.265   1.731   -13.184 1.00 69.80  ? 56   LEU 1 CB  1 
ATOM   432  C CG  . LEU A 1 71  ? 4.661   1.914   -12.577 1.00 71.92  ? 56   LEU 1 CG  1 
ATOM   433  C CD1 . LEU A 1 71  ? 5.725   2.069   -13.648 1.00 77.34  ? 56   LEU 1 CD1 1 
ATOM   434  C CD2 . LEU A 1 71  ? 4.699   3.098   -11.625 1.00 67.85  ? 56   LEU 1 CD2 1 
ATOM   435  N N   . VAL A 1 72  ? 0.076   2.044   -12.895 1.00 65.36  ? 57   VAL 1 N   1 
ATOM   436  C CA  . VAL A 1 72  ? -1.252  1.947   -13.488 1.00 68.63  ? 57   VAL 1 CA  1 
ATOM   437  C C   . VAL A 1 72  ? -1.194  1.387   -14.910 1.00 77.37  ? 57   VAL 1 C   1 
ATOM   438  O O   . VAL A 1 72  ? -2.071  0.621   -15.328 1.00 74.65  ? 57   VAL 1 O   1 
ATOM   439  C CB  . VAL A 1 72  ? -1.932  3.319   -13.511 1.00 72.39  ? 57   VAL 1 CB  1 
ATOM   440  C CG1 . VAL A 1 72  ? -3.279  3.222   -14.199 1.00 60.19  ? 57   VAL 1 CG1 1 
ATOM   441  C CG2 . VAL A 1 72  ? -2.065  3.872   -12.088 1.00 61.00  ? 57   VAL 1 CG2 1 
ATOM   442  N N   . GLY A 1 73  ? -0.141  1.759   -15.639 1.00 78.78  ? 58   GLY 1 N   1 
ATOM   443  C CA  . GLY A 1 73  ? 0.055   1.309   -17.005 1.00 79.66  ? 58   GLY 1 CA  1 
ATOM   444  C C   . GLY A 1 73  ? 0.146   -0.196  -17.164 1.00 81.11  ? 58   GLY 1 C   1 
ATOM   445  O O   . GLY A 1 73  ? -0.211  -0.742  -18.209 1.00 85.39  ? 58   GLY 1 O   1 
ATOM   446  N N   . ASP A 1 74  ? 0.618   -0.876  -16.126 1.00 77.68  ? 59   ASP 1 N   1 
ATOM   447  C CA  . ASP A 1 74  ? 0.768   -2.324  -16.179 1.00 83.06  ? 59   ASP 1 CA  1 
ATOM   448  C C   . ASP A 1 74  ? -0.569  -3.042  -16.039 1.00 85.03  ? 59   ASP 1 C   1 
ATOM   449  O O   . ASP A 1 74  ? -0.662  -4.236  -16.307 1.00 86.71  ? 59   ASP 1 O   1 
ATOM   450  C CB  . ASP A 1 74  ? 1.711   -2.803  -15.071 1.00 88.59  ? 59   ASP 1 CB  1 
ATOM   451  C CG  . ASP A 1 74  ? 2.978   -1.971  -14.975 1.00 92.07  ? 59   ASP 1 CG  1 
ATOM   452  O OD1 . ASP A 1 74  ? 3.459   -1.498  -16.029 1.00 93.48  ? 59   ASP 1 OD1 1 
ATOM   453  O OD2 . ASP A 1 74  ? 3.490   -1.792  -13.844 1.00 82.41  ? 59   ASP 1 OD2 1 
ATOM   454  N N   . VAL A 1 75  ? -1.600  -2.319  -15.611 1.00 85.67  ? 60   VAL 1 N   1 
ATOM   455  C CA  . VAL A 1 75  ? -2.865  -2.954  -15.248 1.00 89.53  ? 60   VAL 1 CA  1 
ATOM   456  C C   . VAL A 1 75  ? -3.591  -3.588  -16.435 1.00 93.53  ? 60   VAL 1 C   1 
ATOM   457  O O   . VAL A 1 75  ? -3.980  -4.754  -16.377 1.00 100.69 ? 60   VAL 1 O   1 
ATOM   458  C CB  . VAL A 1 75  ? -3.799  -1.988  -14.492 1.00 81.87  ? 60   VAL 1 CB  1 
ATOM   459  C CG1 . VAL A 1 75  ? -5.162  -2.632  -14.264 1.00 75.25  ? 60   VAL 1 CG1 1 
ATOM   460  C CG2 . VAL A 1 75  ? -3.172  -1.589  -13.165 1.00 72.80  ? 60   VAL 1 CG2 1 
ATOM   461  N N   . GLY A 1 76  ? -3.766  -2.828  -17.507 1.00 89.65  ? 61   GLY 1 N   1 
ATOM   462  C CA  . GLY A 1 76  ? -4.399  -3.360  -18.698 1.00 101.53 ? 61   GLY 1 CA  1 
ATOM   463  C C   . GLY A 1 76  ? -3.659  -4.541  -19.315 1.00 103.37 ? 61   GLY 1 C   1 
ATOM   464  O O   . GLY A 1 76  ? -4.291  -5.463  -19.834 1.00 109.05 ? 61   GLY 1 O   1 
ATOM   465  N N   . GLN A 1 77  ? -2.328  -4.519  -19.245 1.00 97.38  ? 62   GLN 1 N   1 
ATOM   466  C CA  . GLN A 1 77  ? -1.492  -5.503  -19.945 1.00 101.48 ? 62   GLN 1 CA  1 
ATOM   467  C C   . GLN A 1 77  ? -0.794  -6.548  -19.055 1.00 103.91 ? 62   GLN 1 C   1 
ATOM   468  O O   . GLN A 1 77  ? -1.262  -7.685  -18.934 1.00 106.48 ? 62   GLN 1 O   1 
ATOM   469  C CB  . GLN A 1 77  ? -0.451  -4.793  -20.822 1.00 108.29 ? 62   GLN 1 CB  1 
ATOM   470  C CG  . GLN A 1 77  ? -0.347  -3.286  -20.603 1.00 109.76 ? 62   GLN 1 CG  1 
ATOM   471  C CD  . GLN A 1 77  ? -0.697  -2.488  -21.851 1.00 119.11 ? 62   GLN 1 CD  1 
ATOM   472  O OE1 . GLN A 1 77  ? -1.736  -1.825  -21.907 1.00 114.27 ? 62   GLN 1 OE1 1 
ATOM   473  N NE2 . GLN A 1 77  ? 0.174   -2.547  -22.858 1.00 118.80 ? 62   GLN 1 NE2 1 
ATOM   474  N N   . THR A 1 78  ? 0.329   -6.153  -18.454 1.00 98.60  ? 63   THR 1 N   1 
ATOM   475  C CA  . THR A 1 78  ? 1.186   -7.044  -17.656 1.00 97.40  ? 63   THR 1 CA  1 
ATOM   476  C C   . THR A 1 78  ? 0.511   -7.716  -16.451 1.00 97.95  ? 63   THR 1 C   1 
ATOM   477  O O   . THR A 1 78  ? 0.863   -8.837  -16.075 1.00 95.70  ? 63   THR 1 O   1 
ATOM   478  C CB  . THR A 1 78  ? 2.401   -6.264  -17.096 1.00 98.23  ? 63   THR 1 CB  1 
ATOM   479  O OG1 . THR A 1 78  ? 2.764   -5.209  -17.998 1.00 99.62  ? 63   THR 1 OG1 1 
ATOM   480  C CG2 . THR A 1 78  ? 3.594   -7.190  -16.850 1.00 91.39  ? 63   THR 1 CG2 1 
ATOM   481  N N   . VAL A 1 79  ? -0.450  -7.024  -15.845 1.00 94.39  ? 64   VAL 1 N   1 
ATOM   482  C CA  . VAL A 1 79  ? -0.932  -7.399  -14.518 1.00 95.60  ? 64   VAL 1 CA  1 
ATOM   483  C C   . VAL A 1 79  ? -2.308  -8.081  -14.476 1.00 97.98  ? 64   VAL 1 C   1 
ATOM   484  O O   . VAL A 1 79  ? -2.425  -9.196  -13.953 1.00 101.23 ? 64   VAL 1 O   1 
ATOM   485  C CB  . VAL A 1 79  ? -0.876  -6.189  -13.555 1.00 90.05  ? 64   VAL 1 CB  1 
ATOM   486  C CG1 . VAL A 1 79  ? -1.637  -6.480  -12.283 1.00 81.60  ? 64   VAL 1 CG1 1 
ATOM   487  C CG2 . VAL A 1 79  ? 0.578   -5.832  -13.243 1.00 81.38  ? 64   VAL 1 CG2 1 
ATOM   488  N N   . ASP A 1 80  ? -3.331  -7.413  -15.011 1.00 90.41  ? 65   ASP 1 N   1 
ATOM   489  C CA  . ASP A 1 80  ? -4.709  -7.932  -15.051 1.00 92.73  ? 65   ASP 1 CA  1 
ATOM   490  C C   . ASP A 1 80  ? -5.430  -7.903  -13.698 1.00 87.21  ? 65   ASP 1 C   1 
ATOM   491  O O   . ASP A 1 80  ? -6.562  -7.419  -13.610 1.00 89.12  ? 65   ASP 1 O   1 
ATOM   492  C CB  . ASP A 1 80  ? -4.792  -9.326  -15.707 1.00 101.28 ? 65   ASP 1 CB  1 
ATOM   493  C CG  . ASP A 1 80  ? -4.504  -9.292  -17.213 1.00 118.47 ? 65   ASP 1 CG  1 
ATOM   494  O OD1 . ASP A 1 80  ? -5.225  -8.578  -17.953 1.00 116.52 ? 65   ASP 1 OD1 1 
ATOM   495  O OD2 . ASP A 1 80  ? -3.553  -9.981  -17.655 1.00 118.21 ? 65   ASP 1 OD2 1 
ATOM   496  N N   . ASP A 1 81  ? -4.783  -8.418  -12.653 1.00 82.56  ? 66   ASP 1 N   1 
ATOM   497  C CA  . ASP A 1 81  ? -5.278  -8.254  -11.284 1.00 75.71  ? 66   ASP 1 CA  1 
ATOM   498  C C   . ASP A 1 81  ? -4.229  -7.568  -10.414 1.00 70.18  ? 66   ASP 1 C   1 
ATOM   499  O O   . ASP A 1 81  ? -3.281  -8.208  -9.960  1.00 68.90  ? 66   ASP 1 O   1 
ATOM   500  C CB  . ASP A 1 81  ? -5.662  -9.593  -10.658 1.00 70.59  ? 66   ASP 1 CB  1 
ATOM   501  C CG  . ASP A 1 81  ? -6.472  -9.428  -9.367  1.00 77.19  ? 66   ASP 1 CG  1 
ATOM   502  O OD1 . ASP A 1 81  ? -6.549  -8.299  -8.819  1.00 73.20  ? 66   ASP 1 OD1 1 
ATOM   503  O OD2 . ASP A 1 81  ? -7.041  -10.437 -8.896  1.00 79.83  ? 66   ASP 1 OD2 1 
ATOM   504  N N   . PRO A 1 82  ? -4.411  -6.266  -10.167 1.00 64.11  ? 67   PRO 1 N   1 
ATOM   505  C CA  . PRO A 1 82  ? -3.466  -5.448  -9.404  1.00 60.95  ? 67   PRO 1 CA  1 
ATOM   506  C C   . PRO A 1 82  ? -3.377  -5.873  -7.936  1.00 61.00  ? 67   PRO 1 C   1 
ATOM   507  O O   . PRO A 1 82  ? -2.293  -5.842  -7.361  1.00 60.77  ? 67   PRO 1 O   1 
ATOM   508  C CB  . PRO A 1 82  ? -4.058  -4.031  -9.507  1.00 63.35  ? 67   PRO 1 CB  1 
ATOM   509  C CG  . PRO A 1 82  ? -5.135  -4.108  -10.549 1.00 64.25  ? 67   PRO 1 CG  1 
ATOM   510  C CD  . PRO A 1 82  ? -5.624  -5.514  -10.522 1.00 65.99  ? 67   PRO 1 CD  1 
ATOM   511  N N   . TYR A 1 83  ? -4.494  -6.261  -7.330  1.00 61.99  ? 68   TYR 1 N   1 
ATOM   512  C CA  . TYR A 1 83  ? -4.464  -6.610  -5.915  1.00 56.77  ? 68   TYR 1 CA  1 
ATOM   513  C C   . TYR A 1 83  ? -3.689  -7.891  -5.650  1.00 54.24  ? 68   TYR 1 C   1 
ATOM   514  O O   . TYR A 1 83  ? -2.900  -7.958  -4.711  1.00 52.73  ? 68   TYR 1 O   1 
ATOM   515  C CB  . TYR A 1 83  ? -5.868  -6.731  -5.326  1.00 51.91  ? 68   TYR 1 CB  1 
ATOM   516  C CG  . TYR A 1 83  ? -5.825  -6.941  -3.839  1.00 50.91  ? 68   TYR 1 CG  1 
ATOM   517  C CD1 . TYR A 1 83  ? -5.535  -5.891  -2.984  1.00 50.91  ? 68   TYR 1 CD1 1 
ATOM   518  C CD2 . TYR A 1 83  ? -6.035  -8.189  -3.287  1.00 54.01  ? 68   TYR 1 CD2 1 
ATOM   519  C CE1 . TYR A 1 83  ? -5.473  -6.077  -1.619  1.00 46.55  ? 68   TYR 1 CE1 1 
ATOM   520  C CE2 . TYR A 1 83  ? -5.979  -8.382  -1.920  1.00 52.56  ? 68   TYR 1 CE2 1 
ATOM   521  C CZ  . TYR A 1 83  ? -5.700  -7.321  -1.093  1.00 49.85  ? 68   TYR 1 CZ  1 
ATOM   522  O OH  . TYR A 1 83  ? -5.646  -7.499  0.272   1.00 57.74  ? 68   TYR 1 OH  1 
ATOM   523  N N   . ALA A 1 84  ? -3.925  -8.907  -6.469  1.00 57.07  ? 69   ALA 1 N   1 
ATOM   524  C CA  . ALA A 1 84  ? -3.263  -10.192 -6.281  1.00 57.13  ? 69   ALA 1 CA  1 
ATOM   525  C C   . ALA A 1 84  ? -1.771  -10.051 -6.539  1.00 60.27  ? 69   ALA 1 C   1 
ATOM   526  O O   . ALA A 1 84  ? -0.944  -10.647 -5.842  1.00 57.23  ? 69   ALA 1 O   1 
ATOM   527  C CB  . ALA A 1 84  ? -3.860  -11.230 -7.198  1.00 50.82  ? 69   ALA 1 CB  1 
ATOM   528  N N   . THR A 1 85  ? -1.437  -9.254  -7.551  1.00 56.78  ? 70   THR 1 N   1 
ATOM   529  C CA  . THR A 1 85  ? -0.048  -9.000  -7.895  1.00 55.58  ? 70   THR 1 CA  1 
ATOM   530  C C   . THR A 1 85  ? 0.653   -8.322  -6.727  1.00 55.32  ? 70   THR 1 C   1 
ATOM   531  O O   . THR A 1 85  ? 1.770   -8.686  -6.354  1.00 59.25  ? 70   THR 1 O   1 
ATOM   532  C CB  . THR A 1 85  ? 0.049   -8.131  -9.151  1.00 52.93  ? 70   THR 1 CB  1 
ATOM   533  O OG1 . THR A 1 85  ? -0.407  -8.889  -10.277 1.00 61.91  ? 70   THR 1 OG1 1 
ATOM   534  C CG2 . THR A 1 85  ? 1.472   -7.688  -9.393  1.00 53.01  ? 70   THR 1 CG2 1 
ATOM   535  N N   . PHE A 1 86  ? -0.022  -7.342  -6.147  1.00 49.77  ? 71   PHE 1 N   1 
ATOM   536  C CA  . PHE A 1 86  ? 0.490   -6.645  -4.985  1.00 50.49  ? 71   PHE 1 CA  1 
ATOM   537  C C   . PHE A 1 86  ? 0.720   -7.576  -3.799  1.00 51.69  ? 71   PHE 1 C   1 
ATOM   538  O O   . PHE A 1 86  ? 1.742   -7.493  -3.118  1.00 51.11  ? 71   PHE 1 O   1 
ATOM   539  C CB  . PHE A 1 86  ? -0.483  -5.563  -4.575  1.00 46.79  ? 71   PHE 1 CB  1 
ATOM   540  C CG  . PHE A 1 86  ? -0.218  -5.009  -3.220  1.00 42.89  ? 71   PHE 1 CG  1 
ATOM   541  C CD1 . PHE A 1 86  ? 0.901   -4.233  -2.981  1.00 40.83  ? 71   PHE 1 CD1 1 
ATOM   542  C CD2 . PHE A 1 86  ? -1.093  -5.252  -2.182  1.00 43.96  ? 71   PHE 1 CD2 1 
ATOM   543  C CE1 . PHE A 1 86  ? 1.144   -3.712  -1.717  1.00 39.16  ? 71   PHE 1 CE1 1 
ATOM   544  C CE2 . PHE A 1 86  ? -0.855  -4.733  -0.922  1.00 39.77  ? 71   PHE 1 CE2 1 
ATOM   545  C CZ  . PHE A 1 86  ? 0.265   -3.963  -0.695  1.00 40.21  ? 71   PHE 1 CZ  1 
ATOM   546  N N   . VAL A 1 87  ? -0.241  -8.450  -3.543  1.00 48.16  ? 72   VAL 1 N   1 
ATOM   547  C CA  . VAL A 1 87  ? -0.119  -9.378  -2.436  1.00 49.75  ? 72   VAL 1 CA  1 
ATOM   548  C C   . VAL A 1 87  ? 1.123   -10.270 -2.592  1.00 56.71  ? 72   VAL 1 C   1 
ATOM   549  O O   . VAL A 1 87  ? 1.817   -10.557 -1.614  1.00 61.01  ? 72   VAL 1 O   1 
ATOM   550  C CB  . VAL A 1 87  ? -1.405  -10.206 -2.262  1.00 49.05  ? 72   VAL 1 CB  1 
ATOM   551  C CG1 . VAL A 1 87  ? -1.105  -11.529 -1.603  1.00 57.66  ? 72   VAL 1 CG1 1 
ATOM   552  C CG2 . VAL A 1 87  ? -2.415  -9.424  -1.438  1.00 49.28  ? 72   VAL 1 CG2 1 
ATOM   553  N N   . LYS A 1 88  ? 1.421   -10.671 -3.824  1.00 55.96  ? 73   LYS 1 N   1 
ATOM   554  C CA  . LYS A 1 88  ? 2.551   -11.559 -4.095  1.00 50.96  ? 73   LYS 1 CA  1 
ATOM   555  C C   . LYS A 1 88  ? 3.898   -10.863 -3.913  1.00 53.59  ? 73   LYS 1 C   1 
ATOM   556  O O   . LYS A 1 88  ? 4.899   -11.505 -3.603  1.00 63.68  ? 73   LYS 1 O   1 
ATOM   557  C CB  . LYS A 1 88  ? 2.438   -12.155 -5.502  1.00 57.03  ? 73   LYS 1 CB  1 
ATOM   558  C CG  . LYS A 1 88  ? 1.282   -13.147 -5.669  1.00 66.72  ? 73   LYS 1 CG  1 
ATOM   559  C CD  . LYS A 1 88  ? 1.085   -13.550 -7.133  1.00 71.04  ? 73   LYS 1 CD  1 
ATOM   560  C CE  . LYS A 1 88  ? -0.127  -14.460 -7.326  1.00 74.73  ? 73   LYS 1 CE  1 
ATOM   561  N NZ  . LYS A 1 88  ? -0.684  -14.352 -8.714  1.00 84.66  ? 73   LYS 1 NZ  1 
ATOM   562  N N   . MET A 1 89  ? 3.914   -9.550  -4.110  1.00 51.61  ? 74   MET 1 N   1 
ATOM   563  C CA  . MET A 1 89  ? 5.088   -8.740  -3.837  1.00 48.66  ? 74   MET 1 CA  1 
ATOM   564  C C   . MET A 1 89  ? 5.449   -8.755  -2.359  1.00 51.80  ? 74   MET 1 C   1 
ATOM   565  O O   . MET A 1 89  ? 6.579   -8.456  -1.990  1.00 53.07  ? 74   MET 1 O   1 
ATOM   566  C CB  . MET A 1 89  ? 4.831   -7.284  -4.235  1.00 52.95  ? 74   MET 1 CB  1 
ATOM   567  C CG  . MET A 1 89  ? 4.749   -7.017  -5.714  1.00 52.05  ? 74   MET 1 CG  1 
ATOM   568  S SD  . MET A 1 89  ? 5.310   -5.338  -6.090  1.00 64.38  ? 74   MET 1 SD  1 
ATOM   569  C CE  . MET A 1 89  ? 3.963   -4.363  -5.421  1.00 53.71  ? 74   MET 1 CE  1 
ATOM   570  N N   . LEU A 1 90  ? 4.479   -9.060  -1.503  1.00 49.56  ? 75   LEU 1 N   1 
ATOM   571  C CA  . LEU A 1 90  ? 4.738   -9.028  -0.073  1.00 47.53  ? 75   LEU 1 CA  1 
ATOM   572  C C   . LEU A 1 90  ? 5.696   -10.151 0.284   1.00 52.78  ? 75   LEU 1 C   1 
ATOM   573  O O   . LEU A 1 90  ? 5.406   -11.329 0.041   1.00 61.24  ? 75   LEU 1 O   1 
ATOM   574  C CB  . LEU A 1 90  ? 3.439   -9.123  0.732   1.00 50.06  ? 75   LEU 1 CB  1 
ATOM   575  C CG  . LEU A 1 90  ? 2.491   -7.922  0.597   1.00 52.13  ? 75   LEU 1 CG  1 
ATOM   576  C CD1 . LEU A 1 90  ? 1.128   -8.197  1.224   1.00 45.12  ? 75   LEU 1 CD1 1 
ATOM   577  C CD2 . LEU A 1 90  ? 3.112   -6.667  1.200   1.00 40.54  ? 75   LEU 1 CD2 1 
ATOM   578  N N   . PRO A 1 91  ? 6.863   -9.786  0.834   1.00 51.74  ? 76   PRO 1 N   1 
ATOM   579  C CA  . PRO A 1 91  ? 7.883   -10.762 1.241   1.00 54.43  ? 76   PRO 1 CA  1 
ATOM   580  C C   . PRO A 1 91  ? 7.378   -11.658 2.364   1.00 55.84  ? 76   PRO 1 C   1 
ATOM   581  O O   . PRO A 1 91  ? 6.450   -11.286 3.077   1.00 56.33  ? 76   PRO 1 O   1 
ATOM   582  C CB  . PRO A 1 91  ? 9.042   -9.887  1.731   1.00 47.39  ? 76   PRO 1 CB  1 
ATOM   583  C CG  . PRO A 1 91  ? 8.441   -8.573  2.047   1.00 53.70  ? 76   PRO 1 CG  1 
ATOM   584  C CD  . PRO A 1 91  ? 7.281   -8.400  1.103   1.00 52.76  ? 76   PRO 1 CD  1 
ATOM   585  N N   . ASP A 1 92  ? 7.994   -12.822 2.524   1.00 60.18  ? 77   ASP 1 N   1 
ATOM   586  C CA  . ASP A 1 92  ? 7.487   -13.822 3.452   1.00 59.91  ? 77   ASP 1 CA  1 
ATOM   587  C C   . ASP A 1 92  ? 8.155   -13.748 4.819   1.00 57.70  ? 77   ASP 1 C   1 
ATOM   588  O O   . ASP A 1 92  ? 7.607   -14.246 5.799   1.00 55.35  ? 77   ASP 1 O   1 
ATOM   589  C CB  . ASP A 1 92  ? 7.662   -15.224 2.857   1.00 63.62  ? 77   ASP 1 CB  1 
ATOM   590  C CG  . ASP A 1 92  ? 7.454   -15.246 1.353   1.00 76.21  ? 77   ASP 1 CG  1 
ATOM   591  O OD1 . ASP A 1 92  ? 8.067   -14.401 0.658   1.00 81.08  ? 77   ASP 1 OD1 1 
ATOM   592  O OD2 . ASP A 1 92  ? 6.673   -16.092 0.865   1.00 79.90  ? 77   ASP 1 OD2 1 
ATOM   593  N N   . LYS A 1 93  ? 9.334   -13.128 4.880   1.00 59.91  ? 78   LYS 1 N   1 
ATOM   594  C CA  . LYS A 1 93  ? 10.117  -13.075 6.114   1.00 59.22  ? 78   LYS 1 CA  1 
ATOM   595  C C   . LYS A 1 93  ? 10.412  -11.652 6.589   1.00 60.57  ? 78   LYS 1 C   1 
ATOM   596  O O   . LYS A 1 93  ? 11.046  -11.459 7.626   1.00 63.83  ? 78   LYS 1 O   1 
ATOM   597  C CB  . LYS A 1 93  ? 11.441  -13.822 5.934   1.00 60.65  ? 78   LYS 1 CB  1 
ATOM   598  C CG  . LYS A 1 93  ? 11.318  -15.330 5.802   1.00 66.57  ? 78   LYS 1 CG  1 
ATOM   599  C CD  . LYS A 1 93  ? 12.680  -15.961 5.513   1.00 85.53  ? 78   LYS 1 CD  1 
ATOM   600  C CE  . LYS A 1 93  ? 12.626  -17.491 5.566   1.00 94.69  ? 78   LYS 1 CE  1 
ATOM   601  N NZ  . LYS A 1 93  ? 13.974  -18.123 5.384   1.00 86.44  ? 78   LYS 1 NZ  1 
ATOM   602  N N   . ASP A 1 94  ? 9.968   -10.660 5.829   1.00 55.87  ? 79   ASP 1 N   1 
ATOM   603  C CA  . ASP A 1 94  ? 10.284  -9.272  6.137   1.00 56.05  ? 79   ASP 1 CA  1 
ATOM   604  C C   . ASP A 1 94  ? 9.037   -8.414  6.267   1.00 53.35  ? 79   ASP 1 C   1 
ATOM   605  O O   . ASP A 1 94  ? 8.060   -8.615  5.552   1.00 55.21  ? 79   ASP 1 O   1 
ATOM   606  C CB  . ASP A 1 94  ? 11.167  -8.674  5.042   1.00 63.74  ? 79   ASP 1 CB  1 
ATOM   607  C CG  . ASP A 1 94  ? 12.512  -9.361  4.929   1.00 75.07  ? 79   ASP 1 CG  1 
ATOM   608  O OD1 . ASP A 1 94  ? 12.594  -10.395 4.223   1.00 78.18  ? 79   ASP 1 OD1 1 
ATOM   609  O OD2 . ASP A 1 94  ? 13.488  -8.855  5.532   1.00 79.48  ? 79   ASP 1 OD2 1 
ATOM   610  N N   . CYS A 1 95  ? 9.076   -7.448  7.175   1.00 52.46  ? 80   CYS 1 N   1 
ATOM   611  C CA  . CYS A 1 95  ? 8.009   -6.465  7.263   1.00 49.14  ? 80   CYS 1 CA  1 
ATOM   612  C C   . CYS A 1 95  ? 8.129   -5.442  6.151   1.00 50.12  ? 80   CYS 1 C   1 
ATOM   613  O O   . CYS A 1 95  ? 9.212   -5.239  5.600   1.00 46.35  ? 80   CYS 1 O   1 
ATOM   614  C CB  . CYS A 1 95  ? 8.036   -5.746  8.603   1.00 46.91  ? 80   CYS 1 CB  1 
ATOM   615  S SG  . CYS A 1 95  ? 7.867   -6.847  9.998   1.00 50.22  ? 80   CYS 1 SG  1 
ATOM   616  N N   . ARG A 1 96  ? 7.009   -4.803  5.821   1.00 48.72  ? 81   ARG 1 N   1 
ATOM   617  C CA  . ARG A 1 96  ? 6.996   -3.743  4.819   1.00 46.90  ? 81   ARG 1 CA  1 
ATOM   618  C C   . ARG A 1 96  ? 5.914   -2.730  5.140   1.00 46.05  ? 81   ARG 1 C   1 
ATOM   619  O O   . ARG A 1 96  ? 4.922   -3.060  5.799   1.00 45.48  ? 81   ARG 1 O   1 
ATOM   620  C CB  . ARG A 1 96  ? 6.738   -4.321  3.431   1.00 43.22  ? 81   ARG 1 CB  1 
ATOM   621  C CG  . ARG A 1 96  ? 7.903   -5.042  2.812   1.00 45.37  ? 81   ARG 1 CG  1 
ATOM   622  C CD  . ARG A 1 96  ? 9.106   -4.128  2.691   1.00 50.85  ? 81   ARG 1 CD  1 
ATOM   623  N NE  . ARG A 1 96  ? 10.195  -4.759  1.947   1.00 57.72  ? 81   ARG 1 NE  1 
ATOM   624  C CZ  . ARG A 1 96  ? 11.212  -5.404  2.506   1.00 51.23  ? 81   ARG 1 CZ  1 
ATOM   625  N NH1 . ARG A 1 96  ? 11.288  -5.505  3.822   1.00 53.88  ? 81   ARG 1 NH1 1 
ATOM   626  N NH2 . ARG A 1 96  ? 12.154  -5.945  1.747   1.00 53.14  ? 81   ARG 1 NH2 1 
ATOM   627  N N   . TYR A 1 97  ? 6.101   -1.496  4.680   1.00 45.34  ? 82   TYR 1 N   1 
ATOM   628  C CA  . TYR A 1 97  ? 4.985   -0.564  4.594   1.00 43.88  ? 82   TYR 1 CA  1 
ATOM   629  C C   . TYR A 1 97  ? 4.597   -0.544  3.146   1.00 44.98  ? 82   TYR 1 C   1 
ATOM   630  O O   . TYR A 1 97  ? 5.402   -0.881  2.278   1.00 48.53  ? 82   TYR 1 O   1 
ATOM   631  C CB  . TYR A 1 97  ? 5.382   0.840   5.018   1.00 43.93  ? 82   TYR 1 CB  1 
ATOM   632  C CG  . TYR A 1 97  ? 5.971   0.893   6.395   1.00 44.29  ? 82   TYR 1 CG  1 
ATOM   633  C CD1 . TYR A 1 97  ? 5.223   0.518   7.503   1.00 38.44  ? 82   TYR 1 CD1 1 
ATOM   634  C CD2 . TYR A 1 97  ? 7.280   1.318   6.591   1.00 42.74  ? 82   TYR 1 CD2 1 
ATOM   635  C CE1 . TYR A 1 97  ? 5.765   0.566   8.773   1.00 46.55  ? 82   TYR 1 CE1 1 
ATOM   636  C CE2 . TYR A 1 97  ? 7.830   1.373   7.856   1.00 41.81  ? 82   TYR 1 CE2 1 
ATOM   637  C CZ  . TYR A 1 97  ? 7.071   0.998   8.941   1.00 49.53  ? 82   TYR 1 CZ  1 
ATOM   638  O OH  . TYR A 1 97  ? 7.622   1.048   10.196  1.00 49.55  ? 82   TYR 1 OH  1 
ATOM   639  N N   . ALA A 1 98  ? 3.367   -0.150  2.866   1.00 46.19  ? 83   ALA 1 N   1 
ATOM   640  C CA  . ALA A 1 98  ? 2.955   -0.031  1.480   1.00 47.84  ? 83   ALA 1 CA  1 
ATOM   641  C C   . ALA A 1 98  ? 1.870   0.997   1.343   1.00 45.86  ? 83   ALA 1 C   1 
ATOM   642  O O   . ALA A 1 98  ? 1.119   1.253   2.286   1.00 45.61  ? 83   ALA 1 O   1 
ATOM   643  C CB  . ALA A 1 98  ? 2.472   -1.368  0.958   1.00 45.47  ? 83   ALA 1 CB  1 
ATOM   644  N N   . LEU A 1 99  ? 1.797   1.591   0.161   1.00 44.77  ? 84   LEU 1 N   1 
ATOM   645  C CA  . LEU A 1 99  ? 0.606   2.323   -0.234  1.00 48.28  ? 84   LEU 1 CA  1 
ATOM   646  C C   . LEU A 1 99  ? -0.018  1.579   -1.403  1.00 46.09  ? 84   LEU 1 C   1 
ATOM   647  O O   . LEU A 1 99  ? 0.673   1.186   -2.340  1.00 48.86  ? 84   LEU 1 O   1 
ATOM   648  C CB  . LEU A 1 99  ? 0.942   3.763   -0.619  1.00 48.18  ? 84   LEU 1 CB  1 
ATOM   649  C CG  . LEU A 1 99  ? 1.410   4.640   0.541   1.00 48.73  ? 84   LEU 1 CG  1 
ATOM   650  C CD1 . LEU A 1 99  ? 2.116   5.895   0.042   1.00 50.19  ? 84   LEU 1 CD1 1 
ATOM   651  C CD2 . LEU A 1 99  ? 0.227   5.009   1.409   1.00 48.97  ? 84   LEU 1 CD2 1 
ATOM   652  N N   . TYR A 1 100 ? -1.321  1.355   -1.326  1.00 45.61  ? 85   TYR 1 N   1 
ATOM   653  C CA  . TYR A 1 100 ? -2.058  0.752   -2.423  1.00 47.16  ? 85   TYR 1 CA  1 
ATOM   654  C C   . TYR A 1 100 ? -3.217  1.672   -2.802  1.00 53.35  ? 85   TYR 1 C   1 
ATOM   655  O O   . TYR A 1 100 ? -4.033  2.023   -1.945  1.00 53.54  ? 85   TYR 1 O   1 
ATOM   656  C CB  . TYR A 1 100 ? -2.583  -0.615  -2.001  1.00 46.51  ? 85   TYR 1 CB  1 
ATOM   657  C CG  . TYR A 1 100 ? -3.356  -1.322  -3.078  1.00 50.28  ? 85   TYR 1 CG  1 
ATOM   658  C CD1 . TYR A 1 100 ? -4.722  -1.125  -3.220  1.00 52.38  ? 85   TYR 1 CD1 1 
ATOM   659  C CD2 . TYR A 1 100 ? -2.725  -2.192  -3.955  1.00 45.55  ? 85   TYR 1 CD2 1 
ATOM   660  C CE1 . TYR A 1 100 ? -5.442  -1.775  -4.211  1.00 49.13  ? 85   TYR 1 CE1 1 
ATOM   661  C CE2 . TYR A 1 100 ? -3.437  -2.840  -4.952  1.00 49.97  ? 85   TYR 1 CE2 1 
ATOM   662  C CZ  . TYR A 1 100 ? -4.796  -2.625  -5.071  1.00 49.02  ? 85   TYR 1 CZ  1 
ATOM   663  O OH  . TYR A 1 100 ? -5.512  -3.262  -6.050  1.00 55.14  ? 85   TYR 1 OH  1 
ATOM   664  N N   . ASP A 1 101 ? -3.278  2.078   -4.069  1.00 52.70  ? 86   ASP 1 N   1 
ATOM   665  C CA  . ASP A 1 101 ? -4.378  2.915   -4.549  1.00 51.39  ? 86   ASP 1 CA  1 
ATOM   666  C C   . ASP A 1 101 ? -5.505  2.006   -5.009  1.00 47.75  ? 86   ASP 1 C   1 
ATOM   667  O O   . ASP A 1 101 ? -5.416  1.375   -6.057  1.00 45.54  ? 86   ASP 1 O   1 
ATOM   668  C CB  . ASP A 1 101 ? -3.926  3.822   -5.692  1.00 54.61  ? 86   ASP 1 CB  1 
ATOM   669  C CG  . ASP A 1 101 ? -4.859  5.015   -5.907  1.00 65.72  ? 86   ASP 1 CG  1 
ATOM   670  O OD1 . ASP A 1 101 ? -6.050  4.928   -5.526  1.00 60.66  ? 86   ASP 1 OD1 1 
ATOM   671  O OD2 . ASP A 1 101 ? -4.397  6.039   -6.463  1.00 70.66  ? 86   ASP 1 OD2 1 
ATOM   672  N N   . ALA A 1 102 ? -6.563  1.935   -4.209  1.00 49.93  ? 87   ALA 1 N   1 
ATOM   673  C CA  . ALA A 1 102 ? -7.637  0.978   -4.453  1.00 48.90  ? 87   ALA 1 CA  1 
ATOM   674  C C   . ALA A 1 102 ? -8.752  1.543   -5.301  1.00 54.78  ? 87   ALA 1 C   1 
ATOM   675  O O   . ALA A 1 102 ? -9.151  2.700   -5.145  1.00 59.52  ? 87   ALA 1 O   1 
ATOM   676  C CB  . ALA A 1 102 ? -8.208  0.465   -3.140  1.00 51.20  ? 87   ALA 1 CB  1 
ATOM   677  N N   . THR A 1 103 ? -9.268  0.704   -6.187  1.00 49.97  ? 88   THR 1 N   1 
ATOM   678  C CA  . THR A 1 103 ? -10.449 1.043   -6.960  1.00 52.39  ? 88   THR 1 CA  1 
ATOM   679  C C   . THR A 1 103 ? -11.533 0.031   -6.600  1.00 52.60  ? 88   THR 1 C   1 
ATOM   680  O O   . THR A 1 103 ? -11.323 -1.181  -6.695  1.00 47.81  ? 88   THR 1 O   1 
ATOM   681  C CB  . THR A 1 103 ? -10.136 1.038   -8.471  1.00 53.13  ? 88   THR 1 CB  1 
ATOM   682  O OG1 . THR A 1 103 ? -9.352  2.195   -8.794  1.00 55.08  ? 88   THR 1 OG1 1 
ATOM   683  C CG2 . THR A 1 103 ? -11.407 1.050   -9.291  1.00 47.81  ? 88   THR 1 CG2 1 
ATOM   684  N N   . TYR A 1 104 ? -12.687 0.531   -6.168  1.00 52.01  ? 89   TYR 1 N   1 
ATOM   685  C CA  . TYR A 1 104 ? -13.735 -0.338  -5.650  1.00 53.49  ? 89   TYR 1 CA  1 
ATOM   686  C C   . TYR A 1 104 ? -15.123 0.262   -5.835  1.00 53.69  ? 89   TYR 1 C   1 
ATOM   687  O O   . TYR A 1 104 ? -15.258 1.468   -6.052  1.00 53.35  ? 89   TYR 1 O   1 
ATOM   688  C CB  . TYR A 1 104 ? -13.486 -0.646  -4.172  1.00 45.33  ? 89   TYR 1 CB  1 
ATOM   689  C CG  . TYR A 1 104 ? -13.567 0.563   -3.281  1.00 47.62  ? 89   TYR 1 CG  1 
ATOM   690  C CD1 . TYR A 1 104 ? -12.587 1.543   -3.320  1.00 49.52  ? 89   TYR 1 CD1 1 
ATOM   691  C CD2 . TYR A 1 104 ? -14.611 0.719   -2.383  1.00 49.62  ? 89   TYR 1 CD2 1 
ATOM   692  C CE1 . TYR A 1 104 ? -12.652 2.654   -2.501  1.00 50.25  ? 89   TYR 1 CE1 1 
ATOM   693  C CE2 . TYR A 1 104 ? -14.682 1.825   -1.554  1.00 49.11  ? 89   TYR 1 CE2 1 
ATOM   694  C CZ  . TYR A 1 104 ? -13.701 2.790   -1.622  1.00 50.71  ? 89   TYR 1 CZ  1 
ATOM   695  O OH  . TYR A 1 104 ? -13.758 3.896   -0.807  1.00 53.20  ? 89   TYR 1 OH  1 
ATOM   696  N N   . GLU A 1 105 ? -16.143 -0.589  -5.731  1.00 51.15  ? 90   GLU 1 N   1 
ATOM   697  C CA  . GLU A 1 105 ? -17.524 -0.198  -5.974  1.00 52.08  ? 90   GLU 1 CA  1 
ATOM   698  C C   . GLU A 1 105 ? -18.475 -0.507  -4.813  1.00 58.86  ? 90   GLU 1 C   1 
ATOM   699  O O   . GLU A 1 105 ? -18.424 -1.589  -4.220  1.00 63.04  ? 90   GLU 1 O   1 
ATOM   700  C CB  . GLU A 1 105 ? -18.047 -0.924  -7.216  1.00 55.43  ? 90   GLU 1 CB  1 
ATOM   701  C CG  . GLU A 1 105 ? -17.381 -0.535  -8.515  1.00 57.93  ? 90   GLU 1 CG  1 
ATOM   702  C CD  . GLU A 1 105 ? -17.817 -1.419  -9.667  1.00 59.37  ? 90   GLU 1 CD  1 
ATOM   703  O OE1 . GLU A 1 105 ? -18.524 -2.418  -9.413  1.00 56.99  ? 90   GLU 1 OE1 1 
ATOM   704  O OE2 . GLU A 1 105 ? -17.455 -1.116  -10.823 1.00 63.28  ? 90   GLU 1 OE2 1 
ATOM   705  N N   . THR A 1 106 ? -19.357 0.442   -4.511  1.00 56.17  ? 91   THR 1 N   1 
ATOM   706  C CA  . THR A 1 106 ? -20.535 0.185   -3.683  1.00 61.40  ? 91   THR 1 CA  1 
ATOM   707  C C   . THR A 1 106 ? -21.734 0.146   -4.622  1.00 64.92  ? 91   THR 1 C   1 
ATOM   708  O O   . THR A 1 106 ? -21.552 0.035   -5.833  1.00 67.86  ? 91   THR 1 O   1 
ATOM   709  C CB  . THR A 1 106 ? -20.746 1.280   -2.632  1.00 61.82  ? 91   THR 1 CB  1 
ATOM   710  O OG1 . THR A 1 106 ? -21.154 2.492   -3.276  1.00 57.64  ? 91   THR 1 OG1 1 
ATOM   711  C CG2 . THR A 1 106 ? -19.459 1.517   -1.864  1.00 58.50  ? 91   THR 1 CG2 1 
ATOM   712  N N   . LYS A 1 107 ? -22.952 0.244   -4.091  1.00 66.07  ? 92   LYS 1 N   1 
ATOM   713  C CA  . LYS A 1 107 ? -24.142 0.272   -4.952  1.00 60.03  ? 92   LYS 1 CA  1 
ATOM   714  C C   . LYS A 1 107 ? -24.473 1.699   -5.337  1.00 64.12  ? 92   LYS 1 C   1 
ATOM   715  O O   . LYS A 1 107 ? -25.411 1.942   -6.091  1.00 62.96  ? 92   LYS 1 O   1 
ATOM   716  C CB  . LYS A 1 107 ? -25.357 -0.365  -4.274  1.00 59.45  ? 92   LYS 1 CB  1 
ATOM   717  C CG  . LYS A 1 107 ? -25.354 -1.887  -4.216  1.00 64.46  ? 92   LYS 1 CG  1 
ATOM   718  C CD  . LYS A 1 107 ? -26.721 -2.419  -3.785  1.00 64.51  ? 92   LYS 1 CD  1 
ATOM   719  C CE  . LYS A 1 107 ? -26.718 -3.931  -3.616  1.00 78.25  ? 92   LYS 1 CE  1 
ATOM   720  N NZ  . LYS A 1 107 ? -25.761 -4.386  -2.559  1.00 92.34  ? 92   LYS 1 NZ  1 
ATOM   721  N N   . GLU A 1 108 ? -23.694 2.635   -4.805  1.00 64.30  ? 93   GLU 1 N   1 
ATOM   722  C CA  . GLU A 1 108 ? -23.917 4.057   -5.016  1.00 61.64  ? 93   GLU 1 CA  1 
ATOM   723  C C   . GLU A 1 108 ? -22.925 4.610   -6.011  1.00 59.95  ? 93   GLU 1 C   1 
ATOM   724  O O   . GLU A 1 108 ? -23.268 5.369   -6.911  1.00 64.53  ? 93   GLU 1 O   1 
ATOM   725  C CB  . GLU A 1 108 ? -23.727 4.811   -3.698  1.00 67.67  ? 93   GLU 1 CB  1 
ATOM   726  C CG  . GLU A 1 108 ? -24.795 4.535   -2.668  1.00 73.26  ? 93   GLU 1 CG  1 
ATOM   727  C CD  . GLU A 1 108 ? -26.111 5.195   -3.027  1.00 88.35  ? 93   GLU 1 CD  1 
ATOM   728  O OE1 . GLU A 1 108 ? -26.138 6.448   -3.103  1.00 83.21  ? 93   GLU 1 OE1 1 
ATOM   729  O OE2 . GLU A 1 108 ? -27.105 4.463   -3.244  1.00 88.19  ? 93   GLU 1 OE2 1 
ATOM   730  N N   . SER A 1 109 ? -21.678 4.215   -5.841  1.00 60.30  ? 94   SER 1 N   1 
ATOM   731  C CA  . SER A 1 109 ? -20.593 4.919   -6.477  1.00 55.82  ? 94   SER 1 CA  1 
ATOM   732  C C   . SER A 1 109 ? -19.442 3.970   -6.785  1.00 57.29  ? 94   SER 1 C   1 
ATOM   733  O O   . SER A 1 109 ? -19.332 2.901   -6.191  1.00 56.58  ? 94   SER 1 O   1 
ATOM   734  C CB  . SER A 1 109 ? -20.129 6.014   -5.526  1.00 57.89  ? 94   SER 1 CB  1 
ATOM   735  O OG  . SER A 1 109 ? -19.512 7.067   -6.228  1.00 72.42  ? 94   SER 1 OG  1 
ATOM   736  N N   . LYS A 1 110 ? -18.602 4.354   -7.738  1.00 57.24  ? 95   LYS 1 N   1 
ATOM   737  C CA  . LYS A 1 110 ? -17.350 3.656   -7.985  1.00 51.14  ? 95   LYS 1 CA  1 
ATOM   738  C C   . LYS A 1 110 ? -16.269 4.596   -7.488  1.00 55.32  ? 95   LYS 1 C   1 
ATOM   739  O O   . LYS A 1 110 ? -16.083 5.685   -8.043  1.00 55.91  ? 95   LYS 1 O   1 
ATOM   740  C CB  . LYS A 1 110 ? -17.171 3.364   -9.475  1.00 51.93  ? 95   LYS 1 CB  1 
ATOM   741  C CG  . LYS A 1 110 ? -15.795 2.822   -9.854  1.00 57.15  ? 95   LYS 1 CG  1 
ATOM   742  C CD  . LYS A 1 110 ? -15.676 2.558   -11.358 1.00 50.25  ? 95   LYS 1 CD  1 
ATOM   743  C CE  . LYS A 1 110 ? -14.213 2.529   -11.788 1.00 54.91  ? 95   LYS 1 CE  1 
ATOM   744  N NZ  . LYS A 1 110 ? -13.997 2.056   -13.198 1.00 57.92  ? 95   LYS 1 NZ  1 
ATOM   745  N N   . LYS A 1 111 ? -15.582 4.204   -6.419  1.00 54.59  ? 96   LYS 1 N   1 
ATOM   746  C CA  . LYS A 1 111 ? -14.647 5.118   -5.771  1.00 55.95  ? 96   LYS 1 CA  1 
ATOM   747  C C   . LYS A 1 111 ? -13.201 4.668   -5.854  1.00 53.36  ? 96   LYS 1 C   1 
ATOM   748  O O   . LYS A 1 111 ? -12.894 3.552   -6.277  1.00 59.40  ? 96   LYS 1 O   1 
ATOM   749  C CB  . LYS A 1 111 ? -15.019 5.345   -4.306  1.00 58.09  ? 96   LYS 1 CB  1 
ATOM   750  C CG  . LYS A 1 111 ? -16.395 4.854   -3.885  1.00 56.74  ? 96   LYS 1 CG  1 
ATOM   751  C CD  . LYS A 1 111 ? -16.666 5.259   -2.433  1.00 58.60  ? 96   LYS 1 CD  1 
ATOM   752  C CE  . LYS A 1 111 ? -18.054 4.834   -1.963  1.00 69.38  ? 96   LYS 1 CE  1 
ATOM   753  N NZ  . LYS A 1 111 ? -18.377 5.334   -0.586  1.00 75.09  ? 96   LYS 1 NZ  1 
ATOM   754  N N   . GLU A 1 112 ? -12.306 5.558   -5.457  1.00 55.27  ? 97   GLU 1 N   1 
ATOM   755  C CA  . GLU A 1 112 ? -10.894 5.219   -5.383  1.00 58.91  ? 97   GLU 1 CA  1 
ATOM   756  C C   . GLU A 1 112 ? -10.272 5.890   -4.174  1.00 60.44  ? 97   GLU 1 C   1 
ATOM   757  O O   . GLU A 1 112 ? -10.512 7.076   -3.906  1.00 58.35  ? 97   GLU 1 O   1 
ATOM   758  C CB  . GLU A 1 112 ? -10.150 5.570   -6.674  1.00 56.46  ? 97   GLU 1 CB  1 
ATOM   759  C CG  . GLU A 1 112 ? -10.367 6.979   -7.181  1.00 63.59  ? 97   GLU 1 CG  1 
ATOM   760  C CD  . GLU A 1 112 ? -9.848  7.166   -8.601  1.00 74.71  ? 97   GLU 1 CD  1 
ATOM   761  O OE1 . GLU A 1 112 ? -9.560  6.147   -9.273  1.00 65.16  ? 97   GLU 1 OE1 1 
ATOM   762  O OE2 . GLU A 1 112 ? -9.733  8.332   -9.046  1.00 81.91  ? 97   GLU 1 OE2 1 
ATOM   763  N N   . ASP A 1 113 ? -9.503  5.110   -3.424  1.00 56.84  ? 98   ASP 1 N   1 
ATOM   764  C CA  . ASP A 1 113 ? -8.917  5.598   -2.189  1.00 56.29  ? 98   ASP 1 CA  1 
ATOM   765  C C   . ASP A 1 113 ? -7.566  4.978   -1.941  1.00 54.82  ? 98   ASP 1 C   1 
ATOM   766  O O   . ASP A 1 113 ? -7.307  3.832   -2.313  1.00 55.76  ? 98   ASP 1 O   1 
ATOM   767  C CB  . ASP A 1 113 ? -9.834  5.322   -1.001  1.00 55.31  ? 98   ASP 1 CB  1 
ATOM   768  C CG  . ASP A 1 113 ? -10.978 6.305   -0.910  1.00 66.44  ? 98   ASP 1 CG  1 
ATOM   769  O OD1 . ASP A 1 113 ? -10.768 7.502   -1.208  1.00 71.46  ? 98   ASP 1 OD1 1 
ATOM   770  O OD2 . ASP A 1 113 ? -12.092 5.879   -0.542  1.00 68.00  ? 98   ASP 1 OD2 1 
ATOM   771  N N   . LEU A 1 114 ? -6.715  5.761   -1.298  1.00 53.01  ? 99   LEU 1 N   1 
ATOM   772  C CA  . LEU A 1 114 ? -5.371  5.355   -0.960  1.00 53.65  ? 99   LEU 1 CA  1 
ATOM   773  C C   . LEU A 1 114 ? -5.379  4.600   0.363   1.00 53.35  ? 99   LEU 1 C   1 
ATOM   774  O O   . LEU A 1 114 ? -5.867  5.114   1.365   1.00 59.01  ? 99   LEU 1 O   1 
ATOM   775  C CB  . LEU A 1 114 ? -4.512  6.601   -0.811  1.00 48.34  ? 99   LEU 1 CB  1 
ATOM   776  C CG  . LEU A 1 114 ? -3.120  6.521   -1.405  1.00 56.97  ? 99   LEU 1 CG  1 
ATOM   777  C CD1 . LEU A 1 114 ? -3.217  6.188   -2.879  1.00 61.92  ? 99   LEU 1 CD1 1 
ATOM   778  C CD2 . LEU A 1 114 ? -2.420  7.843   -1.191  1.00 65.75  ? 99   LEU 1 CD2 1 
ATOM   779  N N   . VAL A 1 115 ? -4.835  3.388   0.367   1.00 49.82  ? 100  VAL 1 N   1 
ATOM   780  C CA  . VAL A 1 115 ? -4.729  2.607   1.593   1.00 49.42  ? 100  VAL 1 CA  1 
ATOM   781  C C   . VAL A 1 115 ? -3.276  2.412   2.003   1.00 50.34  ? 100  VAL 1 C   1 
ATOM   782  O O   . VAL A 1 115 ? -2.459  1.913   1.217   1.00 46.87  ? 100  VAL 1 O   1 
ATOM   783  C CB  . VAL A 1 115 ? -5.322  1.205   1.438   1.00 46.20  ? 100  VAL 1 CB  1 
ATOM   784  C CG1 . VAL A 1 115 ? -5.186  0.452   2.732   1.00 42.68  ? 100  VAL 1 CG1 1 
ATOM   785  C CG2 . VAL A 1 115 ? -6.764  1.274   1.025   1.00 49.38  ? 100  VAL 1 CG2 1 
ATOM   786  N N   . PHE A 1 116 ? -2.969  2.794   3.240   1.00 45.76  ? 101  PHE 1 N   1 
ATOM   787  C CA  . PHE A 1 116 ? -1.672  2.530   3.845   1.00 46.27  ? 101  PHE 1 CA  1 
ATOM   788  C C   . PHE A 1 116 ? -1.656  1.117   4.437   1.00 49.85  ? 101  PHE 1 C   1 
ATOM   789  O O   . PHE A 1 116 ? -2.563  0.744   5.178   1.00 49.24  ? 101  PHE 1 O   1 
ATOM   790  C CB  . PHE A 1 116 ? -1.406  3.548   4.945   1.00 42.15  ? 101  PHE 1 CB  1 
ATOM   791  C CG  . PHE A 1 116 ? -0.159  3.282   5.723   1.00 52.39  ? 101  PHE 1 CG  1 
ATOM   792  C CD1 . PHE A 1 116 ? 1.086   3.409   5.124   1.00 53.76  ? 101  PHE 1 CD1 1 
ATOM   793  C CD2 . PHE A 1 116 ? -0.221  2.909   7.054   1.00 53.68  ? 101  PHE 1 CD2 1 
ATOM   794  C CE1 . PHE A 1 116 ? 2.248   3.165   5.837   1.00 48.55  ? 101  PHE 1 CE1 1 
ATOM   795  C CE2 . PHE A 1 116 ? 0.940   2.666   7.774   1.00 55.69  ? 101  PHE 1 CE2 1 
ATOM   796  C CZ  . PHE A 1 116 ? 2.176   2.797   7.161   1.00 52.51  ? 101  PHE 1 CZ  1 
ATOM   797  N N   . ILE A 1 117 ? -0.629  0.335   4.120   1.00 44.67  ? 102  ILE 1 N   1 
ATOM   798  C CA  . ILE A 1 117 ? -0.566  -1.047  4.582   1.00 46.03  ? 102  ILE 1 CA  1 
ATOM   799  C C   . ILE A 1 117 ? 0.654   -1.338  5.454   1.00 42.78  ? 102  ILE 1 C   1 
ATOM   800  O O   . ILE A 1 117 ? 1.777   -1.037  5.065   1.00 42.58  ? 102  ILE 1 O   1 
ATOM   801  C CB  . ILE A 1 117 ? -0.467  -2.007  3.408   1.00 49.72  ? 102  ILE 1 CB  1 
ATOM   802  C CG1 . ILE A 1 117 ? -1.457  -1.626  2.297   1.00 43.04  ? 102  ILE 1 CG1 1 
ATOM   803  C CG2 . ILE A 1 117 ? -0.656  -3.427  3.897   1.00 45.66  ? 102  ILE 1 CG2 1 
ATOM   804  C CD1 . ILE A 1 117 ? -2.825  -2.168  2.488   1.00 39.62  ? 102  ILE 1 CD1 1 
ATOM   805  N N   . PHE A 1 118 ? 0.432   -1.942  6.618   1.00 41.69  ? 103  PHE 1 N   1 
ATOM   806  C CA  . PHE A 1 118 ? 1.525   -2.435  7.446   1.00 44.54  ? 103  PHE 1 CA  1 
ATOM   807  C C   . PHE A 1 118 ? 1.582   -3.960  7.337   1.00 50.57  ? 103  PHE 1 C   1 
ATOM   808  O O   . PHE A 1 118 ? 0.671   -4.660  7.786   1.00 54.07  ? 103  PHE 1 O   1 
ATOM   809  C CB  . PHE A 1 118 ? 1.347   -2.010  8.907   1.00 45.85  ? 103  PHE 1 CB  1 
ATOM   810  C CG  . PHE A 1 118 ? 2.422   -2.537  9.838   1.00 46.05  ? 103  PHE 1 CG  1 
ATOM   811  C CD1 . PHE A 1 118 ? 3.671   -2.911  9.358   1.00 40.18  ? 103  PHE 1 CD1 1 
ATOM   812  C CD2 . PHE A 1 118 ? 2.175   -2.660  11.199  1.00 49.87  ? 103  PHE 1 CD2 1 
ATOM   813  C CE1 . PHE A 1 118 ? 4.650   -3.394  10.215  1.00 47.43  ? 103  PHE 1 CE1 1 
ATOM   814  C CE2 . PHE A 1 118 ? 3.153   -3.148  12.068  1.00 47.92  ? 103  PHE 1 CE2 1 
ATOM   815  C CZ  . PHE A 1 118 ? 4.392   -3.516  11.573  1.00 47.96  ? 103  PHE 1 CZ  1 
ATOM   816  N N   . TRP A 1 119 ? 2.662   -4.467  6.748   1.00 46.00  ? 104  TRP 1 N   1 
ATOM   817  C CA  . TRP A 1 119 ? 2.835   -5.900  6.547   1.00 46.42  ? 104  TRP 1 CA  1 
ATOM   818  C C   . TRP A 1 119 ? 3.879   -6.440  7.501   1.00 45.51  ? 104  TRP 1 C   1 
ATOM   819  O O   . TRP A 1 119 ? 5.045   -6.074  7.431   1.00 42.92  ? 104  TRP 1 O   1 
ATOM   820  C CB  . TRP A 1 119 ? 3.277   -6.168  5.109   1.00 46.41  ? 104  TRP 1 CB  1 
ATOM   821  C CG  . TRP A 1 119 ? 3.671   -7.592  4.802   1.00 45.44  ? 104  TRP 1 CG  1 
ATOM   822  C CD1 . TRP A 1 119 ? 4.896   -8.031  4.382   1.00 49.23  ? 104  TRP 1 CD1 1 
ATOM   823  C CD2 . TRP A 1 119 ? 2.828   -8.749  4.857   1.00 47.80  ? 104  TRP 1 CD2 1 
ATOM   824  N NE1 . TRP A 1 119 ? 4.867   -9.391  4.175   1.00 50.75  ? 104  TRP 1 NE1 1 
ATOM   825  C CE2 . TRP A 1 119 ? 3.612   -9.856  4.458   1.00 51.33  ? 104  TRP 1 CE2 1 
ATOM   826  C CE3 . TRP A 1 119 ? 1.491   -8.962  5.205   1.00 45.49  ? 104  TRP 1 CE3 1 
ATOM   827  C CZ2 . TRP A 1 119 ? 3.095   -11.151 4.402   1.00 48.18  ? 104  TRP 1 CZ2 1 
ATOM   828  C CZ3 . TRP A 1 119 ? 0.982   -10.243 5.150   1.00 46.45  ? 104  TRP 1 CZ3 1 
ATOM   829  C CH2 . TRP A 1 119 ? 1.782   -11.324 4.749   1.00 49.92  ? 104  TRP 1 CH2 1 
ATOM   830  N N   . ALA A 1 120 ? 3.448   -7.315  8.393   1.00 47.75  ? 105  ALA 1 N   1 
ATOM   831  C CA  . ALA A 1 120 ? 4.338   -7.947  9.349   1.00 45.98  ? 105  ALA 1 CA  1 
ATOM   832  C C   . ALA A 1 120 ? 4.036   -9.434  9.338   1.00 47.75  ? 105  ALA 1 C   1 
ATOM   833  O O   . ALA A 1 120 ? 3.245   -9.917  10.146  1.00 49.97  ? 105  ALA 1 O   1 
ATOM   834  C CB  . ALA A 1 120 ? 4.114   -7.373  10.731  1.00 44.92  ? 105  ALA 1 CB  1 
ATOM   835  N N   . PRO A 1 121 ? 4.669   -10.165 8.413   1.00 49.64  ? 106  PRO 1 N   1 
ATOM   836  C CA  . PRO A 1 121 ? 4.376   -11.589 8.189   1.00 47.45  ? 106  PRO 1 CA  1 
ATOM   837  C C   . PRO A 1 121 ? 4.747   -12.439 9.394   1.00 51.10  ? 106  PRO 1 C   1 
ATOM   838  O O   . PRO A 1 121 ? 5.718   -12.114 10.078  1.00 58.20  ? 106  PRO 1 O   1 
ATOM   839  C CB  . PRO A 1 121 ? 5.250   -11.942 6.981   1.00 46.10  ? 106  PRO 1 CB  1 
ATOM   840  C CG  . PRO A 1 121 ? 6.349   -10.919 6.981   1.00 50.00  ? 106  PRO 1 CG  1 
ATOM   841  C CD  . PRO A 1 121 ? 5.772   -9.668  7.568   1.00 46.67  ? 106  PRO 1 CD  1 
ATOM   842  N N   . GLU A 1 122 ? 3.984   -13.502 9.646   1.00 55.56  ? 107  GLU 1 N   1 
ATOM   843  C CA  . GLU A 1 122 ? 4.198   -14.372 10.809  1.00 52.18  ? 107  GLU 1 CA  1 
ATOM   844  C C   . GLU A 1 122 ? 5.658   -14.768 10.982  1.00 51.21  ? 107  GLU 1 C   1 
ATOM   845  O O   . GLU A 1 122 ? 6.240   -14.557 12.041  1.00 54.76  ? 107  GLU 1 O   1 
ATOM   846  C CB  . GLU A 1 122 ? 3.339   -15.626 10.678  1.00 50.38  ? 107  GLU 1 CB  1 
ATOM   847  C CG  . GLU A 1 122 ? 3.109   -16.370 11.975  1.00 54.31  ? 107  GLU 1 CG  1 
ATOM   848  C CD  . GLU A 1 122 ? 1.958   -17.354 11.867  1.00 57.98  ? 107  GLU 1 CD  1 
ATOM   849  O OE1 . GLU A 1 122 ? 1.744   -17.888 10.757  1.00 62.45  ? 107  GLU 1 OE1 1 
ATOM   850  O OE2 . GLU A 1 122 ? 1.257   -17.576 12.882  1.00 53.73  ? 107  GLU 1 OE2 1 
ATOM   851  N N   . SER A 1 123 ? 6.243   -15.297 9.909   1.00 54.27  ? 108  SER 1 N   1 
ATOM   852  C CA  . SER A 1 123 ? 7.597   -15.857 9.907   1.00 54.34  ? 108  SER 1 CA  1 
ATOM   853  C C   . SER A 1 123 ? 8.716   -14.846 10.095  1.00 55.96  ? 108  SER 1 C   1 
ATOM   854  O O   . SER A 1 123 ? 9.889   -15.219 10.134  1.00 65.68  ? 108  SER 1 O   1 
ATOM   855  C CB  . SER A 1 123 ? 7.859   -16.584 8.583   1.00 57.09  ? 108  SER 1 CB  1 
ATOM   856  O OG  . SER A 1 123 ? 6.649   -16.958 7.947   1.00 69.89  ? 108  SER 1 OG  1 
ATOM   857  N N   . ALA A 1 124 ? 8.382   -13.568 10.166  1.00 55.36  ? 109  ALA 1 N   1 
ATOM   858  C CA  . ALA A 1 124 ? 9.423   -12.568 10.334  1.00 57.21  ? 109  ALA 1 CA  1 
ATOM   859  C C   . ALA A 1 124 ? 9.931   -12.632 11.768  1.00 59.56  ? 109  ALA 1 C   1 
ATOM   860  O O   . ALA A 1 124 ? 9.175   -12.999 12.680  1.00 61.71  ? 109  ALA 1 O   1 
ATOM   861  C CB  . ALA A 1 124 ? 8.895   -11.194 10.017  1.00 56.72  ? 109  ALA 1 CB  1 
ATOM   862  N N   . PRO A 1 125 ? 11.217  -12.301 11.967  1.00 52.97  ? 110  PRO 1 N   1 
ATOM   863  C CA  . PRO A 1 125 ? 11.797  -12.173 13.306  1.00 53.11  ? 110  PRO 1 CA  1 
ATOM   864  C C   . PRO A 1 125 ? 10.958  -11.229 14.157  1.00 56.25  ? 110  PRO 1 C   1 
ATOM   865  O O   . PRO A 1 125 ? 10.591  -10.154 13.674  1.00 55.61  ? 110  PRO 1 O   1 
ATOM   866  C CB  . PRO A 1 125 ? 13.148  -11.517 13.029  1.00 55.30  ? 110  PRO 1 CB  1 
ATOM   867  C CG  . PRO A 1 125 ? 13.513  -11.987 11.678  1.00 54.39  ? 110  PRO 1 CG  1 
ATOM   868  C CD  . PRO A 1 125 ? 12.219  -12.080 10.911  1.00 58.68  ? 110  PRO 1 CD  1 
ATOM   869  N N   . LEU A 1 126 ? 10.654  -11.622 15.390  1.00 55.90  ? 111  LEU 1 N   1 
ATOM   870  C CA  . LEU A 1 126 ? 9.865   -10.779 16.276  1.00 54.25  ? 111  LEU 1 CA  1 
ATOM   871  C C   . LEU A 1 126 ? 10.543  -9.425  16.515  1.00 58.03  ? 111  LEU 1 C   1 
ATOM   872  O O   . LEU A 1 126 ? 9.874   -8.394  16.602  1.00 54.42  ? 111  LEU 1 O   1 
ATOM   873  C CB  . LEU A 1 126 ? 9.586   -11.495 17.596  1.00 52.19  ? 111  LEU 1 CB  1 
ATOM   874  C CG  . LEU A 1 126 ? 8.840   -10.708 18.675  1.00 57.18  ? 111  LEU 1 CG  1 
ATOM   875  C CD1 . LEU A 1 126 ? 7.491   -10.185 18.167  1.00 56.30  ? 111  LEU 1 CD1 1 
ATOM   876  C CD2 . LEU A 1 126 ? 8.648   -11.568 19.918  1.00 55.78  ? 111  LEU 1 CD2 1 
ATOM   877  N N   . LYS A 1 127 ? 11.868  -9.423  16.602  1.00 59.60  ? 112  LYS 1 N   1 
ATOM   878  C CA  . LYS A 1 127 ? 12.608  -8.173  16.736  1.00 55.12  ? 112  LYS 1 CA  1 
ATOM   879  C C   . LYS A 1 127 ? 12.254  -7.243  15.579  1.00 55.65  ? 112  LYS 1 C   1 
ATOM   880  O O   . LYS A 1 127 ? 11.982  -6.063  15.775  1.00 55.21  ? 112  LYS 1 O   1 
ATOM   881  C CB  . LYS A 1 127 ? 14.113  -8.451  16.747  1.00 58.99  ? 112  LYS 1 CB  1 
ATOM   882  C CG  . LYS A 1 127 ? 15.000  -7.240  17.026  1.00 68.56  ? 112  LYS 1 CG  1 
ATOM   883  C CD  . LYS A 1 127 ? 16.475  -7.595  16.796  1.00 78.45  ? 112  LYS 1 CD  1 
ATOM   884  C CE  . LYS A 1 127 ? 17.426  -6.684  17.568  1.00 87.19  ? 112  LYS 1 CE  1 
ATOM   885  N NZ  . LYS A 1 127 ? 18.797  -7.278  17.681  1.00 95.90  ? 112  LYS 1 NZ  1 
ATOM   886  N N   . SER A 1 128 ? 12.238  -7.794  14.371  1.00 60.31  ? 113  SER 1 N   1 
ATOM   887  C CA  . SER A 1 128 ? 11.941  -7.017  13.175  1.00 57.37  ? 113  SER 1 CA  1 
ATOM   888  C C   . SER A 1 128 ? 10.526  -6.407  13.204  1.00 56.17  ? 113  SER 1 C   1 
ATOM   889  O O   . SER A 1 128 ? 10.362  -5.220  12.913  1.00 55.56  ? 113  SER 1 O   1 
ATOM   890  C CB  . SER A 1 128 ? 12.167  -7.878  11.924  1.00 62.15  ? 113  SER 1 CB  1 
ATOM   891  O OG  . SER A 1 128 ? 11.908  -7.152  10.732  1.00 73.72  ? 113  SER 1 OG  1 
ATOM   892  N N   . LYS A 1 129 ? 9.520   -7.203  13.569  1.00 52.79  ? 114  LYS 1 N   1 
ATOM   893  C CA  . LYS A 1 129 ? 8.143   -6.711  13.674  1.00 52.03  ? 114  LYS 1 CA  1 
ATOM   894  C C   . LYS A 1 129 ? 8.015   -5.532  14.636  1.00 53.66  ? 114  LYS 1 C   1 
ATOM   895  O O   . LYS A 1 129 ? 7.345   -4.540  14.340  1.00 52.09  ? 114  LYS 1 O   1 
ATOM   896  C CB  . LYS A 1 129 ? 7.198   -7.818  14.154  1.00 53.61  ? 114  LYS 1 CB  1 
ATOM   897  C CG  . LYS A 1 129 ? 7.030   -8.996  13.221  1.00 51.97  ? 114  LYS 1 CG  1 
ATOM   898  C CD  . LYS A 1 129 ? 5.955   -9.931  13.762  1.00 57.40  ? 114  LYS 1 CD  1 
ATOM   899  C CE  . LYS A 1 129 ? 6.130   -11.350 13.239  1.00 60.88  ? 114  LYS 1 CE  1 
ATOM   900  N NZ  . LYS A 1 129 ? 4.867   -12.119 13.383  1.00 62.31  ? 114  LYS 1 NZ  1 
ATOM   901  N N   . MET A 1 130 ? 8.637   -5.670  15.802  1.00 57.38  ? 115  MET 1 N   1 
ATOM   902  C CA  . MET A 1 130 ? 8.611   -4.641  16.835  1.00 53.87  ? 115  MET 1 CA  1 
ATOM   903  C C   . MET A 1 130 ? 9.131   -3.305  16.313  1.00 54.81  ? 115  MET 1 C   1 
ATOM   904  O O   . MET A 1 130 ? 8.484   -2.258  16.460  1.00 51.57  ? 115  MET 1 O   1 
ATOM   905  C CB  . MET A 1 130 ? 9.457   -5.083  18.027  1.00 52.12  ? 115  MET 1 CB  1 
ATOM   906  C CG  . MET A 1 130 ? 8.928   -6.304  18.764  1.00 56.03  ? 115  MET 1 CG  1 
ATOM   907  S SD  . MET A 1 130 ? 7.705   -5.876  20.026  1.00 76.21  ? 115  MET 1 SD  1 
ATOM   908  C CE  . MET A 1 130 ? 8.793   -5.530  21.416  1.00 73.86  ? 115  MET 1 CE  1 
ATOM   909  N N   . ILE A 1 131 ? 10.304  -3.349  15.694  1.00 48.00  ? 116  ILE 1 N   1 
ATOM   910  C CA  . ILE A 1 131 ? 10.926  -2.133  15.201  1.00 54.24  ? 116  ILE 1 CA  1 
ATOM   911  C C   . ILE A 1 131 ? 10.056  -1.466  14.135  1.00 56.47  ? 116  ILE 1 C   1 
ATOM   912  O O   . ILE A 1 131 ? 9.858   -0.248  14.167  1.00 55.57  ? 116  ILE 1 O   1 
ATOM   913  C CB  . ILE A 1 131 ? 12.340  -2.407  14.668  1.00 57.13  ? 116  ILE 1 CB  1 
ATOM   914  C CG1 . ILE A 1 131 ? 13.190  -3.058  15.764  1.00 61.85  ? 116  ILE 1 CG1 1 
ATOM   915  C CG2 . ILE A 1 131 ? 12.981  -1.130  14.183  1.00 56.39  ? 116  ILE 1 CG2 1 
ATOM   916  C CD1 . ILE A 1 131 ? 14.528  -3.617  15.279  1.00 59.04  ? 116  ILE 1 CD1 1 
ATOM   917  N N   . TYR A 1 132 ? 9.520   -2.262  13.209  1.00 54.83  ? 117  TYR 1 N   1 
ATOM   918  C CA  . TYR A 1 132 ? 8.656   -1.721  12.162  1.00 50.32  ? 117  TYR 1 CA  1 
ATOM   919  C C   . TYR A 1 132 ? 7.429   -1.066  12.764  1.00 50.07  ? 117  TYR 1 C   1 
ATOM   920  O O   . TYR A 1 132 ? 7.084   0.044   12.394  1.00 55.59  ? 117  TYR 1 O   1 
ATOM   921  C CB  . TYR A 1 132 ? 8.255   -2.792  11.142  1.00 48.37  ? 117  TYR 1 CB  1 
ATOM   922  C CG  . TYR A 1 132 ? 9.166   -2.852  9.931   1.00 50.13  ? 117  TYR 1 CG  1 
ATOM   923  C CD1 . TYR A 1 132 ? 10.395  -3.489  9.994   1.00 46.31  ? 117  TYR 1 CD1 1 
ATOM   924  C CD2 . TYR A 1 132 ? 8.790   -2.280  8.718   1.00 49.70  ? 117  TYR 1 CD2 1 
ATOM   925  C CE1 . TYR A 1 132 ? 11.233  -3.549  8.884   1.00 50.50  ? 117  TYR 1 CE1 1 
ATOM   926  C CE2 . TYR A 1 132 ? 9.625   -2.335  7.601   1.00 48.72  ? 117  TYR 1 CE2 1 
ATOM   927  C CZ  . TYR A 1 132 ? 10.844  -2.971  7.694   1.00 49.42  ? 117  TYR 1 CZ  1 
ATOM   928  O OH  . TYR A 1 132 ? 11.687  -3.033  6.604   1.00 47.91  ? 117  TYR 1 OH  1 
ATOM   929  N N   . ALA A 1 133 ? 6.788   -1.741  13.712  1.00 51.47  ? 118  ALA 1 N   1 
ATOM   930  C CA  . ALA A 1 133 ? 5.570   -1.215  14.327  1.00 53.79  ? 118  ALA 1 CA  1 
ATOM   931  C C   . ALA A 1 133 ? 5.810   0.071   15.125  1.00 56.98  ? 118  ALA 1 C   1 
ATOM   932  O O   . ALA A 1 133 ? 4.998   0.998   15.104  1.00 57.52  ? 118  ALA 1 O   1 
ATOM   933  C CB  . ALA A 1 133 ? 4.931   -2.272  15.203  1.00 50.62  ? 118  ALA 1 CB  1 
ATOM   934  N N   . SER A 1 134 ? 6.937   0.113   15.826  1.00 61.98  ? 119  SER 1 N   1 
ATOM   935  C CA  . SER A 1 134 ? 7.285   1.244   16.674  1.00 60.41  ? 119  SER 1 CA  1 
ATOM   936  C C   . SER A 1 134 ? 7.616   2.460   15.832  1.00 60.08  ? 119  SER 1 C   1 
ATOM   937  O O   . SER A 1 134 ? 7.435   3.595   16.265  1.00 64.59  ? 119  SER 1 O   1 
ATOM   938  C CB  . SER A 1 134 ? 8.487   0.885   17.544  1.00 58.57  ? 119  SER 1 CB  1 
ATOM   939  O OG  . SER A 1 134 ? 8.544   1.711   18.688  1.00 66.59  ? 119  SER 1 OG  1 
ATOM   940  N N   . SER A 1 135 ? 8.103   2.206   14.623  1.00 56.20  ? 120  SER 1 N   1 
ATOM   941  C CA  . SER A 1 135 ? 8.516   3.272   13.721  1.00 59.67  ? 120  SER 1 CA  1 
ATOM   942  C C   . SER A 1 135 ? 7.395   3.692   12.789  1.00 58.71  ? 120  SER 1 C   1 
ATOM   943  O O   . SER A 1 135 ? 7.559   4.619   12.009  1.00 61.29  ? 120  SER 1 O   1 
ATOM   944  C CB  . SER A 1 135 ? 9.716   2.828   12.888  1.00 57.60  ? 120  SER 1 CB  1 
ATOM   945  O OG  . SER A 1 135 ? 10.799  2.430   13.711  1.00 65.09  ? 120  SER 1 OG  1 
ATOM   946  N N   . LYS A 1 136 ? 6.263   3.003   12.870  1.00 59.36  ? 121  LYS 1 N   1 
ATOM   947  C CA  . LYS A 1 136 ? 5.171   3.199   11.926  1.00 58.63  ? 121  LYS 1 CA  1 
ATOM   948  C C   . LYS A 1 136 ? 4.727   4.665   11.886  1.00 69.84  ? 121  LYS 1 C   1 
ATOM   949  O O   . LYS A 1 136 ? 4.496   5.227   10.814  1.00 70.06  ? 121  LYS 1 O   1 
ATOM   950  C CB  . LYS A 1 136 ? 3.998   2.278   12.291  1.00 58.48  ? 121  LYS 1 CB  1 
ATOM   951  C CG  . LYS A 1 136 ? 2.938   2.119   11.212  1.00 57.11  ? 121  LYS 1 CG  1 
ATOM   952  C CD  . LYS A 1 136 ? 1.777   1.250   11.691  1.00 53.26  ? 121  LYS 1 CD  1 
ATOM   953  C CE  . LYS A 1 136 ? 1.045   1.910   12.842  1.00 61.11  ? 121  LYS 1 CE  1 
ATOM   954  N NZ  . LYS A 1 136 ? -0.370  1.452   12.967  1.00 66.07  ? 121  LYS 1 NZ  1 
ATOM   955  N N   . ASP A 1 137 ? 4.642   5.289   13.057  1.00 72.84  ? 122  ASP 1 N   1 
ATOM   956  C CA  . ASP A 1 137 ? 4.118   6.647   13.159  1.00 72.71  ? 122  ASP 1 CA  1 
ATOM   957  C C   . ASP A 1 137 ? 4.971   7.664   12.392  1.00 73.11  ? 122  ASP 1 C   1 
ATOM   958  O O   . ASP A 1 137 ? 4.471   8.697   11.940  1.00 72.38  ? 122  ASP 1 O   1 
ATOM   959  C CB  . ASP A 1 137 ? 3.991   7.046   14.629  1.00 81.18  ? 122  ASP 1 CB  1 
ATOM   960  C CG  . ASP A 1 137 ? 2.768   7.903   14.901  1.00 89.78  ? 122  ASP 1 CG  1 
ATOM   961  O OD1 . ASP A 1 137 ? 1.665   7.335   15.053  1.00 91.86  ? 122  ASP 1 OD1 1 
ATOM   962  O OD2 . ASP A 1 137 ? 2.913   9.143   14.968  1.00 92.70  ? 122  ASP 1 OD2 1 
ATOM   963  N N   . ALA A 1 138 ? 6.253   7.354   12.230  1.00 70.60  ? 123  ALA 1 N   1 
ATOM   964  C CA  . ALA A 1 138 ? 7.176   8.236   11.521  1.00 65.60  ? 123  ALA 1 CA  1 
ATOM   965  C C   . ALA A 1 138 ? 6.770   8.463   10.069  1.00 69.79  ? 123  ALA 1 C   1 
ATOM   966  O O   . ALA A 1 138 ? 6.948   9.561   9.546   1.00 76.68  ? 123  ALA 1 O   1 
ATOM   967  C CB  . ALA A 1 138 ? 8.601   7.706   11.601  1.00 64.75  ? 123  ALA 1 CB  1 
ATOM   968  N N   . ILE A 1 139 ? 6.231   7.435   9.419   1.00 69.04  ? 124  ILE 1 N   1 
ATOM   969  C CA  . ILE A 1 139 ? 5.748   7.591   8.048   1.00 66.97  ? 124  ILE 1 CA  1 
ATOM   970  C C   . ILE A 1 139 ? 4.264   7.949   8.012   1.00 66.98  ? 124  ILE 1 C   1 
ATOM   971  O O   . ILE A 1 139 ? 3.844   8.755   7.186   1.00 71.79  ? 124  ILE 1 O   1 
ATOM   972  C CB  . ILE A 1 139 ? 6.056   6.350   7.148   1.00 64.90  ? 124  ILE 1 CB  1 
ATOM   973  C CG1 . ILE A 1 139 ? 5.584   6.586   5.705   1.00 64.52  ? 124  ILE 1 CG1 1 
ATOM   974  C CG2 . ILE A 1 139 ? 5.455   5.067   7.730   1.00 57.34  ? 124  ILE 1 CG2 1 
ATOM   975  C CD1 . ILE A 1 139 ? 5.889   5.430   4.736   1.00 61.94  ? 124  ILE 1 CD1 1 
ATOM   976  N N   . LYS A 1 140 ? 3.476   7.375   8.917   1.00 65.95  ? 125  LYS 1 N   1 
ATOM   977  C CA  . LYS A 1 140 ? 2.034   7.629   8.916   1.00 70.33  ? 125  LYS 1 CA  1 
ATOM   978  C C   . LYS A 1 140 ? 1.709   9.110   9.135   1.00 72.24  ? 125  LYS 1 C   1 
ATOM   979  O O   . LYS A 1 140 ? 0.848   9.673   8.455   1.00 75.39  ? 125  LYS 1 O   1 
ATOM   980  C CB  . LYS A 1 140 ? 1.307   6.754   9.946   1.00 64.17  ? 125  LYS 1 CB  1 
ATOM   981  C CG  . LYS A 1 140 ? -0.048  6.242   9.453   1.00 61.80  ? 125  LYS 1 CG  1 
ATOM   982  C CD  . LYS A 1 140 ? -0.961  5.820   10.602  1.00 69.26  ? 125  LYS 1 CD  1 
ATOM   983  C CE  . LYS A 1 140 ? -2.399  5.671   10.114  1.00 71.58  ? 125  LYS 1 CE  1 
ATOM   984  N NZ  . LYS A 1 140 ? -3.385  5.568   11.228  1.00 76.38  ? 125  LYS 1 NZ  1 
ATOM   985  N N   . LYS A 1 141 ? 2.412   9.732   10.078  1.00 71.89  ? 126  LYS 1 N   1 
ATOM   986  C CA  . LYS A 1 141 ? 2.250   11.157  10.340  1.00 74.37  ? 126  LYS 1 CA  1 
ATOM   987  C C   . LYS A 1 141 ? 2.535   12.009  9.111   1.00 74.48  ? 126  LYS 1 C   1 
ATOM   988  O O   . LYS A 1 141 ? 1.865   13.010  8.874   1.00 78.22  ? 126  LYS 1 O   1 
ATOM   989  C CB  . LYS A 1 141 ? 3.142   11.605  11.500  1.00 83.88  ? 126  LYS 1 CB  1 
ATOM   990  C CG  . LYS A 1 141 ? 2.465   11.535  12.869  1.00 94.28  ? 126  LYS 1 CG  1 
ATOM   991  C CD  . LYS A 1 141 ? 2.809   12.757  13.733  1.00 103.34 ? 126  LYS 1 CD  1 
ATOM   992  C CE  . LYS A 1 141 ? 2.225   14.051  13.147  1.00 103.13 ? 126  LYS 1 CE  1 
ATOM   993  N NZ  . LYS A 1 141 ? 2.608   15.277  13.917  1.00 96.63  ? 126  LYS 1 NZ  1 
ATOM   994  N N   . LYS A 1 142 ? 3.525   11.611  8.324   1.00 74.28  ? 127  LYS 1 N   1 
ATOM   995  C CA  . LYS A 1 142 ? 3.859   12.360  7.121   1.00 74.48  ? 127  LYS 1 CA  1 
ATOM   996  C C   . LYS A 1 142 ? 2.899   12.066  5.971   1.00 72.69  ? 127  LYS 1 C   1 
ATOM   997  O O   . LYS A 1 142 ? 2.890   12.774  4.969   1.00 74.32  ? 127  LYS 1 O   1 
ATOM   998  C CB  . LYS A 1 142 ? 5.307   12.105  6.717   1.00 68.28  ? 127  LYS 1 CB  1 
ATOM   999  C CG  . LYS A 1 142 ? 6.266   12.273  7.876   1.00 73.18  ? 127  LYS 1 CG  1 
ATOM   1000 C CD  . LYS A 1 142 ? 7.422   13.185  7.527   1.00 77.33  ? 127  LYS 1 CD  1 
ATOM   1001 C CE  . LYS A 1 142 ? 7.975   13.846  8.778   1.00 82.38  ? 127  LYS 1 CE  1 
ATOM   1002 N NZ  . LYS A 1 142 ? 6.962   14.746  9.407   1.00 93.72  ? 127  LYS 1 NZ  1 
ATOM   1003 N N   . LEU A 1 143 ? 2.083   11.031  6.114   1.00 70.19  ? 128  LEU 1 N   1 
ATOM   1004 C CA  . LEU A 1 143 ? 1.091   10.744  5.085   1.00 78.17  ? 128  LEU 1 CA  1 
ATOM   1005 C C   . LEU A 1 143 ? -0.203  11.476  5.424   1.00 76.46  ? 128  LEU 1 C   1 
ATOM   1006 O O   . LEU A 1 143 ? -1.203  10.875  5.829   1.00 73.68  ? 128  LEU 1 O   1 
ATOM   1007 C CB  . LEU A 1 143 ? 0.871   9.234   4.901   1.00 80.15  ? 128  LEU 1 CB  1 
ATOM   1008 C CG  . LEU A 1 143 ? 2.095   8.362   4.556   1.00 80.56  ? 128  LEU 1 CG  1 
ATOM   1009 C CD1 . LEU A 1 143 ? 1.664   6.962   4.130   1.00 72.00  ? 128  LEU 1 CD1 1 
ATOM   1010 C CD2 . LEU A 1 143 ? 3.035   8.984   3.503   1.00 70.80  ? 128  LEU 1 CD2 1 
ATOM   1011 N N   . THR A 1 144 ? -0.151  12.794  5.255   1.00 81.64  ? 129  THR 1 N   1 
ATOM   1012 C CA  . THR A 1 144 ? -1.252  13.697  5.591   1.00 84.57  ? 129  THR 1 CA  1 
ATOM   1013 C C   . THR A 1 144 ? -2.565  13.290  4.928   1.00 80.00  ? 129  THR 1 C   1 
ATOM   1014 O O   . THR A 1 144 ? -2.628  13.133  3.703   1.00 76.53  ? 129  THR 1 O   1 
ATOM   1015 C CB  . THR A 1 144 ? -0.929  15.154  5.172   1.00 83.79  ? 129  THR 1 CB  1 
ATOM   1016 O OG1 . THR A 1 144 ? -0.844  15.240  3.742   1.00 87.51  ? 129  THR 1 OG1 1 
ATOM   1017 C CG2 . THR A 1 144 ? 0.386   15.625  5.794   1.00 74.33  ? 129  THR 1 CG2 1 
ATOM   1018 N N   . GLY A 1 145 ? -3.604  13.126  5.746   1.00 72.14  ? 130  GLY 1 N   1 
ATOM   1019 C CA  . GLY A 1 145 ? -4.936  12.822  5.252   1.00 75.70  ? 130  GLY 1 CA  1 
ATOM   1020 C C   . GLY A 1 145 ? -5.021  11.488  4.543   1.00 82.20  ? 130  GLY 1 C   1 
ATOM   1021 O O   . GLY A 1 145 ? -5.391  11.411  3.368   1.00 82.35  ? 130  GLY 1 O   1 
ATOM   1022 N N   . ILE A 1 146 ? -4.687  10.428  5.268   1.00 82.37  ? 131  ILE 1 N   1 
ATOM   1023 C CA  . ILE A 1 146 ? -4.550  9.122   4.648   1.00 78.63  ? 131  ILE 1 CA  1 
ATOM   1024 C C   . ILE A 1 146 ? -5.841  8.272   4.690   1.00 75.40  ? 131  ILE 1 C   1 
ATOM   1025 O O   . ILE A 1 146 ? -6.200  7.647   3.681   1.00 75.68  ? 131  ILE 1 O   1 
ATOM   1026 C CB  . ILE A 1 146 ? -3.308  8.386   5.199   1.00 72.65  ? 131  ILE 1 CB  1 
ATOM   1027 C CG1 . ILE A 1 146 ? -3.174  7.013   4.546   1.00 63.20  ? 131  ILE 1 CG1 1 
ATOM   1028 C CG2 . ILE A 1 146 ? -3.346  8.310   6.723   1.00 77.02  ? 131  ILE 1 CG2 1 
ATOM   1029 C CD1 . ILE A 1 146 ? -3.048  7.082   3.037   1.00 63.71  ? 131  ILE 1 CD1 1 
ATOM   1030 N N   . LYS A 1 147 ? -6.518  8.261   5.843   1.00 63.02  ? 132  LYS 1 N   1 
ATOM   1031 C CA  . LYS A 1 147 ? -7.863  7.670   6.012   1.00 66.84  ? 132  LYS 1 CA  1 
ATOM   1032 C C   . LYS A 1 147 ? -7.935  6.162   6.289   1.00 66.29  ? 132  LYS 1 C   1 
ATOM   1033 O O   . LYS A 1 147 ? -8.494  5.741   7.305   1.00 69.69  ? 132  LYS 1 O   1 
ATOM   1034 C CB  . LYS A 1 147 ? -8.822  8.051   4.866   1.00 71.81  ? 132  LYS 1 CB  1 
ATOM   1035 C CG  . LYS A 1 147 ? -8.967  9.559   4.635   1.00 83.75  ? 132  LYS 1 CG  1 
ATOM   1036 C CD  . LYS A 1 147 ? -9.417  10.280  5.904   1.00 92.08  ? 132  LYS 1 CD  1 
ATOM   1037 C CE  . LYS A 1 147 ? -9.502  11.790  5.700   1.00 95.58  ? 132  LYS 1 CE  1 
ATOM   1038 N NZ  . LYS A 1 147 ? -10.327 12.442  6.763   1.00 107.77 ? 132  LYS 1 NZ  1 
ATOM   1039 N N   . HIS A 1 148 ? -7.547  5.337   5.724   1.00 69.44  ? 133  HIS 1 N   1 
ATOM   1040 C CA  . HIS A 1 148 ? -7.514  3.873   5.666   1.00 59.00  ? 133  HIS 1 CA  1 
ATOM   1041 C C   . HIS A 1 148 ? -6.160  3.254   6.011   1.00 58.53  ? 133  HIS 1 C   1 
ATOM   1042 O O   . HIS A 1 148 ? -5.131  3.642   5.461   1.00 58.49  ? 133  HIS 1 O   1 
ATOM   1043 C CB  . HIS A 1 148 ? -7.940  3.394   4.286   1.00 57.50  ? 133  HIS 1 CB  1 
ATOM   1044 C CG  . HIS A 1 148 ? -9.322  3.815   3.911   1.00 65.54  ? 133  HIS 1 CG  1 
ATOM   1045 N ND1 . HIS A 1 148 ? -10.447 3.309   4.528   1.00 66.67  ? 133  HIS 1 ND1 1 
ATOM   1046 C CD2 . HIS A 1 148 ? -9.765  4.689   2.977   1.00 63.36  ? 133  HIS 1 CD2 1 
ATOM   1047 C CE1 . HIS A 1 148 ? -11.522 3.857   3.992   1.00 65.40  ? 133  HIS 1 CE1 1 
ATOM   1048 N NE2 . HIS A 1 148 ? -11.135 4.700   3.049   1.00 69.07  ? 133  HIS 1 NE2 1 
ATOM   1049 N N   . GLU A 1 149 ? -6.105  2.384   6.882   1.00 60.53  ? 134  GLU 1 N   1 
ATOM   1050 C CA  . GLU A 1 149 ? -4.922  1.614   7.252   1.00 51.33  ? 134  GLU 1 CA  1 
ATOM   1051 C C   . GLU A 1 149 ? -5.252  0.125   7.339   1.00 54.10  ? 134  GLU 1 C   1 
ATOM   1052 O O   . GLU A 1 149 ? -6.288  -0.253  7.883   1.00 55.41  ? 134  GLU 1 O   1 
ATOM   1053 C CB  . GLU A 1 149 ? -4.363  2.093   8.592   1.00 51.67  ? 134  GLU 1 CB  1 
ATOM   1054 C CG  . GLU A 1 149 ? -3.127  1.328   9.044   1.00 58.09  ? 134  GLU 1 CG  1 
ATOM   1055 C CD  . GLU A 1 149 ? -2.507  1.892   10.310  1.00 69.24  ? 134  GLU 1 CD  1 
ATOM   1056 O OE1 . GLU A 1 149 ? -3.204  2.618   11.059  1.00 82.23  ? 134  GLU 1 OE1 1 
ATOM   1057 O OE2 . GLU A 1 149 ? -1.318  1.604   10.560  1.00 66.25  ? 134  GLU 1 OE2 1 
ATOM   1058 N N   . LEU A 1 150 ? -4.372  -0.717  6.806   1.00 50.85  ? 135  LEU 1 N   1 
ATOM   1059 C CA  . LEU A 1 150 ? -4.546  -2.158  6.915   1.00 47.32  ? 135  LEU 1 CA  1 
ATOM   1060 C C   . LEU A 1 150 ? -3.325  -2.834  7.532   1.00 48.91  ? 135  LEU 1 C   1 
ATOM   1061 O O   . LEU A 1 150 ? -2.206  -2.701  7.033   1.00 49.33  ? 135  LEU 1 O   1 
ATOM   1062 C CB  . LEU A 1 150 ? -4.855  -2.766  5.546   1.00 46.74  ? 135  LEU 1 CB  1 
ATOM   1063 C CG  . LEU A 1 150 ? -5.130  -4.272  5.499   1.00 48.99  ? 135  LEU 1 CG  1 
ATOM   1064 C CD1 . LEU A 1 150 ? -6.452  -4.609  6.160   1.00 46.28  ? 135  LEU 1 CD1 1 
ATOM   1065 C CD2 . LEU A 1 150 ? -5.106  -4.783  4.071   1.00 46.79  ? 135  LEU 1 CD2 1 
ATOM   1066 N N   . GLN A 1 151 ? -3.548  -3.564  8.621   1.00 49.56  ? 136  GLN 1 N   1 
ATOM   1067 C CA  . GLN A 1 151 ? -2.482  -4.335  9.246   1.00 47.78  ? 136  GLN 1 CA  1 
ATOM   1068 C C   . GLN A 1 151 ? -2.690  -5.809  8.975   1.00 51.05  ? 136  GLN 1 C   1 
ATOM   1069 O O   . GLN A 1 151 ? -3.778  -6.348  9.188   1.00 56.02  ? 136  GLN 1 O   1 
ATOM   1070 C CB  . GLN A 1 151 ? -2.427  -4.064  10.746  1.00 46.32  ? 136  GLN 1 CB  1 
ATOM   1071 C CG  . GLN A 1 151 ? -2.170  -2.605  11.052  1.00 56.62  ? 136  GLN 1 CG  1 
ATOM   1072 C CD  . GLN A 1 151 ? -2.058  -2.313  12.524  1.00 62.07  ? 136  GLN 1 CD  1 
ATOM   1073 O OE1 . GLN A 1 151 ? -1.780  -3.207  13.336  1.00 61.99  ? 136  GLN 1 OE1 1 
ATOM   1074 N NE2 . GLN A 1 151 ? -2.274  -1.048  12.887  1.00 58.41  ? 136  GLN 1 NE2 1 
ATOM   1075 N N   . ALA A 1 152 ? -1.638  -6.458  8.497   1.00 51.62  ? 137  ALA 1 N   1 
ATOM   1076 C CA  . ALA A 1 152 ? -1.740  -7.850  8.100   1.00 49.20  ? 137  ALA 1 CA  1 
ATOM   1077 C C   . ALA A 1 152 ? -0.545  -8.674  8.552   1.00 52.70  ? 137  ALA 1 C   1 
ATOM   1078 O O   . ALA A 1 152 ? 0.609   -8.243  8.426   1.00 47.99  ? 137  ALA 1 O   1 
ATOM   1079 C CB  . ALA A 1 152 ? -1.892  -7.941  6.613   1.00 47.79  ? 137  ALA 1 CB  1 
ATOM   1080 N N   . ASN A 1 153 ? -0.840  -9.867  9.065   1.00 52.61  ? 138  ASN 1 N   1 
ATOM   1081 C CA  . ASN A 1 153 ? 0.184   -10.826 9.458   1.00 48.32  ? 138  ASN 1 CA  1 
ATOM   1082 C C   . ASN A 1 153 ? 0.092   -12.072 8.622   1.00 48.26  ? 138  ASN 1 C   1 
ATOM   1083 O O   . ASN A 1 153 ? 1.096   -12.704 8.305   1.00 51.18  ? 138  ASN 1 O   1 
ATOM   1084 C CB  . ASN A 1 153 ? -0.010  -11.232 10.910  1.00 47.02  ? 138  ASN 1 CB  1 
ATOM   1085 C CG  . ASN A 1 153 ? 0.091   -10.074 11.840  1.00 52.46  ? 138  ASN 1 CG  1 
ATOM   1086 O OD1 . ASN A 1 153 ? -0.871  -9.731  12.525  1.00 59.75  ? 138  ASN 1 OD1 1 
ATOM   1087 N ND2 . ASN A 1 153 ? 1.262   -9.442  11.871  1.00 53.13  ? 138  ASN 1 ND2 1 
ATOM   1088 N N   . CYS A 1 154 ? -1.137  -12.421 8.270   1.00 52.04  ? 139  CYS 1 N   1 
ATOM   1089 C CA  . CYS A 1 154 ? -1.438  -13.738 7.750   1.00 55.06  ? 139  CYS 1 CA  1 
ATOM   1090 C C   . CYS A 1 154 ? -1.713  -13.693 6.234   1.00 50.99  ? 139  CYS 1 C   1 
ATOM   1091 O O   . CYS A 1 154 ? -2.672  -13.084 5.790   1.00 52.78  ? 139  CYS 1 O   1 
ATOM   1092 C CB  . CYS A 1 154 ? -2.595  -14.334 8.572   1.00 52.68  ? 139  CYS 1 CB  1 
ATOM   1093 S SG  . CYS A 1 154 ? -1.681  -15.124 9.988   1.00 59.75  ? 139  CYS 1 SG  1 
ATOM   1094 N N   . TYR A 1 155 ? -0.850  -14.326 5.444   1.00 57.03  ? 140  TYR 1 N   1 
ATOM   1095 C CA  . TYR A 1 155 ? -0.905  -14.207 3.980   1.00 57.20  ? 140  TYR 1 CA  1 
ATOM   1096 C C   . TYR A 1 155 ? -2.224  -14.674 3.390   1.00 60.47  ? 140  TYR 1 C   1 
ATOM   1097 O O   . TYR A 1 155 ? -2.749  -14.055 2.470   1.00 65.97  ? 140  TYR 1 O   1 
ATOM   1098 C CB  . TYR A 1 155 ? 0.262   -14.954 3.308   1.00 55.51  ? 140  TYR 1 CB  1 
ATOM   1099 C CG  . TYR A 1 155 ? 0.260   -14.936 1.778   1.00 61.17  ? 140  TYR 1 CG  1 
ATOM   1100 C CD1 . TYR A 1 155 ? -0.492  -15.858 1.039   1.00 67.33  ? 140  TYR 1 CD1 1 
ATOM   1101 C CD2 . TYR A 1 155 ? 1.038   -14.025 1.069   1.00 64.05  ? 140  TYR 1 CD2 1 
ATOM   1102 C CE1 . TYR A 1 155 ? -0.487  -15.851 -0.365  1.00 68.25  ? 140  TYR 1 CE1 1 
ATOM   1103 C CE2 . TYR A 1 155 ? 1.050   -14.013 -0.336  1.00 69.55  ? 140  TYR 1 CE2 1 
ATOM   1104 C CZ  . TYR A 1 155 ? 0.284   -14.927 -1.044  1.00 70.37  ? 140  TYR 1 CZ  1 
ATOM   1105 N N   . GLU A 1 156 ? -2.760  -15.766 3.917   1.00 66.00  ? 141  GLU 1 N   1 
ATOM   1106 C CA  . GLU A 1 156 ? -4.011  -16.317 3.406   1.00 67.63  ? 141  GLU 1 CA  1 
ATOM   1107 C C   . GLU A 1 156 ? -5.197  -15.402 3.667   1.00 64.91  ? 141  GLU 1 C   1 
ATOM   1108 O O   . GLU A 1 156 ? -6.277  -15.627 3.132   1.00 73.74  ? 141  GLU 1 O   1 
ATOM   1109 C CB  . GLU A 1 156 ? -4.283  -17.699 4.003   1.00 74.15  ? 141  GLU 1 CB  1 
ATOM   1110 C CG  . GLU A 1 156 ? -3.170  -18.714 3.761   1.00 78.08  ? 141  GLU 1 CG  1 
ATOM   1111 C CD  . GLU A 1 156 ? -3.008  -19.069 2.290   1.00 84.83  ? 141  GLU 1 CD  1 
ATOM   1112 O OE1 . GLU A 1 156 ? -4.023  -19.032 1.554   1.00 82.53  ? 141  GLU 1 OE1 1 
ATOM   1113 O OE2 . GLU A 1 156 ? -1.869  -19.394 1.874   1.00 87.73  ? 141  GLU 1 OE2 1 
ATOM   1114 N N   . GLU A 1 157 ? -4.989  -14.370 4.479   1.00 61.92  ? 142  GLU 1 N   1 
ATOM   1115 C CA  . GLU A 1 157 ? -6.047  -13.420 4.789   1.00 64.62  ? 142  GLU 1 CA  1 
ATOM   1116 C C   . GLU A 1 157 ? -5.985  -12.135 3.964   1.00 64.79  ? 142  GLU 1 C   1 
ATOM   1117 O O   . GLU A 1 157 ? -7.019  -11.657 3.505   1.00 68.83  ? 142  GLU 1 O   1 
ATOM   1118 C CB  . GLU A 1 157 ? -6.064  -13.119 6.287   1.00 67.15  ? 142  GLU 1 CB  1 
ATOM   1119 C CG  . GLU A 1 157 ? -6.299  -14.364 7.117   1.00 70.90  ? 142  GLU 1 CG  1 
ATOM   1120 C CD  . GLU A 1 157 ? -7.596  -15.062 6.742   1.00 85.79  ? 142  GLU 1 CD  1 
ATOM   1121 O OE1 . GLU A 1 157 ? -8.639  -14.372 6.658   1.00 84.86  ? 142  GLU 1 OE1 1 
ATOM   1122 O OE2 . GLU A 1 157 ? -7.572  -16.298 6.526   1.00 82.68  ? 142  GLU 1 OE2 1 
ATOM   1123 N N   . VAL A 1 158 ? -4.793  -11.570 3.770   1.00 58.62  ? 143  VAL 1 N   1 
ATOM   1124 C CA  . VAL A 1 158 ? -4.668  -10.399 2.903   1.00 60.88  ? 143  VAL 1 CA  1 
ATOM   1125 C C   . VAL A 1 158 ? -5.029  -10.776 1.486   1.00 61.61  ? 143  VAL 1 C   1 
ATOM   1126 O O   . VAL A 1 158 ? -5.593  -9.973  0.752   1.00 59.34  ? 143  VAL 1 O   1 
ATOM   1127 C CB  . VAL A 1 158 ? -3.241  -9.853  2.836   1.00 57.05  ? 143  VAL 1 CB  1 
ATOM   1128 C CG1 . VAL A 1 158 ? -3.184  -8.481  3.444   1.00 46.05  ? 143  VAL 1 CG1 1 
ATOM   1129 C CG2 . VAL A 1 158 ? -2.271  -10.806 3.494   1.00 55.53  ? 143  VAL 1 CG2 1 
ATOM   1130 N N   . LYS A 1 159 ? -4.680  -12.005 1.119   1.00 62.00  ? 144  LYS 1 N   1 
ATOM   1131 C CA  . LYS A 1 159 ? -4.911  -12.547 -0.215  1.00 63.66  ? 144  LYS 1 CA  1 
ATOM   1132 C C   . LYS A 1 159 ? -6.373  -12.364 -0.625  1.00 67.17  ? 144  LYS 1 C   1 
ATOM   1133 O O   . LYS A 1 159 ? -6.681  -12.117 -1.796  1.00 63.23  ? 144  LYS 1 O   1 
ATOM   1134 C CB  . LYS A 1 159 ? -4.531  -14.031 -0.222  1.00 63.83  ? 144  LYS 1 CB  1 
ATOM   1135 C CG  . LYS A 1 159 ? -4.247  -14.648 -1.586  1.00 73.71  ? 144  LYS 1 CG  1 
ATOM   1136 C CD  . LYS A 1 159 ? -3.844  -16.122 -1.429  1.00 80.15  ? 144  LYS 1 CD  1 
ATOM   1137 C CE  . LYS A 1 159 ? -3.215  -16.710 -2.693  1.00 91.26  ? 144  LYS 1 CE  1 
ATOM   1138 N NZ  . LYS A 1 159 ? -4.214  -17.006 -3.761  1.00 95.74  ? 144  LYS 1 NZ  1 
ATOM   1139 N N   . ASP A 1 160 ? -7.265  -12.463 0.356   1.00 63.59  ? 145  ASP 1 N   1 
ATOM   1140 C CA  . ASP A 1 160 ? -8.697  -12.353 0.111   1.00 64.85  ? 145  ASP 1 CA  1 
ATOM   1141 C C   . ASP A 1 160 ? -9.106  -10.893 -0.108  1.00 68.47  ? 145  ASP 1 C   1 
ATOM   1142 O O   . ASP A 1 160 ? -8.850  -10.031 0.737   1.00 66.04  ? 145  ASP 1 O   1 
ATOM   1143 C CB  . ASP A 1 160 ? -9.468  -12.945 1.289   1.00 65.75  ? 145  ASP 1 CB  1 
ATOM   1144 C CG  . ASP A 1 160 ? -10.956 -13.079 1.014   1.00 77.84  ? 145  ASP 1 CG  1 
ATOM   1145 O OD1 . ASP A 1 160 ? -11.419 -12.693 -0.087  1.00 79.03  ? 145  ASP 1 OD1 1 
ATOM   1146 O OD2 . ASP A 1 160 ? -11.672 -13.566 1.917   1.00 82.00  ? 145  ASP 1 OD2 1 
ATOM   1147 N N   . ARG A 1 161 ? -9.751  -10.625 -1.241  1.00 68.63  ? 146  ARG 1 N   1 
ATOM   1148 C CA  . ARG A 1 161 ? -10.156 -9.269  -1.593  1.00 64.78  ? 146  ARG 1 CA  1 
ATOM   1149 C C   . ARG A 1 161 ? -11.105 -8.678  -0.562  1.00 64.54  ? 146  ARG 1 C   1 
ATOM   1150 O O   . ARG A 1 161 ? -11.151 -7.457  -0.367  1.00 64.28  ? 146  ARG 1 O   1 
ATOM   1151 C CB  . ARG A 1 161 ? -10.814 -9.241  -2.977  1.00 66.77  ? 146  ARG 1 CB  1 
ATOM   1152 C CG  . ARG A 1 161 ? -9.929  -9.735  -4.102  1.00 68.48  ? 146  ARG 1 CG  1 
ATOM   1153 C CD  . ARG A 1 161 ? -10.330 -9.132  -5.436  1.00 66.09  ? 146  ARG 1 CD  1 
ATOM   1154 N NE  . ARG A 1 161 ? -9.851  -9.942  -6.554  1.00 80.15  ? 146  ARG 1 NE  1 
ATOM   1155 C CZ  . ARG A 1 161 ? -10.543 -10.940 -7.100  1.00 81.01  ? 146  ARG 1 CZ  1 
ATOM   1156 N NH1 . ARG A 1 161 ? -11.752 -11.246 -6.642  1.00 74.21  ? 146  ARG 1 NH1 1 
ATOM   1157 N NH2 . ARG A 1 161 ? -10.037 -11.629 -8.114  1.00 74.36  ? 146  ARG 1 NH2 1 
ATOM   1158 N N   . ALA A 1 162 ? -11.864 -9.543  0.102   1.00 65.19  ? 147  ALA 1 N   1 
ATOM   1159 C CA  . ALA A 1 162 ? -12.856 -9.082  1.069   1.00 65.99  ? 147  ALA 1 CA  1 
ATOM   1160 C C   . ALA A 1 162 ? -12.171 -8.414  2.248   1.00 62.40  ? 147  ALA 1 C   1 
ATOM   1161 O O   . ALA A 1 162 ? -12.749 -7.547  2.904   1.00 57.82  ? 147  ALA 1 O   1 
ATOM   1162 C CB  . ALA A 1 162 ? -13.723 -10.233 1.536   1.00 60.98  ? 147  ALA 1 CB  1 
ATOM   1163 N N   . THR A 1 163 ? -10.935 -8.830  2.508   1.00 62.21  ? 148  THR 1 N   1 
ATOM   1164 C CA  . THR A 1 163 ? -10.161 -8.262  3.598   1.00 62.43  ? 148  THR 1 CA  1 
ATOM   1165 C C   . THR A 1 163 ? -10.038 -6.768  3.391   1.00 57.79  ? 148  THR 1 C   1 
ATOM   1166 O O   . THR A 1 163 ? -10.478 -5.979  4.234   1.00 57.85  ? 148  THR 1 O   1 
ATOM   1167 C CB  . THR A 1 163 ? -8.765  -8.897  3.689   1.00 62.80  ? 148  THR 1 CB  1 
ATOM   1168 O OG1 . THR A 1 163 ? -8.896  -10.309 3.904   1.00 60.70  ? 148  THR 1 OG1 1 
ATOM   1169 C CG2 . THR A 1 163 ? -7.980  -8.284  4.830   1.00 52.67  ? 148  THR 1 CG2 1 
ATOM   1170 N N   . LEU A 1 164 ? -9.463  -6.384  2.255   1.00 55.88  ? 149  LEU 1 N   1 
ATOM   1171 C CA  . LEU A 1 164 ? -9.337  -4.975  1.914   1.00 54.08  ? 149  LEU 1 CA  1 
ATOM   1172 C C   . LEU A 1 164 ? -10.691 -4.301  1.746   1.00 55.30  ? 149  LEU 1 C   1 
ATOM   1173 O O   . LEU A 1 164 ? -10.899 -3.191  2.228   1.00 56.99  ? 149  LEU 1 O   1 
ATOM   1174 C CB  . LEU A 1 164 ? -8.535  -4.816  0.636   1.00 51.85  ? 149  LEU 1 CB  1 
ATOM   1175 C CG  . LEU A 1 164 ? -8.281  -3.362  0.260   1.00 51.00  ? 149  LEU 1 CG  1 
ATOM   1176 C CD1 . LEU A 1 164 ? -7.779  -2.588  1.458   1.00 55.05  ? 149  LEU 1 CD1 1 
ATOM   1177 C CD2 . LEU A 1 164 ? -7.275  -3.291  -0.853  1.00 52.28  ? 149  LEU 1 CD2 1 
ATOM   1178 N N   . ALA A 1 165 ? -11.606 -4.977  1.060   1.00 54.86  ? 150  ALA 1 N   1 
ATOM   1179 C CA  . ALA A 1 165 ? -12.913 -4.405  0.766   1.00 57.94  ? 150  ALA 1 CA  1 
ATOM   1180 C C   . ALA A 1 165 ? -13.622 -4.007  2.043   1.00 56.40  ? 150  ALA 1 C   1 
ATOM   1181 O O   . ALA A 1 165 ? -14.184 -2.910  2.150   1.00 52.65  ? 150  ALA 1 O   1 
ATOM   1182 C CB  . ALA A 1 165 ? -13.752 -5.395  -0.015  1.00 62.76  ? 150  ALA 1 CB  1 
ATOM   1183 N N   . GLU A 1 166 ? -13.572 -4.909  3.015   1.00 59.42  ? 151  GLU 1 N   1 
ATOM   1184 C CA  . GLU A 1 166 ? -14.223 -4.688  4.297   1.00 62.45  ? 151  GLU 1 CA  1 
ATOM   1185 C C   . GLU A 1 166 ? -13.594 -3.521  5.029   1.00 55.75  ? 151  GLU 1 C   1 
ATOM   1186 O O   . GLU A 1 166 ? -14.271 -2.792  5.743   1.00 56.89  ? 151  GLU 1 O   1 
ATOM   1187 C CB  . GLU A 1 166 ? -14.167 -5.950  5.158   1.00 65.31  ? 151  GLU 1 CB  1 
ATOM   1188 C CG  . GLU A 1 166 ? -15.519 -6.634  5.331   1.00 72.04  ? 151  GLU 1 CG  1 
ATOM   1189 C CD  . GLU A 1 166 ? -15.475 -8.121  5.018   1.00 80.71  ? 151  GLU 1 CD  1 
ATOM   1190 O OE1 . GLU A 1 166 ? -14.506 -8.801  5.428   1.00 83.17  ? 151  GLU 1 OE1 1 
ATOM   1191 O OE2 . GLU A 1 166 ? -16.416 -8.612  4.355   1.00 86.80  ? 151  GLU 1 OE2 1 
ATOM   1192 N N   . LYS A 1 167 ? -12.295 -3.341  4.841   1.00 55.96  ? 152  LYS 1 N   1 
ATOM   1193 C CA  . LYS A 1 167 ? -11.591 -2.244  5.495   1.00 56.27  ? 152  LYS 1 CA  1 
ATOM   1194 C C   . LYS A 1 167 ? -11.995 -0.889  4.912   1.00 55.74  ? 152  LYS 1 C   1 
ATOM   1195 O O   . LYS A 1 167 ? -12.214 0.069   5.649   1.00 58.36  ? 152  LYS 1 O   1 
ATOM   1196 C CB  . LYS A 1 167 ? -10.078 -2.466  5.407   1.00 58.27  ? 152  LYS 1 CB  1 
ATOM   1197 C CG  . LYS A 1 167 ? -9.234  -1.301  5.892   1.00 57.78  ? 152  LYS 1 CG  1 
ATOM   1198 C CD  . LYS A 1 167 ? -9.429  -1.014  7.370   1.00 61.26  ? 152  LYS 1 CD  1 
ATOM   1199 C CE  . LYS A 1 167 ? -8.896  -2.136  8.250   1.00 56.91  ? 152  LYS 1 CE  1 
ATOM   1200 N NZ  . LYS A 1 167 ? -8.687  -1.665  9.653   1.00 65.27  ? 152  LYS 1 NZ  1 
ATOM   1201 N N   . LEU A 1 168 ? -12.115 -0.822  3.591   1.00 54.95  ? 153  LEU 1 N   1 
ATOM   1202 C CA  . LEU A 1 168 ? -12.523 0.407   2.916   1.00 58.73  ? 153  LEU 1 CA  1 
ATOM   1203 C C   . LEU A 1 168 ? -13.934 0.904   3.290   1.00 61.87  ? 153  LEU 1 C   1 
ATOM   1204 O O   . LEU A 1 168 ? -14.108 2.069   3.645   1.00 61.41  ? 153  LEU 1 O   1 
ATOM   1205 C CB  . LEU A 1 168 ? -12.401 0.232   1.403   1.00 54.06  ? 153  LEU 1 CB  1 
ATOM   1206 C CG  . LEU A 1 168 ? -10.943 0.140   0.966   1.00 53.73  ? 153  LEU 1 CG  1 
ATOM   1207 C CD1 . LEU A 1 168 ? -10.806 -0.519  -0.392  1.00 47.68  ? 153  LEU 1 CD1 1 
ATOM   1208 C CD2 . LEU A 1 168 ? -10.336 1.533   0.957   1.00 50.04  ? 153  LEU 1 CD2 1 
ATOM   1209 N N   . GLY A 1 169 ? -14.935 0.034   3.213   1.00 54.96  ? 154  GLY 1 N   1 
ATOM   1210 C CA  . GLY A 1 169 ? -16.297 0.463   3.482   1.00 58.23  ? 154  GLY 1 CA  1 
ATOM   1211 C C   . GLY A 1 169 ? -17.187 -0.654  3.987   1.00 64.24  ? 154  GLY 1 C   1 
ATOM   1212 O O   . GLY A 1 169 ? -18.420 -0.570  3.934   1.00 61.68  ? 154  GLY 1 O   1 
ATOM   1213 N N   . GLY A 1 170 ? -16.548 -1.715  4.466   1.00 62.71  ? 155  GLY 1 N   1 
ATOM   1214 C CA  . GLY A 1 170 ? -17.257 -2.839  5.042   1.00 64.18  ? 155  GLY 1 CA  1 
ATOM   1215 C C   . GLY A 1 170 ? -18.138 -3.616  4.085   1.00 67.68  ? 155  GLY 1 C   1 
ATOM   1216 O O   . GLY A 1 170 ? -17.709 -4.038  3.006   1.00 67.59  ? 155  GLY 1 O   1 
ATOM   1217 N N   . SER A 1 171 ? -19.383 -3.816  4.503   1.00 72.76  ? 156  SER 1 N   1 
ATOM   1218 C CA  . SER A 1 171 ? -20.321 -4.674  3.791   1.00 71.44  ? 156  SER 1 CA  1 
ATOM   1219 C C   . SER A 1 171 ? -20.883 -3.977  2.554   1.00 70.89  ? 156  SER 1 C   1 
ATOM   1220 O O   . SER A 1 171 ? -21.332 -4.638  1.616   1.00 67.88  ? 156  SER 1 O   1 
ATOM   1221 C CB  . SER A 1 171 ? -21.447 -5.092  4.736   1.00 73.14  ? 156  SER 1 CB  1 
ATOM   1222 O OG  . SER A 1 171 ? -21.919 -3.973  5.475   1.00 86.35  ? 156  SER 1 OG  1 
ATOM   1223 N N   . ALA A 1 172 ? -20.850 -2.645  2.555   1.00 63.94  ? 157  ALA 1 N   1 
ATOM   1224 C CA  . ALA A 1 172 ? -21.324 -1.864  1.414   1.00 62.43  ? 157  ALA 1 CA  1 
ATOM   1225 C C   . ALA A 1 172 ? -20.530 -2.158  0.133   1.00 66.16  ? 157  ALA 1 C   1 
ATOM   1226 O O   . ALA A 1 172 ? -21.088 -2.156  -0.964  1.00 69.05  ? 157  ALA 1 O   1 
ATOM   1227 C CB  . ALA A 1 172 ? -21.280 -0.377  1.734   1.00 57.56  ? 157  ALA 1 CB  1 
ATOM   1228 N N   . VAL A 1 173 ? -19.232 -2.404  0.284   1.00 63.55  ? 158  VAL 1 N   1 
ATOM   1229 C CA  . VAL A 1 173 ? -18.352 -2.655  -0.849  1.00 59.44  ? 158  VAL 1 CA  1 
ATOM   1230 C C   . VAL A 1 173 ? -18.711 -3.973  -1.534  1.00 63.84  ? 158  VAL 1 C   1 
ATOM   1231 O O   . VAL A 1 173 ? -18.748 -5.017  -0.881  1.00 64.30  ? 158  VAL 1 O   1 
ATOM   1232 C CB  . VAL A 1 173 ? -16.876 -2.688  -0.396  1.00 64.07  ? 158  VAL 1 CB  1 
ATOM   1233 C CG1 . VAL A 1 173 ? -15.955 -2.984  -1.573  1.00 59.51  ? 158  VAL 1 CG1 1 
ATOM   1234 C CG2 . VAL A 1 173 ? -16.495 -1.367  0.267   1.00 56.31  ? 158  VAL 1 CG2 1 
ATOM   1235 N N   . ILE A 1 174 ? -18.954 -3.920  -2.848  1.00 61.68  ? 159  ILE 1 N   1 
ATOM   1236 C CA  . ILE A 1 174 ? -19.420 -5.086  -3.611  1.00 57.65  ? 159  ILE 1 CA  1 
ATOM   1237 C C   . ILE A 1 174 ? -18.394 -5.628  -4.607  1.00 57.17  ? 159  ILE 1 C   1 
ATOM   1238 O O   . ILE A 1 174 ? -18.525 -6.753  -5.088  1.00 60.90  ? 159  ILE 1 O   1 
ATOM   1239 C CB  . ILE A 1 174 ? -20.716 -4.778  -4.390  1.00 58.14  ? 159  ILE 1 CB  1 
ATOM   1240 C CG1 . ILE A 1 174 ? -20.436 -3.783  -5.523  1.00 62.06  ? 159  ILE 1 CG1 1 
ATOM   1241 C CG2 . ILE A 1 174 ? -21.796 -4.259  -3.457  1.00 57.09  ? 159  ILE 1 CG2 1 
ATOM   1242 C CD1 . ILE A 1 174 ? -21.675 -3.258  -6.215  1.00 55.79  ? 159  ILE 1 CD1 1 
ATOM   1243 N N   . SER A 1 175 ? -17.393 -4.824  -4.944  1.00 59.53  ? 160  SER 1 N   1 
ATOM   1244 C CA  . SER A 1 175 ? -16.318 -5.289  -5.824  1.00 58.64  ? 160  SER 1 CA  1 
ATOM   1245 C C   . SER A 1 175 ? -15.011 -4.547  -5.550  1.00 54.80  ? 160  SER 1 C   1 
ATOM   1246 O O   . SER A 1 175 ? -15.018 -3.468  -4.951  1.00 51.02  ? 160  SER 1 O   1 
ATOM   1247 C CB  . SER A 1 175 ? -16.719 -5.172  -7.300  1.00 57.91  ? 160  SER 1 CB  1 
ATOM   1248 O OG  . SER A 1 175 ? -16.798 -3.825  -7.720  1.00 57.10  ? 160  SER 1 OG  1 
ATOM   1249 N N   . LEU A 1 176 ? -13.895 -5.140  -5.973  1.00 55.77  ? 161  LEU 1 N   1 
ATOM   1250 C CA  . LEU A 1 176 ? -12.569 -4.538  -5.802  1.00 55.90  ? 161  LEU 1 CA  1 
ATOM   1251 C C   . LEU A 1 176 ? -11.739 -4.705  -7.066  1.00 53.16  ? 161  LEU 1 C   1 
ATOM   1252 O O   . LEU A 1 176 ? -11.594 -5.813  -7.567  1.00 52.14  ? 161  LEU 1 O   1 
ATOM   1253 C CB  . LEU A 1 176 ? -11.830 -5.179  -4.628  1.00 53.40  ? 161  LEU 1 CB  1 
ATOM   1254 C CG  . LEU A 1 176 ? -10.444 -4.610  -4.309  1.00 53.73  ? 161  LEU 1 CG  1 
ATOM   1255 C CD1 . LEU A 1 176 ? -10.566 -3.218  -3.747  1.00 54.10  ? 161  LEU 1 CD1 1 
ATOM   1256 C CD2 . LEU A 1 176 ? -9.695  -5.502  -3.330  1.00 59.29  ? 161  LEU 1 CD2 1 
ATOM   1257 N N   . GLU A 1 177 ? -11.185 -3.601  -7.562  1.00 54.58  ? 162  GLU 1 N   1 
ATOM   1258 C CA  . GLU A 1 177 ? -10.422 -3.599  -8.812  1.00 54.37  ? 162  GLU 1 CA  1 
ATOM   1259 C C   . GLU A 1 177 ? -11.172 -4.270  -9.944  1.00 57.63  ? 162  GLU 1 C   1 
ATOM   1260 O O   . GLU A 1 177 ? -10.575 -4.988  -10.746 1.00 62.38  ? 162  GLU 1 O   1 
ATOM   1261 C CB  . GLU A 1 177 ? -9.061  -4.278  -8.640  1.00 57.19  ? 162  GLU 1 CB  1 
ATOM   1262 C CG  . GLU A 1 177 ? -8.195  -3.665  -7.559  1.00 55.97  ? 162  GLU 1 CG  1 
ATOM   1263 C CD  . GLU A 1 177 ? -7.908  -2.196  -7.794  1.00 58.28  ? 162  GLU 1 CD  1 
ATOM   1264 O OE1 . GLU A 1 177 ? -7.982  -1.721  -8.956  1.00 61.82  ? 162  GLU 1 OE1 1 
ATOM   1265 O OE2 . GLU A 1 177 ? -7.594  -1.506  -6.804  1.00 56.97  ? 162  GLU 1 OE2 1 
ATOM   1266 N N   . GLY A 1 178 ? -12.479 -4.049  -9.996  1.00 55.04  ? 163  GLY 1 N   1 
ATOM   1267 C CA  . GLY A 1 178 ? -13.300 -4.612  -11.047 1.00 56.36  ? 163  GLY 1 CA  1 
ATOM   1268 C C   . GLY A 1 178 ? -13.647 -6.077  -10.859 1.00 59.41  ? 163  GLY 1 C   1 
ATOM   1269 O O   . GLY A 1 178 ? -14.296 -6.670  -11.713 1.00 62.81  ? 163  GLY 1 O   1 
ATOM   1270 N N   . LYS A 1 179 ? -13.223 -6.671  -9.749  1.00 61.17  ? 164  LYS 1 N   1 
ATOM   1271 C CA  . LYS A 1 179 ? -13.444 -8.100  -9.538  1.00 64.43  ? 164  LYS 1 CA  1 
ATOM   1272 C C   . LYS A 1 179 ? -14.530 -8.350  -8.494  1.00 65.75  ? 164  LYS 1 C   1 
ATOM   1273 O O   . LYS A 1 179 ? -14.768 -7.504  -7.633  1.00 65.12  ? 164  LYS 1 O   1 
ATOM   1274 C CB  . LYS A 1 179 ? -12.141 -8.775  -9.109  1.00 64.25  ? 164  LYS 1 CB  1 
ATOM   1275 C CG  . LYS A 1 179 ? -10.907 -8.269  -9.842  1.00 64.08  ? 164  LYS 1 CG  1 
ATOM   1276 C CD  . LYS A 1 179 ? -10.557 -9.144  -11.030 1.00 63.75  ? 164  LYS 1 CD  1 
ATOM   1277 C CE  . LYS A 1 179 ? -9.368  -8.575  -11.793 1.00 68.77  ? 164  LYS 1 CE  1 
ATOM   1278 N NZ  . LYS A 1 179 ? -9.027  -9.407  -12.979 1.00 78.57  ? 164  LYS 1 NZ  1 
ATOM   1279 N N   . PRO A 1 180 ? -15.199 -9.514  -8.567  1.00 71.60  ? 165  PRO 1 N   1 
ATOM   1280 C CA  . PRO A 1 180 ? -16.170 -9.825  -7.508  1.00 74.03  ? 165  PRO 1 CA  1 
ATOM   1281 C C   . PRO A 1 180 ? -15.432 -10.214 -6.228  1.00 77.44  ? 165  PRO 1 C   1 
ATOM   1282 O O   . PRO A 1 180 ? -14.326 -10.766 -6.301  1.00 75.43  ? 165  PRO 1 O   1 
ATOM   1283 C CB  . PRO A 1 180 ? -16.933 -11.028 -8.073  1.00 65.31  ? 165  PRO 1 CB  1 
ATOM   1284 C CG  . PRO A 1 180 ? -15.938 -11.706 -8.986  1.00 63.68  ? 165  PRO 1 CG  1 
ATOM   1285 C CD  . PRO A 1 180 ? -15.083 -10.599 -9.565  1.00 65.47  ? 165  PRO 1 CD  1 
ATOM   1286 N N   . LEU A 1 181 ? -16.022 -9.922  -5.072  1.00 78.89  ? 166  LEU 1 N   1 
ATOM   1287 C CA  . LEU A 1 181 ? -15.359 -10.216 -3.802  1.00 83.26  ? 166  LEU 1 CA  1 
ATOM   1288 C C   . LEU A 1 181 ? -15.124 -11.725 -3.612  1.00 87.77  ? 166  LEU 1 C   1 
ATOM   1289 O O   . LEU A 1 181 ? -14.032 -12.164 -3.224  1.00 93.57  ? 166  LEU 1 O   1 
ATOM   1290 C CB  . LEU A 1 181 ? -16.146 -9.617  -2.625  1.00 81.97  ? 166  LEU 1 CB  1 
ATOM   1291 C CG  . LEU A 1 181 ? -15.751 -8.238  -2.072  1.00 69.14  ? 166  LEU 1 CG  1 
ATOM   1292 C CD1 . LEU A 1 181 ? -14.888 -7.457  -3.046  1.00 66.60  ? 166  LEU 1 CD1 1 
ATOM   1293 C CD2 . LEU A 1 181 ? -16.978 -7.429  -1.682  1.00 64.96  ? 166  LEU 1 CD2 1 
ATOM   1294 O OXT . LEU A 1 181 ? -16.010 -12.548 -3.872  1.00 93.00  ? 166  LEU 1 OXT 1 
HETATM 1295 O O   . HOH B 2 .   ? 5.096   4.270   24.173  1.00 73.22  ? 2001 HOH 1 O   1 
HETATM 1296 O O   . HOH B 2 .   ? -9.297  17.844  -13.856 1.00 142.75 ? 2002 HOH 1 O   1 
HETATM 1297 O O   . HOH B 2 .   ? -11.641 15.832  -16.015 1.00 77.99  ? 2003 HOH 1 O   1 
HETATM 1298 O O   . HOH B 2 .   ? -6.960  8.266   -7.834  1.00 72.54  ? 2004 HOH 1 O   1 
HETATM 1299 O O   . HOH B 2 .   ? 5.875   -13.681 -2.596  1.00 65.87  ? 2005 HOH 1 O   1 
HETATM 1300 O O   . HOH B 2 .   ? -6.881  7.935   -5.093  1.00 63.24  ? 2006 HOH 1 O   1 
HETATM 1301 O O   . HOH B 2 .   ? -23.589 -1.297  -1.330  1.00 54.95  ? 2007 HOH 1 O   1 
HETATM 1302 O O   . HOH B 2 .   ? -11.697 -1.347  -13.089 1.00 57.89  ? 2008 HOH 1 O   1 
HETATM 1303 O O   . HOH B 2 .   ? -12.982 8.785   -5.351  1.00 57.27  ? 2009 HOH 1 O   1 
HETATM 1304 O O   . HOH B 2 .   ? -10.513 9.838   -3.177  1.00 60.35  ? 2010 HOH 1 O   1 
HETATM 1305 O O   . HOH B 2 .   ? 12.735  0.934   17.685  1.00 58.29  ? 2011 HOH 1 O   1 
HETATM 1306 O O   . HOH B 2 .   ? 13.645  -4.665  6.750   1.00 52.51  ? 2012 HOH 1 O   1 
HETATM 1307 O O   . HOH B 2 .   ? -6.165  -3.856  9.938   1.00 52.04  ? 2013 HOH 1 O   1 
HETATM 1308 O O   . HOH B 2 .   ? -1.836  -5.637  13.919  1.00 63.26  ? 2014 HOH 1 O   1 
HETATM 1309 O O   . HOH B 2 .   ? -1.309  -17.093 6.350   1.00 61.25  ? 2015 HOH 1 O   1 
HETATM 1310 O O   . HOH B 2 .   ? -14.209 -2.409  -8.607  1.00 53.54  ? 2016 HOH 1 O   1 
# 
loop_
_pdbx_poly_seq_scheme.asym_id 
_pdbx_poly_seq_scheme.entity_id 
_pdbx_poly_seq_scheme.seq_id 
_pdbx_poly_seq_scheme.mon_id 
_pdbx_poly_seq_scheme.ndb_seq_num 
_pdbx_poly_seq_scheme.pdb_seq_num 
_pdbx_poly_seq_scheme.auth_seq_num 
_pdbx_poly_seq_scheme.pdb_mon_id 
_pdbx_poly_seq_scheme.auth_mon_id 
_pdbx_poly_seq_scheme.pdb_strand_id 
_pdbx_poly_seq_scheme.pdb_ins_code 
_pdbx_poly_seq_scheme.hetero 
A 1 1   GLY 1   -14 ?   ?   ?   1 . n 
A 1 2   SER 2   -13 ?   ?   ?   1 . n 
A 1 3   PRO 3   -12 ?   ?   ?   1 . n 
A 1 4   GLY 4   -11 ?   ?   ?   1 . n 
A 1 5   ILE 5   -10 ?   ?   ?   1 . n 
A 1 6   SER 6   -9  ?   ?   ?   1 . n 
A 1 7   GLY 7   -8  ?   ?   ?   1 . n 
A 1 8   GLY 8   -7  ?   ?   ?   1 . n 
A 1 9   GLY 9   -6  ?   ?   ?   1 . n 
A 1 10  GLY 10  -5  ?   ?   ?   1 . n 
A 1 11  GLY 11  -4  ?   ?   ?   1 . n 
A 1 12  ILE 12  -3  ?   ?   ?   1 . n 
A 1 13  LEU 13  -2  ?   ?   ?   1 . n 
A 1 14  ASP 14  -1  ?   ?   ?   1 . n 
A 1 15  SER 15  0   ?   ?   ?   1 . n 
A 1 16  MET 16  1   1   MET MET 1 . n 
A 1 17  ALA 17  2   2   ALA ALA 1 . n 
A 1 18  SER 18  3   3   SER SER 1 . n 
A 1 19  GLY 19  4   4   GLY GLY 1 . n 
A 1 20  VAL 20  5   5   VAL VAL 1 . n 
A 1 21  ALA 21  6   6   ALA ALA 1 . n 
A 1 22  VAL 22  7   7   VAL VAL 1 . n 
A 1 23  SER 23  8   8   SER SER 1 . n 
A 1 24  ASP 24  9   9   ASP ASP 1 . n 
A 1 25  GLY 25  10  10  GLY GLY 1 . n 
A 1 26  VAL 26  11  11  VAL VAL 1 . n 
A 1 27  ILE 27  12  12  ILE ILE 1 . n 
A 1 28  LYS 28  13  13  LYS LYS 1 . n 
A 1 29  VAL 29  14  14  VAL VAL 1 . n 
A 1 30  PHE 30  15  15  PHE PHE 1 . n 
A 1 31  ASN 31  16  16  ASN ASN 1 . n 
A 1 32  ASP 32  17  17  ASP ASP 1 . n 
A 1 33  MET 33  18  18  MET MET 1 . n 
A 1 34  LYS 34  19  19  LYS LYS 1 . n 
A 1 35  VAL 35  20  20  VAL VAL 1 . n 
A 1 36  ARG 36  21  21  ARG ARG 1 . n 
A 1 37  LYS 37  22  22  LYS LYS 1 . n 
A 1 38  SER 38  23  23  SER SER 1 . n 
A 1 39  SER 39  24  24  SER SER 1 . n 
A 1 40  THR 40  25  25  THR THR 1 . n 
A 1 41  PRO 41  26  26  PRO PRO 1 . n 
A 1 42  GLU 42  27  27  GLU GLU 1 . n 
A 1 43  GLU 43  28  28  GLU GLU 1 . n 
A 1 44  VAL 44  29  29  VAL VAL 1 . n 
A 1 45  LYS 45  30  30  LYS LYS 1 . n 
A 1 46  LYS 46  31  31  LYS LYS 1 . n 
A 1 47  ARG 47  32  32  ARG ARG 1 . n 
A 1 48  LYS 48  33  33  LYS LYS 1 . n 
A 1 49  LYS 49  34  34  LYS LYS 1 . n 
A 1 50  ALA 50  35  35  ALA ALA 1 . n 
A 1 51  VAL 51  36  36  VAL VAL 1 . n 
A 1 52  LEU 52  37  37  LEU LEU 1 . n 
A 1 53  PHE 53  38  38  PHE PHE 1 . n 
A 1 54  CYS 54  39  39  CYS CYS 1 . n 
A 1 55  LEU 55  40  40  LEU LEU 1 . n 
A 1 56  SER 56  41  41  SER SER 1 . n 
A 1 57  GLU 57  42  42  GLU GLU 1 . n 
A 1 58  ASP 58  43  43  ASP ASP 1 . n 
A 1 59  LYS 59  44  44  LYS LYS 1 . n 
A 1 60  LYS 60  45  45  LYS LYS 1 . n 
A 1 61  ASN 61  46  46  ASN ASN 1 . n 
A 1 62  ILE 62  47  47  ILE ILE 1 . n 
A 1 63  ILE 63  48  48  ILE ILE 1 . n 
A 1 64  LEU 64  49  49  LEU LEU 1 . n 
A 1 65  GLU 65  50  50  GLU GLU 1 . n 
A 1 66  GLU 66  51  51  GLU GLU 1 . n 
A 1 67  GLY 67  52  52  GLY GLY 1 . n 
A 1 68  LYS 68  53  53  LYS LYS 1 . n 
A 1 69  GLU 69  54  54  GLU GLU 1 . n 
A 1 70  ILE 70  55  55  ILE ILE 1 . n 
A 1 71  LEU 71  56  56  LEU LEU 1 . n 
A 1 72  VAL 72  57  57  VAL VAL 1 . n 
A 1 73  GLY 73  58  58  GLY GLY 1 . n 
A 1 74  ASP 74  59  59  ASP ASP 1 . n 
A 1 75  VAL 75  60  60  VAL VAL 1 . n 
A 1 76  GLY 76  61  61  GLY GLY 1 . n 
A 1 77  GLN 77  62  62  GLN GLN 1 . n 
A 1 78  THR 78  63  63  THR THR 1 . n 
A 1 79  VAL 79  64  64  VAL VAL 1 . n 
A 1 80  ASP 80  65  65  ASP ASP 1 . n 
A 1 81  ASP 81  66  66  ASP ASP 1 . n 
A 1 82  PRO 82  67  67  PRO PRO 1 . n 
A 1 83  TYR 83  68  68  TYR TYR 1 . n 
A 1 84  ALA 84  69  69  ALA ALA 1 . n 
A 1 85  THR 85  70  70  THR THR 1 . n 
A 1 86  PHE 86  71  71  PHE PHE 1 . n 
A 1 87  VAL 87  72  72  VAL VAL 1 . n 
A 1 88  LYS 88  73  73  LYS LYS 1 . n 
A 1 89  MET 89  74  74  MET MET 1 . n 
A 1 90  LEU 90  75  75  LEU LEU 1 . n 
A 1 91  PRO 91  76  76  PRO PRO 1 . n 
A 1 92  ASP 92  77  77  ASP ASP 1 . n 
A 1 93  LYS 93  78  78  LYS LYS 1 . n 
A 1 94  ASP 94  79  79  ASP ASP 1 . n 
A 1 95  CYS 95  80  80  CYS CYS 1 . n 
A 1 96  ARG 96  81  81  ARG ARG 1 . n 
A 1 97  TYR 97  82  82  TYR TYR 1 . n 
A 1 98  ALA 98  83  83  ALA ALA 1 . n 
A 1 99  LEU 99  84  84  LEU LEU 1 . n 
A 1 100 TYR 100 85  85  TYR TYR 1 . n 
A 1 101 ASP 101 86  86  ASP ASP 1 . n 
A 1 102 ALA 102 87  87  ALA ALA 1 . n 
A 1 103 THR 103 88  88  THR THR 1 . n 
A 1 104 TYR 104 89  89  TYR TYR 1 . n 
A 1 105 GLU 105 90  90  GLU GLU 1 . n 
A 1 106 THR 106 91  91  THR THR 1 . n 
A 1 107 LYS 107 92  92  LYS LYS 1 . n 
A 1 108 GLU 108 93  93  GLU GLU 1 . n 
A 1 109 SER 109 94  94  SER SER 1 . n 
A 1 110 LYS 110 95  95  LYS LYS 1 . n 
A 1 111 LYS 111 96  96  LYS LYS 1 . n 
A 1 112 GLU 112 97  97  GLU GLU 1 . n 
A 1 113 ASP 113 98  98  ASP ASP 1 . n 
A 1 114 LEU 114 99  99  LEU LEU 1 . n 
A 1 115 VAL 115 100 100 VAL VAL 1 . n 
A 1 116 PHE 116 101 101 PHE PHE 1 . n 
A 1 117 ILE 117 102 102 ILE ILE 1 . n 
A 1 118 PHE 118 103 103 PHE PHE 1 . n 
A 1 119 TRP 119 104 104 TRP TRP 1 . n 
A 1 120 ALA 120 105 105 ALA ALA 1 . n 
A 1 121 PRO 121 106 106 PRO PRO 1 . n 
A 1 122 GLU 122 107 107 GLU GLU 1 . n 
A 1 123 SER 123 108 108 SER SER 1 . n 
A 1 124 ALA 124 109 109 ALA ALA 1 . n 
A 1 125 PRO 125 110 110 PRO PRO 1 . n 
A 1 126 LEU 126 111 111 LEU LEU 1 . n 
A 1 127 LYS 127 112 112 LYS LYS 1 . n 
A 1 128 SER 128 113 113 SER SER 1 . n 
A 1 129 LYS 129 114 114 LYS LYS 1 . n 
A 1 130 MET 130 115 115 MET MET 1 . n 
A 1 131 ILE 131 116 116 ILE ILE 1 . n 
A 1 132 TYR 132 117 117 TYR TYR 1 . n 
A 1 133 ALA 133 118 118 ALA ALA 1 . n 
A 1 134 SER 134 119 119 SER SER 1 . n 
A 1 135 SER 135 120 120 SER SER 1 . n 
A 1 136 LYS 136 121 121 LYS LYS 1 . n 
A 1 137 ASP 137 122 122 ASP ASP 1 . n 
A 1 138 ALA 138 123 123 ALA ALA 1 . n 
A 1 139 ILE 139 124 124 ILE ILE 1 . n 
A 1 140 LYS 140 125 125 LYS LYS 1 . n 
A 1 141 LYS 141 126 126 LYS LYS 1 . n 
A 1 142 LYS 142 127 127 LYS LYS 1 . n 
A 1 143 LEU 143 128 128 LEU LEU 1 . n 
A 1 144 THR 144 129 129 THR THR 1 . n 
A 1 145 GLY 145 130 130 GLY GLY 1 . n 
A 1 146 ILE 146 131 131 ILE ILE 1 . n 
A 1 147 LYS 147 132 132 LYS LYS 1 . n 
A 1 148 HIS 148 133 133 HIS HIS 1 . n 
A 1 149 GLU 149 134 134 GLU GLU 1 . n 
A 1 150 LEU 150 135 135 LEU LEU 1 . n 
A 1 151 GLN 151 136 136 GLN GLN 1 . n 
A 1 152 ALA 152 137 137 ALA ALA 1 . n 
A 1 153 ASN 153 138 138 ASN ASN 1 . n 
A 1 154 CYS 154 139 139 CYS CYS 1 . n 
A 1 155 TYR 155 140 140 TYR TYR 1 . n 
A 1 156 GLU 156 141 141 GLU GLU 1 . n 
A 1 157 GLU 157 142 142 GLU GLU 1 . n 
A 1 158 VAL 158 143 143 VAL VAL 1 . n 
A 1 159 LYS 159 144 144 LYS LYS 1 . n 
A 1 160 ASP 160 145 145 ASP ASP 1 . n 
A 1 161 ARG 161 146 146 ARG ARG 1 . n 
A 1 162 ALA 162 147 147 ALA ALA 1 . n 
A 1 163 THR 163 148 148 THR THR 1 . n 
A 1 164 LEU 164 149 149 LEU LEU 1 . n 
A 1 165 ALA 165 150 150 ALA ALA 1 . n 
A 1 166 GLU 166 151 151 GLU GLU 1 . n 
A 1 167 LYS 167 152 152 LYS LYS 1 . n 
A 1 168 LEU 168 153 153 LEU LEU 1 . n 
A 1 169 GLY 169 154 154 GLY GLY 1 . n 
A 1 170 GLY 170 155 155 GLY GLY 1 . n 
A 1 171 SER 171 156 156 SER SER 1 . n 
A 1 172 ALA 172 157 157 ALA ALA 1 . n 
A 1 173 VAL 173 158 158 VAL VAL 1 . n 
A 1 174 ILE 174 159 159 ILE ILE 1 . n 
A 1 175 SER 175 160 160 SER SER 1 . n 
A 1 176 LEU 176 161 161 LEU LEU 1 . n 
A 1 177 GLU 177 162 162 GLU GLU 1 . n 
A 1 178 GLY 178 163 163 GLY GLY 1 . n 
A 1 179 LYS 179 164 164 LYS LYS 1 . n 
A 1 180 PRO 180 165 165 PRO PRO 1 . n 
A 1 181 LEU 181 166 166 LEU LEU 1 . n 
# 
loop_
_pdbx_nonpoly_scheme.asym_id 
_pdbx_nonpoly_scheme.entity_id 
_pdbx_nonpoly_scheme.mon_id 
_pdbx_nonpoly_scheme.ndb_seq_num 
_pdbx_nonpoly_scheme.pdb_seq_num 
_pdbx_nonpoly_scheme.auth_seq_num 
_pdbx_nonpoly_scheme.pdb_mon_id 
_pdbx_nonpoly_scheme.auth_mon_id 
_pdbx_nonpoly_scheme.pdb_strand_id 
_pdbx_nonpoly_scheme.pdb_ins_code 
B 2 HOH 1  2001 2001 HOH HOH 1 . 
B 2 HOH 2  2002 2002 HOH HOH 1 . 
B 2 HOH 3  2003 2003 HOH HOH 1 . 
B 2 HOH 4  2004 2004 HOH HOH 1 . 
B 2 HOH 5  2005 2005 HOH HOH 1 . 
B 2 HOH 6  2006 2006 HOH HOH 1 . 
B 2 HOH 7  2007 2007 HOH HOH 1 . 
B 2 HOH 8  2008 2008 HOH HOH 1 . 
B 2 HOH 9  2009 2009 HOH HOH 1 . 
B 2 HOH 10 2010 2010 HOH HOH 1 . 
B 2 HOH 11 2011 2011 HOH HOH 1 . 
B 2 HOH 12 2012 2012 HOH HOH 1 . 
B 2 HOH 13 2013 2013 HOH HOH 1 . 
B 2 HOH 14 2014 2014 HOH HOH 1 . 
B 2 HOH 15 2015 2015 HOH HOH 1 . 
B 2 HOH 16 2016 2016 HOH HOH 1 . 
# 
_pdbx_struct_assembly.id                   1 
_pdbx_struct_assembly.details              author_and_software_defined_assembly 
_pdbx_struct_assembly.method_details       PISA 
_pdbx_struct_assembly.oligomeric_details   dimeric 
_pdbx_struct_assembly.oligomeric_count     2 
# 
_pdbx_struct_assembly_gen.assembly_id       1 
_pdbx_struct_assembly_gen.oper_expression   1,2 
_pdbx_struct_assembly_gen.asym_id_list      A,B 
# 
loop_
_pdbx_struct_assembly_prop.biol_id 
_pdbx_struct_assembly_prop.type 
_pdbx_struct_assembly_prop.value 
_pdbx_struct_assembly_prop.details 
1 'ABSA (A^2)' 1160  ? 
1 MORE         -10.4 ? 
1 'SSA (A^2)'  17210 ? 
# 
loop_
_pdbx_struct_oper_list.id 
_pdbx_struct_oper_list.type 
_pdbx_struct_oper_list.name 
_pdbx_struct_oper_list.symmetry_operation 
_pdbx_struct_oper_list.matrix[1][1] 
_pdbx_struct_oper_list.matrix[1][2] 
_pdbx_struct_oper_list.matrix[1][3] 
_pdbx_struct_oper_list.vector[1] 
_pdbx_struct_oper_list.matrix[2][1] 
_pdbx_struct_oper_list.matrix[2][2] 
_pdbx_struct_oper_list.matrix[2][3] 
_pdbx_struct_oper_list.vector[2] 
_pdbx_struct_oper_list.matrix[3][1] 
_pdbx_struct_oper_list.matrix[3][2] 
_pdbx_struct_oper_list.matrix[3][3] 
_pdbx_struct_oper_list.vector[3] 
1 'identity operation'         1_555 x,y,z         1.0000000000  0.0000000000 0.0000000000 0.0000000000 0.0000000000 1.0000000000  0.0000000000 0.0000000000   0.0000000000 0.0000000000 1.0000000000  0.0000000000  
2 'crystal symmetry operation' 5_554 x-y,-y,-z-2/3 -0.5200871694 0.6359821765 0.5701192923 1.3682635013 0.6359821765 -0.1571941756 0.7555240978 -23.9782866340 0.5701192923 0.7555240978 -0.3227186550 25.5966004147 
# 
_pdbx_struct_special_symmetry.id              1 
_pdbx_struct_special_symmetry.PDB_model_num   1 
_pdbx_struct_special_symmetry.auth_asym_id    1 
_pdbx_struct_special_symmetry.auth_comp_id    CYS 
_pdbx_struct_special_symmetry.auth_seq_id     139 
_pdbx_struct_special_symmetry.PDB_ins_code    ? 
_pdbx_struct_special_symmetry.label_asym_id   A 
_pdbx_struct_special_symmetry.label_comp_id   CYS 
_pdbx_struct_special_symmetry.label_seq_id    154 
# 
loop_
_pdbx_audit_revision_history.ordinal 
_pdbx_audit_revision_history.data_content_type 
_pdbx_audit_revision_history.major_revision 
_pdbx_audit_revision_history.minor_revision 
_pdbx_audit_revision_history.revision_date 
1 'Structure model' 1 0 2013-08-28 
2 'Structure model' 1 1 2013-09-11 
3 'Structure model' 1 2 2013-09-18 
4 'Structure model' 1 3 2023-12-20 
# 
_pdbx_audit_revision_details.ordinal             1 
_pdbx_audit_revision_details.revision_ordinal    1 
_pdbx_audit_revision_details.data_content_type   'Structure model' 
_pdbx_audit_revision_details.provider            repository 
_pdbx_audit_revision_details.type                'Initial release' 
_pdbx_audit_revision_details.description         ? 
_pdbx_audit_revision_details.details             ? 
# 
loop_
_pdbx_audit_revision_group.ordinal 
_pdbx_audit_revision_group.revision_ordinal 
_pdbx_audit_revision_group.data_content_type 
_pdbx_audit_revision_group.group 
1 2 'Structure model' 'Database references'    
2 2 'Structure model' 'Structure summary'      
3 3 'Structure model' 'Structure summary'      
4 4 'Structure model' 'Data collection'        
5 4 'Structure model' 'Database references'    
6 4 'Structure model' Other                    
7 4 'Structure model' 'Refinement description' 
# 
loop_
_pdbx_audit_revision_category.ordinal 
_pdbx_audit_revision_category.revision_ordinal 
_pdbx_audit_revision_category.data_content_type 
_pdbx_audit_revision_category.category 
1 4 'Structure model' chem_comp_atom                
2 4 'Structure model' chem_comp_bond                
3 4 'Structure model' database_2                    
4 4 'Structure model' pdbx_database_status          
5 4 'Structure model' pdbx_initial_refinement_model 
# 
loop_
_pdbx_audit_revision_item.ordinal 
_pdbx_audit_revision_item.revision_ordinal 
_pdbx_audit_revision_item.data_content_type 
_pdbx_audit_revision_item.item 
1 4 'Structure model' '_database_2.pdbx_DOI'                 
2 4 'Structure model' '_database_2.pdbx_database_accession'  
3 4 'Structure model' '_pdbx_database_status.status_code_sf' 
# 
loop_
_software.name 
_software.classification 
_software.version 
_software.citation_id 
_software.pdbx_ordinal 
PHENIX refinement       '(PHENIX.REFINE)' ? 1 
XDS    'data reduction' .                 ? 2 
SCALA  'data scaling'   .                 ? 3 
PHASER phasing          .                 ? 4 
# 
_pdbx_validate_close_contact.id               1 
_pdbx_validate_close_contact.PDB_model_num    1 
_pdbx_validate_close_contact.auth_atom_id_1   NH2 
_pdbx_validate_close_contact.auth_asym_id_1   1 
_pdbx_validate_close_contact.auth_comp_id_1   ARG 
_pdbx_validate_close_contact.auth_seq_id_1    32 
_pdbx_validate_close_contact.PDB_ins_code_1   ? 
_pdbx_validate_close_contact.label_alt_id_1   ? 
_pdbx_validate_close_contact.auth_atom_id_2   O 
_pdbx_validate_close_contact.auth_asym_id_2   1 
_pdbx_validate_close_contact.auth_comp_id_2   HOH 
_pdbx_validate_close_contact.auth_seq_id_2    2004 
_pdbx_validate_close_contact.PDB_ins_code_2   ? 
_pdbx_validate_close_contact.label_alt_id_2   ? 
_pdbx_validate_close_contact.dist             2.14 
# 
_pdbx_validate_symm_contact.id                1 
_pdbx_validate_symm_contact.PDB_model_num     1 
_pdbx_validate_symm_contact.auth_atom_id_1    CB 
_pdbx_validate_symm_contact.auth_asym_id_1    1 
_pdbx_validate_symm_contact.auth_comp_id_1    CYS 
_pdbx_validate_symm_contact.auth_seq_id_1     139 
_pdbx_validate_symm_contact.PDB_ins_code_1    ? 
_pdbx_validate_symm_contact.label_alt_id_1    ? 
_pdbx_validate_symm_contact.site_symmetry_1   1_555 
_pdbx_validate_symm_contact.auth_atom_id_2    SG 
_pdbx_validate_symm_contact.auth_asym_id_2    1 
_pdbx_validate_symm_contact.auth_comp_id_2    CYS 
_pdbx_validate_symm_contact.auth_seq_id_2     139 
_pdbx_validate_symm_contact.PDB_ins_code_2    ? 
_pdbx_validate_symm_contact.label_alt_id_2    ? 
_pdbx_validate_symm_contact.site_symmetry_2   5_554 
_pdbx_validate_symm_contact.dist              1.86 
# 
_pdbx_validate_rmsd_bond.id                        1 
_pdbx_validate_rmsd_bond.PDB_model_num             1 
_pdbx_validate_rmsd_bond.auth_atom_id_1            C 
_pdbx_validate_rmsd_bond.auth_asym_id_1            1 
_pdbx_validate_rmsd_bond.auth_comp_id_1            LYS 
_pdbx_validate_rmsd_bond.auth_seq_id_1             132 
_pdbx_validate_rmsd_bond.PDB_ins_code_1            ? 
_pdbx_validate_rmsd_bond.label_alt_id_1            ? 
_pdbx_validate_rmsd_bond.auth_atom_id_2            N 
_pdbx_validate_rmsd_bond.auth_asym_id_2            1 
_pdbx_validate_rmsd_bond.auth_comp_id_2            HIS 
_pdbx_validate_rmsd_bond.auth_seq_id_2             133 
_pdbx_validate_rmsd_bond.PDB_ins_code_2            ? 
_pdbx_validate_rmsd_bond.label_alt_id_2            ? 
_pdbx_validate_rmsd_bond.bond_value                1.072 
_pdbx_validate_rmsd_bond.bond_target_value         1.336 
_pdbx_validate_rmsd_bond.bond_deviation            -0.264 
_pdbx_validate_rmsd_bond.bond_standard_deviation   0.023 
_pdbx_validate_rmsd_bond.linker_flag               Y 
# 
loop_
_pdbx_validate_rmsd_angle.id 
_pdbx_validate_rmsd_angle.PDB_model_num 
_pdbx_validate_rmsd_angle.auth_atom_id_1 
_pdbx_validate_rmsd_angle.auth_asym_id_1 
_pdbx_validate_rmsd_angle.auth_comp_id_1 
_pdbx_validate_rmsd_angle.auth_seq_id_1 
_pdbx_validate_rmsd_angle.PDB_ins_code_1 
_pdbx_validate_rmsd_angle.label_alt_id_1 
_pdbx_validate_rmsd_angle.auth_atom_id_2 
_pdbx_validate_rmsd_angle.auth_asym_id_2 
_pdbx_validate_rmsd_angle.auth_comp_id_2 
_pdbx_validate_rmsd_angle.auth_seq_id_2 
_pdbx_validate_rmsd_angle.PDB_ins_code_2 
_pdbx_validate_rmsd_angle.label_alt_id_2 
_pdbx_validate_rmsd_angle.auth_atom_id_3 
_pdbx_validate_rmsd_angle.auth_asym_id_3 
_pdbx_validate_rmsd_angle.auth_comp_id_3 
_pdbx_validate_rmsd_angle.auth_seq_id_3 
_pdbx_validate_rmsd_angle.PDB_ins_code_3 
_pdbx_validate_rmsd_angle.label_alt_id_3 
_pdbx_validate_rmsd_angle.angle_value 
_pdbx_validate_rmsd_angle.angle_target_value 
_pdbx_validate_rmsd_angle.angle_deviation 
_pdbx_validate_rmsd_angle.angle_standard_deviation 
_pdbx_validate_rmsd_angle.linker_flag 
1 1 O  1 LYS 132 ? ? C  1 LYS 132 ? ? N  1 HIS 133 ? ? 109.58 122.70 -13.12 1.60 Y 
2 1 C  1 LYS 132 ? ? N  1 HIS 133 ? ? CA 1 HIS 133 ? ? 142.87 121.70 21.17  2.50 Y 
3 1 CA 1 CYS 139 ? ? CB 1 CYS 139 ? ? SG 1 CYS 139 ? ? 101.60 114.00 -12.40 1.80 N 
# 
loop_
_pdbx_validate_torsion.id 
_pdbx_validate_torsion.PDB_model_num 
_pdbx_validate_torsion.auth_comp_id 
_pdbx_validate_torsion.auth_asym_id 
_pdbx_validate_torsion.auth_seq_id 
_pdbx_validate_torsion.PDB_ins_code 
_pdbx_validate_torsion.label_alt_id 
_pdbx_validate_torsion.phi 
_pdbx_validate_torsion.psi 
1 1 LYS 1 19  ? ? -90.39  51.74   
2 1 LYS 1 22  ? ? -63.23  58.01   
3 1 THR 1 25  ? ? -60.23  -171.86 
4 1 LYS 1 30  ? ? 97.72   -31.96  
5 1 GLN 1 62  ? ? -108.35 -80.98  
6 1 ASP 1 65  ? ? 74.07   -49.68  
7 1 THR 1 91  ? ? -104.88 -164.34 
8 1 LYS 1 132 ? ? 84.60   -56.53  
# 
_pdbx_validate_polymer_linkage.id               1 
_pdbx_validate_polymer_linkage.PDB_model_num    1 
_pdbx_validate_polymer_linkage.auth_atom_id_1   C 
_pdbx_validate_polymer_linkage.auth_asym_id_1   1 
_pdbx_validate_polymer_linkage.auth_comp_id_1   LYS 
_pdbx_validate_polymer_linkage.auth_seq_id_1    132 
_pdbx_validate_polymer_linkage.PDB_ins_code_1   ? 
_pdbx_validate_polymer_linkage.label_alt_id_1   ? 
_pdbx_validate_polymer_linkage.auth_atom_id_2   N 
_pdbx_validate_polymer_linkage.auth_asym_id_2   1 
_pdbx_validate_polymer_linkage.auth_comp_id_2   HIS 
_pdbx_validate_polymer_linkage.auth_seq_id_2    133 
_pdbx_validate_polymer_linkage.PDB_ins_code_2   ? 
_pdbx_validate_polymer_linkage.label_alt_id_2   ? 
_pdbx_validate_polymer_linkage.dist             1.07 
# 
_pdbx_unobs_or_zero_occ_atoms.id               1 
_pdbx_unobs_or_zero_occ_atoms.PDB_model_num    1 
_pdbx_unobs_or_zero_occ_atoms.polymer_flag     Y 
_pdbx_unobs_or_zero_occ_atoms.occupancy_flag   1 
_pdbx_unobs_or_zero_occ_atoms.auth_asym_id     1 
_pdbx_unobs_or_zero_occ_atoms.auth_comp_id     TYR 
_pdbx_unobs_or_zero_occ_atoms.auth_seq_id      140 
_pdbx_unobs_or_zero_occ_atoms.PDB_ins_code     ? 
_pdbx_unobs_or_zero_occ_atoms.auth_atom_id     OH 
_pdbx_unobs_or_zero_occ_atoms.label_alt_id     ? 
_pdbx_unobs_or_zero_occ_atoms.label_asym_id    A 
_pdbx_unobs_or_zero_occ_atoms.label_comp_id    TYR 
_pdbx_unobs_or_zero_occ_atoms.label_seq_id     155 
_pdbx_unobs_or_zero_occ_atoms.label_atom_id    OH 
# 
loop_
_pdbx_unobs_or_zero_occ_residues.id 
_pdbx_unobs_or_zero_occ_residues.PDB_model_num 
_pdbx_unobs_or_zero_occ_residues.polymer_flag 
_pdbx_unobs_or_zero_occ_residues.occupancy_flag 
_pdbx_unobs_or_zero_occ_residues.auth_asym_id 
_pdbx_unobs_or_zero_occ_residues.auth_comp_id 
_pdbx_unobs_or_zero_occ_residues.auth_seq_id 
_pdbx_unobs_or_zero_occ_residues.PDB_ins_code 
_pdbx_unobs_or_zero_occ_residues.label_asym_id 
_pdbx_unobs_or_zero_occ_residues.label_comp_id 
_pdbx_unobs_or_zero_occ_residues.label_seq_id 
1  1 Y 1 1 GLY -14 ? A GLY 1  
2  1 Y 1 1 SER -13 ? A SER 2  
3  1 Y 1 1 PRO -12 ? A PRO 3  
4  1 Y 1 1 GLY -11 ? A GLY 4  
5  1 Y 1 1 ILE -10 ? A ILE 5  
6  1 Y 1 1 SER -9  ? A SER 6  
7  1 Y 1 1 GLY -8  ? A GLY 7  
8  1 Y 1 1 GLY -7  ? A GLY 8  
9  1 Y 1 1 GLY -6  ? A GLY 9  
10 1 Y 1 1 GLY -5  ? A GLY 10 
11 1 Y 1 1 GLY -4  ? A GLY 11 
12 1 Y 1 1 ILE -3  ? A ILE 12 
13 1 Y 1 1 LEU -2  ? A LEU 13 
14 1 Y 1 1 ASP -1  ? A ASP 14 
15 1 Y 1 1 SER 0   ? A SER 15 
# 
loop_
_chem_comp_atom.comp_id 
_chem_comp_atom.atom_id 
_chem_comp_atom.type_symbol 
_chem_comp_atom.pdbx_aromatic_flag 
_chem_comp_atom.pdbx_stereo_config 
_chem_comp_atom.pdbx_ordinal 
ALA N    N N N 1   
ALA CA   C N S 2   
ALA C    C N N 3   
ALA O    O N N 4   
ALA CB   C N N 5   
ALA OXT  O N N 6   
ALA H    H N N 7   
ALA H2   H N N 8   
ALA HA   H N N 9   
ALA HB1  H N N 10  
ALA HB2  H N N 11  
ALA HB3  H N N 12  
ALA HXT  H N N 13  
ARG N    N N N 14  
ARG CA   C N S 15  
ARG C    C N N 16  
ARG O    O N N 17  
ARG CB   C N N 18  
ARG CG   C N N 19  
ARG CD   C N N 20  
ARG NE   N N N 21  
ARG CZ   C N N 22  
ARG NH1  N N N 23  
ARG NH2  N N N 24  
ARG OXT  O N N 25  
ARG H    H N N 26  
ARG H2   H N N 27  
ARG HA   H N N 28  
ARG HB2  H N N 29  
ARG HB3  H N N 30  
ARG HG2  H N N 31  
ARG HG3  H N N 32  
ARG HD2  H N N 33  
ARG HD3  H N N 34  
ARG HE   H N N 35  
ARG HH11 H N N 36  
ARG HH12 H N N 37  
ARG HH21 H N N 38  
ARG HH22 H N N 39  
ARG HXT  H N N 40  
ASN N    N N N 41  
ASN CA   C N S 42  
ASN C    C N N 43  
ASN O    O N N 44  
ASN CB   C N N 45  
ASN CG   C N N 46  
ASN OD1  O N N 47  
ASN ND2  N N N 48  
ASN OXT  O N N 49  
ASN H    H N N 50  
ASN H2   H N N 51  
ASN HA   H N N 52  
ASN HB2  H N N 53  
ASN HB3  H N N 54  
ASN HD21 H N N 55  
ASN HD22 H N N 56  
ASN HXT  H N N 57  
ASP N    N N N 58  
ASP CA   C N S 59  
ASP C    C N N 60  
ASP O    O N N 61  
ASP CB   C N N 62  
ASP CG   C N N 63  
ASP OD1  O N N 64  
ASP OD2  O N N 65  
ASP OXT  O N N 66  
ASP H    H N N 67  
ASP H2   H N N 68  
ASP HA   H N N 69  
ASP HB2  H N N 70  
ASP HB3  H N N 71  
ASP HD2  H N N 72  
ASP HXT  H N N 73  
CYS N    N N N 74  
CYS CA   C N R 75  
CYS C    C N N 76  
CYS O    O N N 77  
CYS CB   C N N 78  
CYS SG   S N N 79  
CYS OXT  O N N 80  
CYS H    H N N 81  
CYS H2   H N N 82  
CYS HA   H N N 83  
CYS HB2  H N N 84  
CYS HB3  H N N 85  
CYS HG   H N N 86  
CYS HXT  H N N 87  
GLN N    N N N 88  
GLN CA   C N S 89  
GLN C    C N N 90  
GLN O    O N N 91  
GLN CB   C N N 92  
GLN CG   C N N 93  
GLN CD   C N N 94  
GLN OE1  O N N 95  
GLN NE2  N N N 96  
GLN OXT  O N N 97  
GLN H    H N N 98  
GLN H2   H N N 99  
GLN HA   H N N 100 
GLN HB2  H N N 101 
GLN HB3  H N N 102 
GLN HG2  H N N 103 
GLN HG3  H N N 104 
GLN HE21 H N N 105 
GLN HE22 H N N 106 
GLN HXT  H N N 107 
GLU N    N N N 108 
GLU CA   C N S 109 
GLU C    C N N 110 
GLU O    O N N 111 
GLU CB   C N N 112 
GLU CG   C N N 113 
GLU CD   C N N 114 
GLU OE1  O N N 115 
GLU OE2  O N N 116 
GLU OXT  O N N 117 
GLU H    H N N 118 
GLU H2   H N N 119 
GLU HA   H N N 120 
GLU HB2  H N N 121 
GLU HB3  H N N 122 
GLU HG2  H N N 123 
GLU HG3  H N N 124 
GLU HE2  H N N 125 
GLU HXT  H N N 126 
GLY N    N N N 127 
GLY CA   C N N 128 
GLY C    C N N 129 
GLY O    O N N 130 
GLY OXT  O N N 131 
GLY H    H N N 132 
GLY H2   H N N 133 
GLY HA2  H N N 134 
GLY HA3  H N N 135 
GLY HXT  H N N 136 
HIS N    N N N 137 
HIS CA   C N S 138 
HIS C    C N N 139 
HIS O    O N N 140 
HIS CB   C N N 141 
HIS CG   C Y N 142 
HIS ND1  N Y N 143 
HIS CD2  C Y N 144 
HIS CE1  C Y N 145 
HIS NE2  N Y N 146 
HIS OXT  O N N 147 
HIS H    H N N 148 
HIS H2   H N N 149 
HIS HA   H N N 150 
HIS HB2  H N N 151 
HIS HB3  H N N 152 
HIS HD1  H N N 153 
HIS HD2  H N N 154 
HIS HE1  H N N 155 
HIS HE2  H N N 156 
HIS HXT  H N N 157 
HOH O    O N N 158 
HOH H1   H N N 159 
HOH H2   H N N 160 
ILE N    N N N 161 
ILE CA   C N S 162 
ILE C    C N N 163 
ILE O    O N N 164 
ILE CB   C N S 165 
ILE CG1  C N N 166 
ILE CG2  C N N 167 
ILE CD1  C N N 168 
ILE OXT  O N N 169 
ILE H    H N N 170 
ILE H2   H N N 171 
ILE HA   H N N 172 
ILE HB   H N N 173 
ILE HG12 H N N 174 
ILE HG13 H N N 175 
ILE HG21 H N N 176 
ILE HG22 H N N 177 
ILE HG23 H N N 178 
ILE HD11 H N N 179 
ILE HD12 H N N 180 
ILE HD13 H N N 181 
ILE HXT  H N N 182 
LEU N    N N N 183 
LEU CA   C N S 184 
LEU C    C N N 185 
LEU O    O N N 186 
LEU CB   C N N 187 
LEU CG   C N N 188 
LEU CD1  C N N 189 
LEU CD2  C N N 190 
LEU OXT  O N N 191 
LEU H    H N N 192 
LEU H2   H N N 193 
LEU HA   H N N 194 
LEU HB2  H N N 195 
LEU HB3  H N N 196 
LEU HG   H N N 197 
LEU HD11 H N N 198 
LEU HD12 H N N 199 
LEU HD13 H N N 200 
LEU HD21 H N N 201 
LEU HD22 H N N 202 
LEU HD23 H N N 203 
LEU HXT  H N N 204 
LYS N    N N N 205 
LYS CA   C N S 206 
LYS C    C N N 207 
LYS O    O N N 208 
LYS CB   C N N 209 
LYS CG   C N N 210 
LYS CD   C N N 211 
LYS CE   C N N 212 
LYS NZ   N N N 213 
LYS OXT  O N N 214 
LYS H    H N N 215 
LYS H2   H N N 216 
LYS HA   H N N 217 
LYS HB2  H N N 218 
LYS HB3  H N N 219 
LYS HG2  H N N 220 
LYS HG3  H N N 221 
LYS HD2  H N N 222 
LYS HD3  H N N 223 
LYS HE2  H N N 224 
LYS HE3  H N N 225 
LYS HZ1  H N N 226 
LYS HZ2  H N N 227 
LYS HZ3  H N N 228 
LYS HXT  H N N 229 
MET N    N N N 230 
MET CA   C N S 231 
MET C    C N N 232 
MET O    O N N 233 
MET CB   C N N 234 
MET CG   C N N 235 
MET SD   S N N 236 
MET CE   C N N 237 
MET OXT  O N N 238 
MET H    H N N 239 
MET H2   H N N 240 
MET HA   H N N 241 
MET HB2  H N N 242 
MET HB3  H N N 243 
MET HG2  H N N 244 
MET HG3  H N N 245 
MET HE1  H N N 246 
MET HE2  H N N 247 
MET HE3  H N N 248 
MET HXT  H N N 249 
PHE N    N N N 250 
PHE CA   C N S 251 
PHE C    C N N 252 
PHE O    O N N 253 
PHE CB   C N N 254 
PHE CG   C Y N 255 
PHE CD1  C Y N 256 
PHE CD2  C Y N 257 
PHE CE1  C Y N 258 
PHE CE2  C Y N 259 
PHE CZ   C Y N 260 
PHE OXT  O N N 261 
PHE H    H N N 262 
PHE H2   H N N 263 
PHE HA   H N N 264 
PHE HB2  H N N 265 
PHE HB3  H N N 266 
PHE HD1  H N N 267 
PHE HD2  H N N 268 
PHE HE1  H N N 269 
PHE HE2  H N N 270 
PHE HZ   H N N 271 
PHE HXT  H N N 272 
PRO N    N N N 273 
PRO CA   C N S 274 
PRO C    C N N 275 
PRO O    O N N 276 
PRO CB   C N N 277 
PRO CG   C N N 278 
PRO CD   C N N 279 
PRO OXT  O N N 280 
PRO H    H N N 281 
PRO HA   H N N 282 
PRO HB2  H N N 283 
PRO HB3  H N N 284 
PRO HG2  H N N 285 
PRO HG3  H N N 286 
PRO HD2  H N N 287 
PRO HD3  H N N 288 
PRO HXT  H N N 289 
SER N    N N N 290 
SER CA   C N S 291 
SER C    C N N 292 
SER O    O N N 293 
SER CB   C N N 294 
SER OG   O N N 295 
SER OXT  O N N 296 
SER H    H N N 297 
SER H2   H N N 298 
SER HA   H N N 299 
SER HB2  H N N 300 
SER HB3  H N N 301 
SER HG   H N N 302 
SER HXT  H N N 303 
THR N    N N N 304 
THR CA   C N S 305 
THR C    C N N 306 
THR O    O N N 307 
THR CB   C N R 308 
THR OG1  O N N 309 
THR CG2  C N N 310 
THR OXT  O N N 311 
THR H    H N N 312 
THR H2   H N N 313 
THR HA   H N N 314 
THR HB   H N N 315 
THR HG1  H N N 316 
THR HG21 H N N 317 
THR HG22 H N N 318 
THR HG23 H N N 319 
THR HXT  H N N 320 
TRP N    N N N 321 
TRP CA   C N S 322 
TRP C    C N N 323 
TRP O    O N N 324 
TRP CB   C N N 325 
TRP CG   C Y N 326 
TRP CD1  C Y N 327 
TRP CD2  C Y N 328 
TRP NE1  N Y N 329 
TRP CE2  C Y N 330 
TRP CE3  C Y N 331 
TRP CZ2  C Y N 332 
TRP CZ3  C Y N 333 
TRP CH2  C Y N 334 
TRP OXT  O N N 335 
TRP H    H N N 336 
TRP H2   H N N 337 
TRP HA   H N N 338 
TRP HB2  H N N 339 
TRP HB3  H N N 340 
TRP HD1  H N N 341 
TRP HE1  H N N 342 
TRP HE3  H N N 343 
TRP HZ2  H N N 344 
TRP HZ3  H N N 345 
TRP HH2  H N N 346 
TRP HXT  H N N 347 
TYR N    N N N 348 
TYR CA   C N S 349 
TYR C    C N N 350 
TYR O    O N N 351 
TYR CB   C N N 352 
TYR CG   C Y N 353 
TYR CD1  C Y N 354 
TYR CD2  C Y N 355 
TYR CE1  C Y N 356 
TYR CE2  C Y N 357 
TYR CZ   C Y N 358 
TYR OH   O N N 359 
TYR OXT  O N N 360 
TYR H    H N N 361 
TYR H2   H N N 362 
TYR HA   H N N 363 
TYR HB2  H N N 364 
TYR HB3  H N N 365 
TYR HD1  H N N 366 
TYR HD2  H N N 367 
TYR HE1  H N N 368 
TYR HE2  H N N 369 
TYR HH   H N N 370 
TYR HXT  H N N 371 
VAL N    N N N 372 
VAL CA   C N S 373 
VAL C    C N N 374 
VAL O    O N N 375 
VAL CB   C N N 376 
VAL CG1  C N N 377 
VAL CG2  C N N 378 
VAL OXT  O N N 379 
VAL H    H N N 380 
VAL H2   H N N 381 
VAL HA   H N N 382 
VAL HB   H N N 383 
VAL HG11 H N N 384 
VAL HG12 H N N 385 
VAL HG13 H N N 386 
VAL HG21 H N N 387 
VAL HG22 H N N 388 
VAL HG23 H N N 389 
VAL HXT  H N N 390 
# 
loop_
_chem_comp_bond.comp_id 
_chem_comp_bond.atom_id_1 
_chem_comp_bond.atom_id_2 
_chem_comp_bond.value_order 
_chem_comp_bond.pdbx_aromatic_flag 
_chem_comp_bond.pdbx_stereo_config 
_chem_comp_bond.pdbx_ordinal 
ALA N   CA   sing N N 1   
ALA N   H    sing N N 2   
ALA N   H2   sing N N 3   
ALA CA  C    sing N N 4   
ALA CA  CB   sing N N 5   
ALA CA  HA   sing N N 6   
ALA C   O    doub N N 7   
ALA C   OXT  sing N N 8   
ALA CB  HB1  sing N N 9   
ALA CB  HB2  sing N N 10  
ALA CB  HB3  sing N N 11  
ALA OXT HXT  sing N N 12  
ARG N   CA   sing N N 13  
ARG N   H    sing N N 14  
ARG N   H2   sing N N 15  
ARG CA  C    sing N N 16  
ARG CA  CB   sing N N 17  
ARG CA  HA   sing N N 18  
ARG C   O    doub N N 19  
ARG C   OXT  sing N N 20  
ARG CB  CG   sing N N 21  
ARG CB  HB2  sing N N 22  
ARG CB  HB3  sing N N 23  
ARG CG  CD   sing N N 24  
ARG CG  HG2  sing N N 25  
ARG CG  HG3  sing N N 26  
ARG CD  NE   sing N N 27  
ARG CD  HD2  sing N N 28  
ARG CD  HD3  sing N N 29  
ARG NE  CZ   sing N N 30  
ARG NE  HE   sing N N 31  
ARG CZ  NH1  sing N N 32  
ARG CZ  NH2  doub N N 33  
ARG NH1 HH11 sing N N 34  
ARG NH1 HH12 sing N N 35  
ARG NH2 HH21 sing N N 36  
ARG NH2 HH22 sing N N 37  
ARG OXT HXT  sing N N 38  
ASN N   CA   sing N N 39  
ASN N   H    sing N N 40  
ASN N   H2   sing N N 41  
ASN CA  C    sing N N 42  
ASN CA  CB   sing N N 43  
ASN CA  HA   sing N N 44  
ASN C   O    doub N N 45  
ASN C   OXT  sing N N 46  
ASN CB  CG   sing N N 47  
ASN CB  HB2  sing N N 48  
ASN CB  HB3  sing N N 49  
ASN CG  OD1  doub N N 50  
ASN CG  ND2  sing N N 51  
ASN ND2 HD21 sing N N 52  
ASN ND2 HD22 sing N N 53  
ASN OXT HXT  sing N N 54  
ASP N   CA   sing N N 55  
ASP N   H    sing N N 56  
ASP N   H2   sing N N 57  
ASP CA  C    sing N N 58  
ASP CA  CB   sing N N 59  
ASP CA  HA   sing N N 60  
ASP C   O    doub N N 61  
ASP C   OXT  sing N N 62  
ASP CB  CG   sing N N 63  
ASP CB  HB2  sing N N 64  
ASP CB  HB3  sing N N 65  
ASP CG  OD1  doub N N 66  
ASP CG  OD2  sing N N 67  
ASP OD2 HD2  sing N N 68  
ASP OXT HXT  sing N N 69  
CYS N   CA   sing N N 70  
CYS N   H    sing N N 71  
CYS N   H2   sing N N 72  
CYS CA  C    sing N N 73  
CYS CA  CB   sing N N 74  
CYS CA  HA   sing N N 75  
CYS C   O    doub N N 76  
CYS C   OXT  sing N N 77  
CYS CB  SG   sing N N 78  
CYS CB  HB2  sing N N 79  
CYS CB  HB3  sing N N 80  
CYS SG  HG   sing N N 81  
CYS OXT HXT  sing N N 82  
GLN N   CA   sing N N 83  
GLN N   H    sing N N 84  
GLN N   H2   sing N N 85  
GLN CA  C    sing N N 86  
GLN CA  CB   sing N N 87  
GLN CA  HA   sing N N 88  
GLN C   O    doub N N 89  
GLN C   OXT  sing N N 90  
GLN CB  CG   sing N N 91  
GLN CB  HB2  sing N N 92  
GLN CB  HB3  sing N N 93  
GLN CG  CD   sing N N 94  
GLN CG  HG2  sing N N 95  
GLN CG  HG3  sing N N 96  
GLN CD  OE1  doub N N 97  
GLN CD  NE2  sing N N 98  
GLN NE2 HE21 sing N N 99  
GLN NE2 HE22 sing N N 100 
GLN OXT HXT  sing N N 101 
GLU N   CA   sing N N 102 
GLU N   H    sing N N 103 
GLU N   H2   sing N N 104 
GLU CA  C    sing N N 105 
GLU CA  CB   sing N N 106 
GLU CA  HA   sing N N 107 
GLU C   O    doub N N 108 
GLU C   OXT  sing N N 109 
GLU CB  CG   sing N N 110 
GLU CB  HB2  sing N N 111 
GLU CB  HB3  sing N N 112 
GLU CG  CD   sing N N 113 
GLU CG  HG2  sing N N 114 
GLU CG  HG3  sing N N 115 
GLU CD  OE1  doub N N 116 
GLU CD  OE2  sing N N 117 
GLU OE2 HE2  sing N N 118 
GLU OXT HXT  sing N N 119 
GLY N   CA   sing N N 120 
GLY N   H    sing N N 121 
GLY N   H2   sing N N 122 
GLY CA  C    sing N N 123 
GLY CA  HA2  sing N N 124 
GLY CA  HA3  sing N N 125 
GLY C   O    doub N N 126 
GLY C   OXT  sing N N 127 
GLY OXT HXT  sing N N 128 
HIS N   CA   sing N N 129 
HIS N   H    sing N N 130 
HIS N   H2   sing N N 131 
HIS CA  C    sing N N 132 
HIS CA  CB   sing N N 133 
HIS CA  HA   sing N N 134 
HIS C   O    doub N N 135 
HIS C   OXT  sing N N 136 
HIS CB  CG   sing N N 137 
HIS CB  HB2  sing N N 138 
HIS CB  HB3  sing N N 139 
HIS CG  ND1  sing Y N 140 
HIS CG  CD2  doub Y N 141 
HIS ND1 CE1  doub Y N 142 
HIS ND1 HD1  sing N N 143 
HIS CD2 NE2  sing Y N 144 
HIS CD2 HD2  sing N N 145 
HIS CE1 NE2  sing Y N 146 
HIS CE1 HE1  sing N N 147 
HIS NE2 HE2  sing N N 148 
HIS OXT HXT  sing N N 149 
HOH O   H1   sing N N 150 
HOH O   H2   sing N N 151 
ILE N   CA   sing N N 152 
ILE N   H    sing N N 153 
ILE N   H2   sing N N 154 
ILE CA  C    sing N N 155 
ILE CA  CB   sing N N 156 
ILE CA  HA   sing N N 157 
ILE C   O    doub N N 158 
ILE C   OXT  sing N N 159 
ILE CB  CG1  sing N N 160 
ILE CB  CG2  sing N N 161 
ILE CB  HB   sing N N 162 
ILE CG1 CD1  sing N N 163 
ILE CG1 HG12 sing N N 164 
ILE CG1 HG13 sing N N 165 
ILE CG2 HG21 sing N N 166 
ILE CG2 HG22 sing N N 167 
ILE CG2 HG23 sing N N 168 
ILE CD1 HD11 sing N N 169 
ILE CD1 HD12 sing N N 170 
ILE CD1 HD13 sing N N 171 
ILE OXT HXT  sing N N 172 
LEU N   CA   sing N N 173 
LEU N   H    sing N N 174 
LEU N   H2   sing N N 175 
LEU CA  C    sing N N 176 
LEU CA  CB   sing N N 177 
LEU CA  HA   sing N N 178 
LEU C   O    doub N N 179 
LEU C   OXT  sing N N 180 
LEU CB  CG   sing N N 181 
LEU CB  HB2  sing N N 182 
LEU CB  HB3  sing N N 183 
LEU CG  CD1  sing N N 184 
LEU CG  CD2  sing N N 185 
LEU CG  HG   sing N N 186 
LEU CD1 HD11 sing N N 187 
LEU CD1 HD12 sing N N 188 
LEU CD1 HD13 sing N N 189 
LEU CD2 HD21 sing N N 190 
LEU CD2 HD22 sing N N 191 
LEU CD2 HD23 sing N N 192 
LEU OXT HXT  sing N N 193 
LYS N   CA   sing N N 194 
LYS N   H    sing N N 195 
LYS N   H2   sing N N 196 
LYS CA  C    sing N N 197 
LYS CA  CB   sing N N 198 
LYS CA  HA   sing N N 199 
LYS C   O    doub N N 200 
LYS C   OXT  sing N N 201 
LYS CB  CG   sing N N 202 
LYS CB  HB2  sing N N 203 
LYS CB  HB3  sing N N 204 
LYS CG  CD   sing N N 205 
LYS CG  HG2  sing N N 206 
LYS CG  HG3  sing N N 207 
LYS CD  CE   sing N N 208 
LYS CD  HD2  sing N N 209 
LYS CD  HD3  sing N N 210 
LYS CE  NZ   sing N N 211 
LYS CE  HE2  sing N N 212 
LYS CE  HE3  sing N N 213 
LYS NZ  HZ1  sing N N 214 
LYS NZ  HZ2  sing N N 215 
LYS NZ  HZ3  sing N N 216 
LYS OXT HXT  sing N N 217 
MET N   CA   sing N N 218 
MET N   H    sing N N 219 
MET N   H2   sing N N 220 
MET CA  C    sing N N 221 
MET CA  CB   sing N N 222 
MET CA  HA   sing N N 223 
MET C   O    doub N N 224 
MET C   OXT  sing N N 225 
MET CB  CG   sing N N 226 
MET CB  HB2  sing N N 227 
MET CB  HB3  sing N N 228 
MET CG  SD   sing N N 229 
MET CG  HG2  sing N N 230 
MET CG  HG3  sing N N 231 
MET SD  CE   sing N N 232 
MET CE  HE1  sing N N 233 
MET CE  HE2  sing N N 234 
MET CE  HE3  sing N N 235 
MET OXT HXT  sing N N 236 
PHE N   CA   sing N N 237 
PHE N   H    sing N N 238 
PHE N   H2   sing N N 239 
PHE CA  C    sing N N 240 
PHE CA  CB   sing N N 241 
PHE CA  HA   sing N N 242 
PHE C   O    doub N N 243 
PHE C   OXT  sing N N 244 
PHE CB  CG   sing N N 245 
PHE CB  HB2  sing N N 246 
PHE CB  HB3  sing N N 247 
PHE CG  CD1  doub Y N 248 
PHE CG  CD2  sing Y N 249 
PHE CD1 CE1  sing Y N 250 
PHE CD1 HD1  sing N N 251 
PHE CD2 CE2  doub Y N 252 
PHE CD2 HD2  sing N N 253 
PHE CE1 CZ   doub Y N 254 
PHE CE1 HE1  sing N N 255 
PHE CE2 CZ   sing Y N 256 
PHE CE2 HE2  sing N N 257 
PHE CZ  HZ   sing N N 258 
PHE OXT HXT  sing N N 259 
PRO N   CA   sing N N 260 
PRO N   CD   sing N N 261 
PRO N   H    sing N N 262 
PRO CA  C    sing N N 263 
PRO CA  CB   sing N N 264 
PRO CA  HA   sing N N 265 
PRO C   O    doub N N 266 
PRO C   OXT  sing N N 267 
PRO CB  CG   sing N N 268 
PRO CB  HB2  sing N N 269 
PRO CB  HB3  sing N N 270 
PRO CG  CD   sing N N 271 
PRO CG  HG2  sing N N 272 
PRO CG  HG3  sing N N 273 
PRO CD  HD2  sing N N 274 
PRO CD  HD3  sing N N 275 
PRO OXT HXT  sing N N 276 
SER N   CA   sing N N 277 
SER N   H    sing N N 278 
SER N   H2   sing N N 279 
SER CA  C    sing N N 280 
SER CA  CB   sing N N 281 
SER CA  HA   sing N N 282 
SER C   O    doub N N 283 
SER C   OXT  sing N N 284 
SER CB  OG   sing N N 285 
SER CB  HB2  sing N N 286 
SER CB  HB3  sing N N 287 
SER OG  HG   sing N N 288 
SER OXT HXT  sing N N 289 
THR N   CA   sing N N 290 
THR N   H    sing N N 291 
THR N   H2   sing N N 292 
THR CA  C    sing N N 293 
THR CA  CB   sing N N 294 
THR CA  HA   sing N N 295 
THR C   O    doub N N 296 
THR C   OXT  sing N N 297 
THR CB  OG1  sing N N 298 
THR CB  CG2  sing N N 299 
THR CB  HB   sing N N 300 
THR OG1 HG1  sing N N 301 
THR CG2 HG21 sing N N 302 
THR CG2 HG22 sing N N 303 
THR CG2 HG23 sing N N 304 
THR OXT HXT  sing N N 305 
TRP N   CA   sing N N 306 
TRP N   H    sing N N 307 
TRP N   H2   sing N N 308 
TRP CA  C    sing N N 309 
TRP CA  CB   sing N N 310 
TRP CA  HA   sing N N 311 
TRP C   O    doub N N 312 
TRP C   OXT  sing N N 313 
TRP CB  CG   sing N N 314 
TRP CB  HB2  sing N N 315 
TRP CB  HB3  sing N N 316 
TRP CG  CD1  doub Y N 317 
TRP CG  CD2  sing Y N 318 
TRP CD1 NE1  sing Y N 319 
TRP CD1 HD1  sing N N 320 
TRP CD2 CE2  doub Y N 321 
TRP CD2 CE3  sing Y N 322 
TRP NE1 CE2  sing Y N 323 
TRP NE1 HE1  sing N N 324 
TRP CE2 CZ2  sing Y N 325 
TRP CE3 CZ3  doub Y N 326 
TRP CE3 HE3  sing N N 327 
TRP CZ2 CH2  doub Y N 328 
TRP CZ2 HZ2  sing N N 329 
TRP CZ3 CH2  sing Y N 330 
TRP CZ3 HZ3  sing N N 331 
TRP CH2 HH2  sing N N 332 
TRP OXT HXT  sing N N 333 
TYR N   CA   sing N N 334 
TYR N   H    sing N N 335 
TYR N   H2   sing N N 336 
TYR CA  C    sing N N 337 
TYR CA  CB   sing N N 338 
TYR CA  HA   sing N N 339 
TYR C   O    doub N N 340 
TYR C   OXT  sing N N 341 
TYR CB  CG   sing N N 342 
TYR CB  HB2  sing N N 343 
TYR CB  HB3  sing N N 344 
TYR CG  CD1  doub Y N 345 
TYR CG  CD2  sing Y N 346 
TYR CD1 CE1  sing Y N 347 
TYR CD1 HD1  sing N N 348 
TYR CD2 CE2  doub Y N 349 
TYR CD2 HD2  sing N N 350 
TYR CE1 CZ   doub Y N 351 
TYR CE1 HE1  sing N N 352 
TYR CE2 CZ   sing Y N 353 
TYR CE2 HE2  sing N N 354 
TYR CZ  OH   sing N N 355 
TYR OH  HH   sing N N 356 
TYR OXT HXT  sing N N 357 
VAL N   CA   sing N N 358 
VAL N   H    sing N N 359 
VAL N   H2   sing N N 360 
VAL CA  C    sing N N 361 
VAL CA  CB   sing N N 362 
VAL CA  HA   sing N N 363 
VAL C   O    doub N N 364 
VAL C   OXT  sing N N 365 
VAL CB  CG1  sing N N 366 
VAL CB  CG2  sing N N 367 
VAL CB  HB   sing N N 368 
VAL CG1 HG11 sing N N 369 
VAL CG1 HG12 sing N N 370 
VAL CG1 HG13 sing N N 371 
VAL CG2 HG21 sing N N 372 
VAL CG2 HG22 sing N N 373 
VAL CG2 HG23 sing N N 374 
VAL OXT HXT  sing N N 375 
# 
_pdbx_entity_nonpoly.entity_id   2 
_pdbx_entity_nonpoly.name        water 
_pdbx_entity_nonpoly.comp_id     HOH 
# 
_pdbx_initial_refinement_model.id               1 
_pdbx_initial_refinement_model.entity_id_list   ? 
_pdbx_initial_refinement_model.type             'experimental model' 
_pdbx_initial_refinement_model.source_name      PDB 
_pdbx_initial_refinement_model.accession_code   1COF 
_pdbx_initial_refinement_model.details          'PDB ENTRY 1COF' 
# 
